data_7BWD
#
_entry.id   7BWD
#
_cell.length_a   1.00
_cell.length_b   1.00
_cell.length_c   1.00
_cell.angle_alpha   90.00
_cell.angle_beta   90.00
_cell.angle_gamma   90.00
#
_symmetry.space_group_name_H-M   'P 1'
#
loop_
_entity.id
_entity.type
_entity.pdbx_description
1 polymer 'Histone-lysine N-methyltransferase, H3 lysine-79 specific'
2 polymer 'Histone H4'
3 polymer 'Histone H2A type 1-B/E'
4 polymer 'Histone H2B type 1-K'
5 polymer 'Histone H3.1'
6 polymer 'DNA (146-MER)'
7 polymer 'DNA (146-MER)'
8 polymer Ubiquitin
9 non-polymer S-ADENOSYL-L-HOMOCYSTEINE
#
loop_
_entity_poly.entity_id
_entity_poly.type
_entity_poly.pdbx_seq_one_letter_code
_entity_poly.pdbx_strand_id
1 'polypeptide(L)'
;MGEKLELRLKSPVGAEPAVYPWPLPVYDKHHDAAHEIIETIRWVCEEIPDLKLAMENYVLIDYDTKSFESMQRLCDKYNR
AIDSIHQLWKGTTQPMKLNTRPSTGLLRHILQQVYNHSVTDPEKLNNYEPFSPEVYGETSFDLVAQMIDEIKMTDDDLFV
DLGSGVGQVVLQVAAATNCKHHYGVEKADIPAKYAETMDREFRKWMKWYGKKHAEYTLERGDFLSEEWRERIANTSVIFV
NNFAFGPEVDHQLKERFANMKEGGRIVSSKPFAPLNFRINSRNLSDIGTIMRVVELSPLKGSVSWTGKPVSYYLHTIDRT
ILENYFSSLKNPKLREEQEAARRRQQRESKSNAATPTKGPEGKVAGPADAPMDSGAEEEKAGAATVKKPSPSKARKKKLN
KKGRKMAGRKRGRPKK
;
K
2 'polypeptide(L)'
;SGRGKGGKGLGKGGAKRHRKVLRDNIQGITKPAIRRLARRGGVKRISGLIYEETRGVLKVFLENVIRDAVTYTEHAKRKT
VTAMDVVYALKRQGRTLYGFGG
;
F,B
3 'polypeptide(L)'
;SGRGKQGGKARAKAKTRSSRAGLQFPVGRVHRLLRKGNYSERVGAGAPVYLAAVLEYLTAEILELAGNAARDNKKTRIIP
RHLQLAIRNDEELNKLLGRVTIAQGGVLPNIQAVLLPKKTESHHKAKGK
;
G,C
4 'polypeptide(L)'
;PEPAKSAPAPKKGSKKAVTKAQKKDGKKRKRSRKESYSVYVYKVLKQVHPDTGISSKAMGIMNSFVNDIFERIAGEASRL
AHYNKRSTITSREIQTAVRLLLPGELAKHAVSEGTKAVTKYTSAK
;
H,D
5 'polypeptide(L)'
;ARTKQTARKSTGGKAPRKQLATKAARKSAPATGGVKKPHRYRPGTVALREIRRYQKSTELLIRKLPFQRLVREIAQDFKT
DLRFQSSAVMALQEACEAYLVGLFEDTNLCAIHAKRVTIMPKDIQLARRIRGERA
;
E,A
6 'polydeoxyribonucleotide'
;(DT)(DC)(DG)(DA)(DG)(DA)(DA)(DT)(DC)(DC)(DC)(DG)(DG)(DT)(DG)(DC)(DC)(DG)(DA)(DG)
(DG)(DC)(DC)(DG)(DC)(DT)(DC)(DA)(DA)(DT)(DT)(DG)(DG)(DT)(DC)(DG)(DT)(DA)(DG)(DA)
(DC)(DA)(DG)(DC)(DT)(DC)(DT)(DA)(DG)(DC)(DA)(DC)(DC)(DG)(DC)(DT)(DT)(DA)(DA)(DA)
(DC)(DG)(DC)(DA)(DC)(DG)(DT)(DA)(DC)(DG)(DC)(DG)(DC)(DT)(DG)(DT)(DC)(DC)(DC)(DC)
(DC)(DG)(DC)(DG)(DT)(DT)(DT)(DT)(DA)(DA)(DC)(DC)(DG)(DC)(DC)(DA)(DA)(DG)(DG)(DG)
(DG)(DA)(DT)(DT)(DA)(DC)(DT)(DC)(DC)(DC)(DT)(DA)(DG)(DT)(DC)(DT)(DC)(DC)(DA)(DG)
(DG)(DC)(DA)(DC)(DG)(DT)(DG)(DT)(DC)(DA)(DG)(DA)(DT)(DA)(DT)(DA)(DT)(DA)(DC)(DA)
(DT)(DC)(DC)(DG)(DA)(DT)
;
I
7 'polydeoxyribonucleotide'
;(DA)(DT)(DC)(DG)(DG)(DA)(DT)(DG)(DT)(DA)(DT)(DA)(DT)(DA)(DT)(DC)(DT)(DG)(DA)(DC)
(DA)(DC)(DG)(DT)(DG)(DC)(DC)(DT)(DG)(DG)(DA)(DG)(DA)(DC)(DT)(DA)(DG)(DG)(DG)(DA)
(DG)(DT)(DA)(DA)(DT)(DC)(DC)(DC)(DC)(DT)(DT)(DG)(DG)(DC)(DG)(DG)(DT)(DT)(DA)(DA)
(DA)(DA)(DC)(DG)(DC)(DG)(DG)(DG)(DG)(DG)(DA)(DC)(DA)(DG)(DC)(DG)(DC)(DG)(DT)(DA)
(DC)(DG)(DT)(DG)(DC)(DG)(DT)(DT)(DT)(DA)(DA)(DG)(DC)(DG)(DG)(DT)(DG)(DC)(DT)(DA)
(DG)(DA)(DG)(DC)(DT)(DG)(DT)(DC)(DT)(DA)(DC)(DG)(DA)(DC)(DC)(DA)(DA)(DT)(DT)(DG)
(DA)(DG)(DC)(DG)(DG)(DC)(DC)(DT)(DC)(DG)(DG)(DC)(DA)(DC)(DC)(DG)(DG)(DG)(DA)(DT)
(DT)(DC)(DT)(DC)(DG)(DA)
;
J
8 'polypeptide(L)' MQIFVKTLTGKTITLEVEPSDTIENVKAKIQDKEGIPPDQQRLIFAGKQLEDGRTLSDYNIQKESTLHLVLRLRGC L,M
#
loop_
_chem_comp.id
_chem_comp.type
_chem_comp.name
_chem_comp.formula
DA DNA linking 2'-DEOXYADENOSINE-5'-MONOPHOSPHATE 'C10 H14 N5 O6 P'
DC DNA linking 2'-DEOXYCYTIDINE-5'-MONOPHOSPHATE 'C9 H14 N3 O7 P'
DG DNA linking 2'-DEOXYGUANOSINE-5'-MONOPHOSPHATE 'C10 H14 N5 O7 P'
DT DNA linking THYMIDINE-5'-MONOPHOSPHATE 'C10 H15 N2 O8 P'
SAH non-polymer S-ADENOSYL-L-HOMOCYSTEINE 'C14 H20 N6 O5 S'
#
# COMPACT_ATOMS: atom_id res chain seq x y z
N LEU A 5 -62.01 -12.10 -9.12
CA LEU A 5 -61.98 -10.64 -9.25
C LEU A 5 -60.62 -10.18 -9.78
N GLU A 6 -60.66 -9.55 -10.96
CA GLU A 6 -59.45 -9.05 -11.59
C GLU A 6 -59.50 -7.52 -11.62
N LEU A 7 -58.33 -6.89 -11.62
CA LEU A 7 -58.22 -5.44 -11.63
C LEU A 7 -57.66 -5.00 -12.97
N ARG A 8 -58.29 -4.00 -13.58
CA ARG A 8 -58.02 -3.58 -14.94
C ARG A 8 -57.60 -2.12 -14.95
N LEU A 9 -56.43 -1.83 -15.52
CA LEU A 9 -55.99 -0.46 -15.75
C LEU A 9 -56.26 -0.11 -17.21
N LYS A 10 -57.26 0.74 -17.44
CA LYS A 10 -57.62 1.13 -18.79
C LYS A 10 -56.64 2.18 -19.33
N SER A 11 -56.52 2.22 -20.65
CA SER A 11 -55.62 3.17 -21.29
C SER A 11 -56.33 4.50 -21.50
N PRO A 12 -55.66 5.64 -21.27
CA PRO A 12 -56.33 6.93 -21.47
C PRO A 12 -56.50 7.32 -22.92
N VAL A 13 -55.68 6.80 -23.82
CA VAL A 13 -55.77 7.15 -25.25
C VAL A 13 -56.68 6.20 -26.01
N GLY A 14 -56.79 4.94 -25.58
CA GLY A 14 -57.58 3.96 -26.29
C GLY A 14 -56.73 3.02 -27.11
N ALA A 15 -55.62 2.56 -26.52
CA ALA A 15 -54.71 1.65 -27.20
C ALA A 15 -53.96 0.84 -26.16
N GLU A 16 -54.03 -0.49 -26.26
CA GLU A 16 -53.42 -1.54 -25.43
C GLU A 16 -53.47 -1.26 -23.92
N PRO A 17 -54.65 -1.34 -23.30
CA PRO A 17 -54.74 -1.12 -21.86
C PRO A 17 -54.12 -2.27 -21.08
N ALA A 18 -53.80 -2.00 -19.81
CA ALA A 18 -53.05 -2.93 -18.99
C ALA A 18 -53.94 -4.05 -18.46
N VAL A 19 -53.45 -5.29 -18.57
CA VAL A 19 -54.14 -6.47 -18.10
C VAL A 19 -53.27 -7.13 -17.04
N TYR A 20 -53.53 -6.82 -15.76
CA TYR A 20 -52.74 -7.50 -14.73
C TYR A 20 -53.46 -8.78 -14.30
N PRO A 21 -52.79 -9.92 -14.28
CA PRO A 21 -53.46 -11.17 -13.94
C PRO A 21 -53.71 -11.29 -12.45
N TRP A 22 -54.59 -12.23 -12.09
CA TRP A 22 -54.95 -12.53 -10.72
C TRP A 22 -54.40 -13.89 -10.31
N PRO A 23 -53.90 -14.05 -9.07
CA PRO A 23 -53.75 -13.03 -8.02
C PRO A 23 -52.52 -12.16 -8.23
N LEU A 24 -52.32 -11.18 -7.35
CA LEU A 24 -51.20 -10.25 -7.48
C LEU A 24 -49.89 -10.95 -7.10
N PRO A 25 -48.91 -11.02 -8.00
CA PRO A 25 -47.63 -11.63 -7.64
C PRO A 25 -46.82 -10.71 -6.73
N VAL A 26 -46.34 -11.27 -5.63
CA VAL A 26 -45.54 -10.54 -4.65
C VAL A 26 -44.06 -10.82 -4.94
N TYR A 27 -43.27 -9.75 -5.02
CA TYR A 27 -41.83 -9.86 -5.20
C TYR A 27 -41.07 -9.54 -3.91
N ASP A 28 -41.34 -8.39 -3.32
CA ASP A 28 -40.70 -7.98 -2.07
C ASP A 28 -41.68 -7.08 -1.32
N LYS A 29 -41.19 -6.33 -0.34
CA LYS A 29 -42.03 -5.49 0.50
C LYS A 29 -42.10 -4.04 0.05
N HIS A 30 -41.44 -3.69 -1.07
CA HIS A 30 -41.42 -2.31 -1.54
C HIS A 30 -41.94 -2.11 -2.95
N HIS A 31 -41.83 -3.08 -3.85
CA HIS A 31 -42.32 -2.94 -5.21
C HIS A 31 -43.05 -4.20 -5.62
N ASP A 32 -44.37 -4.10 -5.76
CA ASP A 32 -45.24 -5.21 -6.16
C ASP A 32 -46.12 -4.70 -7.29
N ALA A 33 -47.19 -5.45 -7.61
CA ALA A 33 -48.17 -4.99 -8.58
C ALA A 33 -49.17 -4.01 -7.99
N ALA A 34 -49.16 -3.79 -6.67
CA ALA A 34 -50.10 -2.89 -6.02
C ALA A 34 -49.50 -1.56 -5.64
N HIS A 35 -48.18 -1.48 -5.42
CA HIS A 35 -47.56 -0.21 -5.04
C HIS A 35 -47.36 0.71 -6.22
N GLU A 36 -47.45 0.18 -7.45
CA GLU A 36 -47.38 1.04 -8.63
C GLU A 36 -48.75 1.61 -9.01
N ILE A 37 -49.80 1.28 -8.27
CA ILE A 37 -51.13 1.73 -8.66
C ILE A 37 -51.41 3.12 -8.07
N ILE A 38 -50.84 3.41 -6.91
CA ILE A 38 -51.05 4.70 -6.26
C ILE A 38 -50.33 5.81 -7.02
N GLU A 39 -49.26 5.45 -7.75
CA GLU A 39 -48.56 6.39 -8.61
C GLU A 39 -49.07 6.38 -10.05
N THR A 40 -50.14 5.64 -10.33
CA THR A 40 -50.69 5.59 -11.68
C THR A 40 -51.75 6.66 -11.90
N ILE A 41 -52.66 6.82 -10.93
CA ILE A 41 -53.71 7.82 -11.03
C ILE A 41 -53.14 9.24 -10.90
N ARG A 42 -52.03 9.39 -10.17
CA ARG A 42 -51.43 10.71 -9.95
C ARG A 42 -50.84 11.29 -11.24
N TRP A 43 -50.51 10.44 -12.21
CA TRP A 43 -49.87 10.93 -13.42
C TRP A 43 -50.83 11.13 -14.58
N VAL A 44 -52.00 10.50 -14.55
CA VAL A 44 -53.00 10.80 -15.58
C VAL A 44 -53.82 12.02 -15.20
N CYS A 45 -53.81 12.38 -13.92
CA CYS A 45 -54.47 13.61 -13.49
C CYS A 45 -53.59 14.83 -13.72
N GLU A 46 -52.29 14.65 -13.90
CA GLU A 46 -51.41 15.75 -14.26
C GLU A 46 -51.57 16.13 -15.74
N GLU A 47 -51.63 15.14 -16.62
CA GLU A 47 -51.74 15.42 -18.05
C GLU A 47 -53.13 15.92 -18.41
N ILE A 48 -54.17 15.30 -17.86
CA ILE A 48 -55.54 15.67 -18.19
C ILE A 48 -56.21 16.24 -16.94
N PRO A 49 -56.57 17.53 -16.93
CA PRO A 49 -57.08 18.15 -15.70
C PRO A 49 -58.52 17.79 -15.38
N ASP A 50 -59.31 17.27 -16.34
CA ASP A 50 -60.71 17.01 -16.06
C ASP A 50 -60.93 15.74 -15.24
N LEU A 51 -59.95 14.84 -15.24
CA LEU A 51 -60.08 13.56 -14.55
C LEU A 51 -59.98 13.70 -13.04
N LYS A 52 -59.36 14.78 -12.53
CA LYS A 52 -59.25 14.96 -11.09
C LYS A 52 -60.58 15.38 -10.48
N LEU A 53 -61.47 15.98 -11.28
CA LEU A 53 -62.81 16.32 -10.82
C LEU A 53 -63.69 15.08 -10.64
N ALA A 54 -63.41 14.00 -11.37
CA ALA A 54 -64.19 12.78 -11.30
C ALA A 54 -63.63 11.75 -10.33
N MET A 55 -62.33 11.78 -10.05
CA MET A 55 -61.72 10.80 -9.16
C MET A 55 -62.00 11.08 -7.69
N GLU A 56 -62.47 12.27 -7.34
CA GLU A 56 -62.79 12.58 -5.95
C GLU A 56 -64.11 11.96 -5.52
N ASN A 57 -64.99 11.62 -6.46
CA ASN A 57 -66.30 11.07 -6.15
C ASN A 57 -66.21 9.56 -6.02
N TYR A 58 -66.88 9.03 -4.98
CA TYR A 58 -67.01 7.60 -4.67
C TYR A 58 -65.67 6.90 -4.42
N VAL A 59 -64.63 7.65 -4.04
CA VAL A 59 -63.31 7.08 -3.77
C VAL A 59 -62.87 7.52 -2.39
N LEU A 60 -62.58 6.56 -1.52
CA LEU A 60 -62.14 6.81 -0.16
C LEU A 60 -60.60 6.95 -0.13
N ILE A 61 -60.09 7.50 0.96
CA ILE A 61 -58.67 7.83 1.05
C ILE A 61 -57.86 6.81 1.86
N ASP A 62 -58.50 6.07 2.77
CA ASP A 62 -57.80 5.22 3.72
C ASP A 62 -57.44 3.83 3.17
N TYR A 63 -57.40 3.67 1.85
CA TYR A 63 -57.04 2.40 1.24
C TYR A 63 -55.55 2.13 1.37
N ASP A 64 -55.18 0.86 1.18
CA ASP A 64 -53.80 0.41 1.29
C ASP A 64 -53.58 -0.71 0.28
N THR A 65 -52.44 -1.39 0.39
CA THR A 65 -52.07 -2.45 -0.54
C THR A 65 -52.28 -3.85 0.01
N LYS A 66 -52.61 -3.99 1.29
CA LYS A 66 -52.84 -5.28 1.91
C LYS A 66 -54.33 -5.56 2.08
N SER A 67 -55.17 -4.97 1.23
CA SER A 67 -56.62 -5.13 1.35
C SER A 67 -57.23 -4.99 -0.03
N PHE A 68 -57.85 -6.08 -0.52
CA PHE A 68 -58.45 -6.05 -1.85
C PHE A 68 -59.83 -5.40 -1.83
N GLU A 69 -60.49 -5.38 -0.68
CA GLU A 69 -61.82 -4.75 -0.59
C GLU A 69 -61.72 -3.24 -0.69
N SER A 70 -60.63 -2.66 -0.20
CA SER A 70 -60.36 -1.24 -0.39
C SER A 70 -59.76 -0.93 -1.74
N MET A 71 -59.52 -1.94 -2.57
CA MET A 71 -58.94 -1.80 -3.90
C MET A 71 -60.00 -1.81 -5.00
N GLN A 72 -61.12 -2.52 -4.79
CA GLN A 72 -62.13 -2.67 -5.84
C GLN A 72 -62.90 -1.37 -6.08
N ARG A 73 -63.07 -0.54 -5.06
CA ARG A 73 -63.73 0.74 -5.24
C ARG A 73 -62.83 1.76 -5.93
N LEU A 74 -61.51 1.59 -5.82
CA LEU A 74 -60.60 2.45 -6.57
C LEU A 74 -60.66 2.16 -8.07
N CYS A 75 -60.75 0.89 -8.43
CA CYS A 75 -60.88 0.50 -9.83
C CYS A 75 -62.33 0.49 -10.33
N ASP A 76 -63.30 0.75 -9.45
CA ASP A 76 -64.68 0.86 -9.89
C ASP A 76 -64.92 2.22 -10.54
N LYS A 77 -64.46 3.29 -9.89
CA LYS A 77 -64.59 4.62 -10.45
C LYS A 77 -63.60 4.84 -11.59
N TYR A 78 -62.45 4.16 -11.54
CA TYR A 78 -61.47 4.26 -12.61
C TYR A 78 -61.97 3.60 -13.89
N ASN A 79 -62.72 2.50 -13.77
CA ASN A 79 -63.29 1.87 -14.96
C ASN A 79 -64.48 2.67 -15.49
N ARG A 80 -65.09 3.50 -14.64
CA ARG A 80 -66.20 4.36 -15.02
C ARG A 80 -65.75 5.67 -15.66
N ALA A 81 -64.63 6.23 -15.22
CA ALA A 81 -64.21 7.55 -15.67
C ALA A 81 -63.54 7.53 -17.05
N ILE A 82 -63.05 6.38 -17.50
CA ILE A 82 -62.40 6.32 -18.80
C ILE A 82 -63.45 6.32 -19.92
N ASP A 83 -64.61 5.73 -19.66
CA ASP A 83 -65.69 5.76 -20.64
C ASP A 83 -66.35 7.14 -20.73
N SER A 84 -66.11 8.00 -19.75
CA SER A 84 -66.63 9.37 -19.79
C SER A 84 -65.73 10.32 -20.56
N ILE A 85 -64.44 9.99 -20.72
CA ILE A 85 -63.54 10.85 -21.48
C ILE A 85 -63.48 10.43 -22.94
N HIS A 86 -63.92 9.21 -23.26
CA HIS A 86 -63.95 8.79 -24.66
C HIS A 86 -65.15 9.40 -25.39
N GLN A 87 -66.26 9.62 -24.69
CA GLN A 87 -67.42 10.29 -25.27
C GLN A 87 -67.27 11.80 -25.33
N LEU A 88 -66.23 12.35 -24.68
CA LEU A 88 -65.99 13.79 -24.67
C LEU A 88 -65.04 14.22 -25.78
N TRP A 89 -64.05 13.39 -26.13
CA TRP A 89 -63.08 13.78 -27.15
C TRP A 89 -63.67 13.68 -28.55
N LYS A 90 -64.71 12.88 -28.73
CA LYS A 90 -65.38 12.74 -30.02
C LYS A 90 -66.30 13.91 -30.33
N GLY A 91 -66.56 14.78 -29.37
CA GLY A 91 -67.36 15.97 -29.60
C GLY A 91 -66.55 17.16 -30.04
N THR A 92 -66.62 18.25 -29.26
CA THR A 92 -65.96 19.51 -29.62
C THR A 92 -64.61 19.70 -28.94
N THR A 93 -64.25 18.84 -27.98
CA THR A 93 -62.98 18.98 -27.29
C THR A 93 -61.89 18.19 -28.03
N GLN A 94 -60.74 18.84 -28.23
CA GLN A 94 -59.63 18.23 -28.95
C GLN A 94 -58.85 17.31 -28.01
N PRO A 95 -58.47 16.12 -28.45
CA PRO A 95 -57.71 15.21 -27.58
C PRO A 95 -56.23 15.57 -27.51
N MET A 96 -55.49 14.75 -26.79
CA MET A 96 -54.08 14.98 -26.56
C MET A 96 -53.25 14.51 -27.76
N LYS A 97 -52.17 15.23 -28.02
CA LYS A 97 -51.25 14.88 -29.09
C LYS A 97 -50.45 13.62 -28.74
N LEU A 98 -50.11 12.86 -29.77
CA LEU A 98 -49.42 11.58 -29.62
C LEU A 98 -47.94 11.68 -29.95
N ASN A 99 -47.34 12.86 -29.85
CA ASN A 99 -45.95 13.03 -30.26
C ASN A 99 -45.15 13.92 -29.31
N THR A 100 -45.67 14.22 -28.13
CA THR A 100 -44.97 15.10 -27.20
C THR A 100 -43.94 14.33 -26.37
N ARG A 101 -43.07 15.08 -25.67
CA ARG A 101 -41.96 14.61 -24.85
C ARG A 101 -42.25 14.88 -23.38
N PRO A 102 -42.17 13.89 -22.49
CA PRO A 102 -42.55 14.10 -21.11
C PRO A 102 -41.42 14.75 -20.32
N SER A 103 -41.67 14.92 -19.02
CA SER A 103 -40.68 15.43 -18.09
C SER A 103 -39.73 14.30 -17.69
N THR A 104 -38.79 14.60 -16.81
CA THR A 104 -37.85 13.61 -16.29
C THR A 104 -38.39 12.85 -15.09
N GLY A 105 -39.51 13.27 -14.53
CA GLY A 105 -40.12 12.57 -13.41
C GLY A 105 -41.10 11.50 -13.84
N LEU A 106 -41.68 11.67 -15.03
CA LEU A 106 -42.54 10.64 -15.61
C LEU A 106 -41.71 9.55 -16.30
N LEU A 107 -40.43 9.82 -16.57
CA LEU A 107 -39.57 8.79 -17.15
C LEU A 107 -39.24 7.68 -16.15
N ARG A 108 -39.20 7.99 -14.85
CA ARG A 108 -39.04 6.97 -13.82
C ARG A 108 -40.33 6.17 -13.63
N HIS A 109 -41.48 6.78 -13.92
CA HIS A 109 -42.76 6.07 -13.89
C HIS A 109 -42.86 5.02 -14.99
N ILE A 110 -42.04 5.13 -16.04
CA ILE A 110 -41.91 4.02 -16.99
C ILE A 110 -41.20 2.85 -16.32
N LEU A 111 -39.95 3.06 -15.89
CA LEU A 111 -39.06 1.97 -15.49
C LEU A 111 -39.36 1.39 -14.11
N GLN A 112 -40.46 1.78 -13.47
CA GLN A 112 -41.00 1.02 -12.35
C GLN A 112 -41.87 -0.13 -12.86
N GLN A 113 -42.88 0.20 -13.67
CA GLN A 113 -43.86 -0.76 -14.15
C GLN A 113 -43.38 -1.58 -15.33
N VAL A 114 -42.26 -1.20 -15.96
CA VAL A 114 -41.63 -2.09 -16.93
C VAL A 114 -40.73 -3.09 -16.22
N TYR A 115 -40.02 -2.65 -15.18
CA TYR A 115 -39.03 -3.51 -14.54
C TYR A 115 -39.69 -4.53 -13.61
N ASN A 116 -40.54 -4.07 -12.69
CA ASN A 116 -41.01 -4.92 -11.60
C ASN A 116 -41.96 -6.00 -12.09
N HIS A 117 -42.73 -5.74 -13.14
CA HIS A 117 -43.65 -6.71 -13.69
C HIS A 117 -42.98 -7.69 -14.66
N SER A 118 -41.71 -7.46 -15.02
CA SER A 118 -41.00 -8.30 -15.96
C SER A 118 -40.09 -9.32 -15.30
N VAL A 119 -39.55 -9.02 -14.13
CA VAL A 119 -38.58 -9.88 -13.47
C VAL A 119 -39.21 -10.44 -12.20
N THR A 120 -38.96 -11.71 -11.92
CA THR A 120 -39.41 -12.31 -10.67
C THR A 120 -38.29 -12.37 -9.63
N ASP A 121 -37.07 -12.03 -10.01
CA ASP A 121 -35.92 -11.99 -9.11
C ASP A 121 -34.88 -10.97 -9.56
N PRO A 122 -34.93 -9.75 -9.02
CA PRO A 122 -33.95 -8.75 -9.43
C PRO A 122 -32.57 -9.03 -8.87
N GLU A 123 -32.48 -9.71 -7.73
CA GLU A 123 -31.21 -10.10 -7.15
C GLU A 123 -30.57 -11.26 -7.88
N LYS A 124 -31.32 -11.96 -8.74
CA LYS A 124 -30.70 -12.93 -9.64
C LYS A 124 -30.11 -12.23 -10.86
N LEU A 125 -30.69 -11.10 -11.28
CA LEU A 125 -30.02 -10.23 -12.24
C LEU A 125 -28.85 -9.47 -11.63
N ASN A 126 -28.74 -9.48 -10.30
CA ASN A 126 -27.55 -9.03 -9.59
C ASN A 126 -26.46 -10.12 -9.52
N ASN A 127 -26.47 -11.09 -10.43
CA ASN A 127 -25.38 -12.07 -10.50
C ASN A 127 -24.18 -11.37 -11.13
N TYR A 128 -23.23 -10.99 -10.28
CA TYR A 128 -21.99 -10.39 -10.77
C TYR A 128 -20.84 -10.76 -9.86
N GLU A 129 -19.70 -11.03 -10.49
CA GLU A 129 -18.43 -11.26 -9.82
C GLU A 129 -17.41 -10.31 -10.41
N PRO A 130 -16.50 -9.75 -9.60
CA PRO A 130 -15.47 -8.85 -10.14
C PRO A 130 -14.43 -9.61 -10.93
N PHE A 131 -13.57 -8.84 -11.60
CA PHE A 131 -12.57 -9.31 -12.57
C PHE A 131 -13.22 -10.12 -13.68
N SER A 132 -14.32 -9.58 -14.23
CA SER A 132 -15.07 -10.17 -15.32
C SER A 132 -15.83 -9.07 -16.02
N PRO A 133 -16.10 -9.19 -17.33
CA PRO A 133 -16.82 -8.10 -18.03
C PRO A 133 -18.34 -8.15 -17.92
N GLU A 134 -18.83 -8.45 -16.72
CA GLU A 134 -20.25 -8.71 -16.52
C GLU A 134 -20.80 -8.14 -15.21
N VAL A 135 -20.17 -7.13 -14.63
CA VAL A 135 -20.62 -6.62 -13.34
C VAL A 135 -21.55 -5.42 -13.56
N TYR A 136 -22.82 -5.60 -13.19
CA TYR A 136 -23.87 -4.62 -13.43
C TYR A 136 -24.30 -4.16 -12.05
N GLY A 137 -23.82 -2.98 -11.67
CA GLY A 137 -24.05 -2.51 -10.32
C GLY A 137 -25.39 -1.84 -10.16
N GLU A 138 -25.45 -0.87 -9.26
CA GLU A 138 -26.69 -0.16 -8.95
C GLU A 138 -26.70 1.14 -9.75
N THR A 139 -26.79 0.98 -11.07
CA THR A 139 -26.93 2.11 -11.98
C THR A 139 -28.41 2.46 -12.04
N SER A 140 -28.80 3.43 -11.23
CA SER A 140 -30.21 3.74 -11.02
C SER A 140 -30.74 4.64 -12.15
N PHE A 141 -31.91 5.22 -11.91
CA PHE A 141 -32.57 6.06 -12.92
C PHE A 141 -31.87 7.40 -13.07
N ASP A 142 -31.55 8.06 -11.96
CA ASP A 142 -31.08 9.45 -12.00
C ASP A 142 -29.62 9.56 -12.43
N LEU A 143 -28.91 8.45 -12.56
CA LEU A 143 -27.59 8.46 -13.20
C LEU A 143 -27.74 8.71 -14.70
N VAL A 144 -28.90 8.39 -15.26
CA VAL A 144 -29.09 8.43 -16.70
C VAL A 144 -29.77 9.72 -17.19
N ALA A 145 -30.52 10.41 -16.33
CA ALA A 145 -31.25 11.60 -16.74
C ALA A 145 -30.33 12.79 -17.06
N GLN A 146 -29.06 12.75 -16.65
CA GLN A 146 -28.14 13.82 -16.95
C GLN A 146 -27.56 13.75 -18.36
N MET A 147 -27.56 12.56 -18.97
CA MET A 147 -26.80 12.30 -20.19
C MET A 147 -27.46 12.84 -21.46
N ILE A 148 -28.52 13.64 -21.32
CA ILE A 148 -29.22 14.21 -22.47
C ILE A 148 -29.09 15.73 -22.38
N ASP A 149 -29.00 16.25 -21.16
CA ASP A 149 -28.94 17.69 -20.93
C ASP A 149 -27.55 18.29 -21.18
N GLU A 150 -26.50 17.46 -21.30
CA GLU A 150 -25.15 17.95 -21.51
C GLU A 150 -24.86 18.26 -22.97
N ILE A 151 -25.12 17.30 -23.86
CA ILE A 151 -25.01 17.51 -25.29
C ILE A 151 -26.29 16.98 -25.94
N LYS A 152 -26.67 17.59 -27.07
CA LYS A 152 -27.93 17.31 -27.74
C LYS A 152 -27.66 16.44 -28.96
N MET A 153 -28.16 15.21 -28.94
CA MET A 153 -27.91 14.27 -30.03
C MET A 153 -28.95 14.45 -31.12
N THR A 154 -28.48 14.66 -32.36
CA THR A 154 -29.36 14.70 -33.50
C THR A 154 -29.41 13.33 -34.19
N ASP A 155 -30.03 13.30 -35.37
CA ASP A 155 -30.43 12.04 -35.98
C ASP A 155 -29.33 11.35 -36.78
N ASP A 156 -28.10 11.87 -36.77
CA ASP A 156 -26.97 11.13 -37.32
C ASP A 156 -26.07 10.53 -36.23
N ASP A 157 -26.41 10.75 -34.97
CA ASP A 157 -25.69 10.17 -33.84
C ASP A 157 -26.13 8.72 -33.63
N LEU A 158 -25.48 8.05 -32.68
CA LEU A 158 -25.81 6.67 -32.37
C LEU A 158 -25.47 6.42 -30.90
N PHE A 159 -26.06 5.37 -30.34
CA PHE A 159 -25.94 5.13 -28.90
C PHE A 159 -25.92 3.62 -28.69
N VAL A 160 -24.71 3.05 -28.53
CA VAL A 160 -24.53 1.60 -28.38
C VAL A 160 -23.98 1.33 -26.98
N ASP A 161 -24.64 0.40 -26.27
CA ASP A 161 -24.19 -0.08 -24.96
C ASP A 161 -23.90 -1.57 -25.06
N LEU A 162 -22.64 -1.93 -25.30
CA LEU A 162 -22.20 -3.32 -25.18
C LEU A 162 -22.17 -3.64 -23.69
N GLY A 163 -23.23 -4.28 -23.20
CA GLY A 163 -23.38 -4.41 -21.76
C GLY A 163 -24.46 -3.55 -21.13
N SER A 164 -25.66 -3.54 -21.72
CA SER A 164 -26.77 -2.75 -21.18
C SER A 164 -27.47 -3.41 -20.00
N GLY A 165 -27.24 -4.69 -19.77
CA GLY A 165 -27.96 -5.41 -18.73
C GLY A 165 -29.38 -5.67 -19.15
N VAL A 166 -30.35 -5.05 -18.45
CA VAL A 166 -31.73 -5.08 -18.90
C VAL A 166 -32.01 -4.04 -19.97
N GLY A 167 -31.08 -3.11 -20.19
CA GLY A 167 -31.29 -2.06 -21.16
C GLY A 167 -32.05 -0.86 -20.65
N GLN A 168 -32.20 -0.70 -19.33
CA GLN A 168 -32.92 0.45 -18.79
C GLN A 168 -32.18 1.76 -19.02
N VAL A 169 -30.88 1.70 -19.29
CA VAL A 169 -30.14 2.91 -19.68
C VAL A 169 -30.54 3.29 -21.10
N VAL A 170 -30.99 2.31 -21.88
CA VAL A 170 -31.38 2.56 -23.26
C VAL A 170 -32.84 2.95 -23.31
N LEU A 171 -33.65 2.48 -22.37
CA LEU A 171 -35.07 2.82 -22.38
C LEU A 171 -35.32 4.26 -21.93
N GLN A 172 -34.31 4.95 -21.41
CA GLN A 172 -34.48 6.36 -21.09
C GLN A 172 -33.78 7.27 -22.11
N VAL A 173 -32.57 6.90 -22.55
CA VAL A 173 -31.85 7.70 -23.53
C VAL A 173 -32.54 7.62 -24.88
N ALA A 174 -33.19 6.50 -25.18
CA ALA A 174 -34.11 6.46 -26.31
C ALA A 174 -35.52 6.88 -25.92
N ALA A 175 -35.66 7.71 -24.89
CA ALA A 175 -36.94 8.32 -24.54
C ALA A 175 -36.87 9.82 -24.33
N ALA A 176 -35.68 10.43 -24.32
CA ALA A 176 -35.54 11.88 -24.21
C ALA A 176 -35.18 12.53 -25.54
N THR A 177 -34.08 12.12 -26.17
CA THR A 177 -33.70 12.55 -27.51
C THR A 177 -33.37 11.34 -28.37
N ASN A 178 -32.98 11.59 -29.61
CA ASN A 178 -32.88 10.53 -30.62
C ASN A 178 -31.49 10.50 -31.24
N CYS A 179 -31.27 9.44 -32.01
CA CYS A 179 -30.01 9.16 -32.68
C CYS A 179 -30.37 8.58 -34.04
N LYS A 180 -29.41 7.90 -34.68
CA LYS A 180 -29.80 7.00 -35.77
C LYS A 180 -30.63 5.85 -35.21
N HIS A 181 -30.09 5.16 -34.21
CA HIS A 181 -30.78 4.15 -33.43
C HIS A 181 -30.18 4.15 -32.02
N HIS A 182 -30.69 3.27 -31.17
CA HIS A 182 -30.12 3.00 -29.87
C HIS A 182 -30.01 1.50 -29.71
N TYR A 183 -29.09 1.05 -28.86
CA TYR A 183 -28.83 -0.39 -28.76
C TYR A 183 -28.41 -0.76 -27.34
N GLY A 184 -28.43 -2.07 -27.10
CA GLY A 184 -27.89 -2.62 -25.88
C GLY A 184 -27.88 -4.14 -25.93
N VAL A 185 -26.74 -4.75 -25.63
CA VAL A 185 -26.58 -6.20 -25.77
C VAL A 185 -26.03 -6.75 -24.45
N GLU A 186 -26.20 -8.07 -24.26
CA GLU A 186 -25.62 -8.85 -23.17
C GLU A 186 -25.69 -10.31 -23.58
N LYS A 187 -24.58 -11.03 -23.40
CA LYS A 187 -24.39 -12.32 -24.07
C LYS A 187 -25.10 -13.47 -23.36
N ALA A 188 -24.84 -13.65 -22.06
CA ALA A 188 -25.34 -14.80 -21.32
C ALA A 188 -26.86 -14.73 -21.18
N ASP A 189 -27.45 -15.88 -20.86
CA ASP A 189 -28.88 -16.12 -21.12
C ASP A 189 -29.79 -15.34 -20.18
N ILE A 190 -29.74 -15.63 -18.89
CA ILE A 190 -30.57 -14.94 -17.90
C ILE A 190 -30.18 -13.46 -17.69
N PRO A 191 -28.94 -12.97 -17.89
CA PRO A 191 -28.78 -11.50 -17.94
C PRO A 191 -29.28 -10.88 -19.24
N ALA A 192 -29.71 -11.68 -20.22
CA ALA A 192 -30.40 -11.17 -21.38
C ALA A 192 -31.84 -11.66 -21.50
N LYS A 193 -32.22 -12.69 -20.72
CA LYS A 193 -33.61 -13.12 -20.70
C LYS A 193 -34.50 -12.05 -20.09
N TYR A 194 -34.00 -11.34 -19.09
CA TYR A 194 -34.66 -10.16 -18.57
C TYR A 194 -34.15 -8.88 -19.23
N ALA A 195 -33.74 -8.97 -20.49
CA ALA A 195 -33.49 -7.82 -21.36
C ALA A 195 -34.44 -7.80 -22.54
N GLU A 196 -34.65 -8.96 -23.18
CA GLU A 196 -35.68 -9.03 -24.22
C GLU A 196 -37.08 -9.03 -23.61
N THR A 197 -37.21 -9.40 -22.33
CA THR A 197 -38.49 -9.29 -21.63
C THR A 197 -38.84 -7.81 -21.40
N MET A 198 -37.81 -6.97 -21.20
CA MET A 198 -37.99 -5.52 -21.19
C MET A 198 -38.50 -5.02 -22.54
N ASP A 199 -38.07 -5.66 -23.63
CA ASP A 199 -38.50 -5.27 -24.96
C ASP A 199 -39.93 -5.73 -25.24
N ARG A 200 -40.50 -6.58 -24.39
CA ARG A 200 -41.92 -6.92 -24.47
C ARG A 200 -42.81 -5.95 -23.71
N GLU A 201 -42.24 -4.98 -22.98
CA GLU A 201 -43.06 -4.10 -22.17
C GLU A 201 -42.80 -2.62 -22.42
N PHE A 202 -41.56 -2.22 -22.73
CA PHE A 202 -41.33 -0.83 -23.09
C PHE A 202 -41.95 -0.47 -24.44
N ARG A 203 -42.14 -1.46 -25.33
CA ARG A 203 -42.88 -1.26 -26.56
C ARG A 203 -44.39 -1.16 -26.33
N LYS A 204 -44.85 -1.45 -25.11
CA LYS A 204 -46.25 -1.31 -24.71
C LYS A 204 -46.47 -0.15 -23.76
N TRP A 205 -45.54 0.09 -22.85
CA TRP A 205 -45.81 1.02 -21.75
C TRP A 205 -45.64 2.48 -22.16
N MET A 206 -44.75 2.78 -23.10
CA MET A 206 -44.54 4.17 -23.50
C MET A 206 -45.74 4.72 -24.26
N LYS A 207 -46.44 3.86 -25.00
CA LYS A 207 -47.64 4.28 -25.71
C LYS A 207 -48.84 4.42 -24.77
N TRP A 208 -48.74 3.98 -23.52
CA TRP A 208 -49.83 4.15 -22.57
C TRP A 208 -49.95 5.61 -22.13
N TYR A 209 -48.81 6.29 -21.95
CA TYR A 209 -48.85 7.71 -21.61
C TYR A 209 -49.29 8.57 -22.80
N GLY A 210 -48.98 8.12 -24.01
CA GLY A 210 -49.21 8.90 -25.20
C GLY A 210 -47.99 9.58 -25.77
N LYS A 211 -46.81 9.29 -25.23
CA LYS A 211 -45.58 9.95 -25.65
C LYS A 211 -44.78 9.01 -26.55
N LYS A 212 -44.01 9.59 -27.47
CA LYS A 212 -43.19 8.80 -28.37
C LYS A 212 -41.78 8.62 -27.81
N HIS A 213 -41.29 7.39 -27.92
CA HIS A 213 -39.90 7.11 -27.53
C HIS A 213 -39.02 7.19 -28.78
N ALA A 214 -37.72 7.39 -28.59
CA ALA A 214 -36.78 7.30 -29.69
C ALA A 214 -36.49 5.83 -29.96
N GLU A 215 -36.01 5.56 -31.17
CA GLU A 215 -35.88 4.19 -31.64
C GLU A 215 -34.69 3.50 -30.96
N TYR A 216 -34.89 2.26 -30.55
CA TYR A 216 -33.83 1.46 -29.96
C TYR A 216 -33.95 0.03 -30.46
N THR A 217 -32.95 -0.79 -30.12
CA THR A 217 -32.98 -2.22 -30.41
C THR A 217 -32.22 -2.93 -29.30
N LEU A 218 -32.95 -3.50 -28.36
CA LEU A 218 -32.40 -4.41 -27.36
C LEU A 218 -32.55 -5.83 -27.88
N GLU A 219 -31.49 -6.61 -27.75
CA GLU A 219 -31.48 -7.99 -28.24
C GLU A 219 -30.53 -8.80 -27.37
N ARG A 220 -30.28 -10.03 -27.81
CA ARG A 220 -29.22 -10.87 -27.26
C ARG A 220 -28.17 -10.98 -28.36
N GLY A 221 -27.29 -9.97 -28.42
CA GLY A 221 -26.20 -9.97 -29.37
C GLY A 221 -24.88 -10.08 -28.64
N ASP A 222 -23.89 -10.63 -29.33
CA ASP A 222 -22.61 -10.91 -28.70
C ASP A 222 -21.83 -9.60 -28.58
N PHE A 223 -21.31 -9.35 -27.37
CA PHE A 223 -20.66 -8.10 -27.01
C PHE A 223 -19.18 -8.08 -27.37
N LEU A 224 -18.55 -9.25 -27.52
CA LEU A 224 -17.17 -9.32 -27.97
C LEU A 224 -17.05 -9.75 -29.43
N SER A 225 -18.14 -9.78 -30.19
CA SER A 225 -18.10 -10.23 -31.57
C SER A 225 -17.41 -9.21 -32.47
N GLU A 226 -17.04 -9.63 -33.68
CA GLU A 226 -16.26 -8.79 -34.57
C GLU A 226 -17.09 -7.68 -35.21
N GLU A 227 -18.34 -7.97 -35.57
CA GLU A 227 -19.11 -7.07 -36.42
C GLU A 227 -19.60 -5.85 -35.66
N TRP A 228 -19.83 -5.97 -34.35
CA TRP A 228 -20.29 -4.82 -33.58
C TRP A 228 -19.16 -3.86 -33.21
N ARG A 229 -17.91 -4.20 -33.52
CA ARG A 229 -16.79 -3.34 -33.14
C ARG A 229 -16.73 -2.10 -34.02
N GLU A 230 -16.94 -2.27 -35.33
CA GLU A 230 -17.05 -1.10 -36.20
C GLU A 230 -18.41 -0.43 -36.08
N ARG A 231 -19.35 -1.04 -35.36
CA ARG A 231 -20.57 -0.34 -34.98
C ARG A 231 -20.33 0.65 -33.86
N ILE A 232 -19.38 0.34 -32.97
CA ILE A 232 -18.86 1.33 -32.02
C ILE A 232 -18.18 2.45 -32.79
N ALA A 233 -17.46 2.11 -33.87
CA ALA A 233 -16.92 3.12 -34.77
C ALA A 233 -18.04 3.87 -35.51
N ASN A 234 -19.16 3.20 -35.75
CA ASN A 234 -20.35 3.86 -36.27
C ASN A 234 -21.13 4.61 -35.19
N THR A 235 -20.74 4.47 -33.93
CA THR A 235 -21.46 5.06 -32.81
C THR A 235 -20.74 6.33 -32.35
N SER A 236 -21.50 7.40 -32.18
CA SER A 236 -20.91 8.64 -31.66
C SER A 236 -20.76 8.59 -30.15
N VAL A 237 -21.87 8.51 -29.43
CA VAL A 237 -21.87 8.52 -27.97
C VAL A 237 -21.69 7.09 -27.50
N ILE A 238 -20.54 6.80 -26.90
CA ILE A 238 -20.24 5.49 -26.36
C ILE A 238 -20.65 5.46 -24.90
N PHE A 239 -21.46 4.49 -24.52
CA PHE A 239 -21.69 4.14 -23.13
C PHE A 239 -21.25 2.71 -22.93
N VAL A 240 -20.09 2.52 -22.30
CA VAL A 240 -19.68 1.20 -21.81
C VAL A 240 -19.51 1.34 -20.31
N ASN A 241 -19.94 0.32 -19.58
CA ASN A 241 -20.03 0.39 -18.12
C ASN A 241 -18.73 -0.14 -17.51
N ASN A 242 -17.73 0.74 -17.41
CA ASN A 242 -16.44 0.39 -16.85
C ASN A 242 -16.33 0.77 -15.38
N PHE A 243 -17.41 0.60 -14.62
CA PHE A 243 -17.34 0.63 -13.16
C PHE A 243 -16.29 -0.36 -12.66
N ALA A 244 -16.49 -1.66 -12.91
CA ALA A 244 -15.54 -2.66 -12.44
C ALA A 244 -15.40 -3.81 -13.43
N PHE A 245 -15.52 -3.52 -14.73
CA PHE A 245 -15.27 -4.52 -15.78
C PHE A 245 -13.89 -5.17 -15.63
N GLY A 246 -12.86 -4.37 -15.38
CA GLY A 246 -11.57 -4.90 -15.00
C GLY A 246 -10.42 -4.43 -15.87
N PRO A 247 -9.18 -4.62 -15.40
CA PRO A 247 -8.01 -4.27 -16.24
C PRO A 247 -7.83 -5.18 -17.42
N GLU A 248 -8.30 -6.43 -17.36
CA GLU A 248 -8.23 -7.33 -18.50
C GLU A 248 -9.34 -7.06 -19.51
N VAL A 249 -10.26 -6.15 -19.20
CA VAL A 249 -11.38 -5.85 -20.07
C VAL A 249 -11.20 -4.47 -20.69
N ASP A 250 -10.65 -3.52 -19.92
CA ASP A 250 -10.59 -2.11 -20.32
C ASP A 250 -9.73 -1.91 -21.57
N HIS A 251 -8.66 -2.69 -21.73
CA HIS A 251 -7.80 -2.50 -22.89
C HIS A 251 -8.37 -3.18 -24.13
N GLN A 252 -9.06 -4.33 -23.98
CA GLN A 252 -9.73 -4.90 -25.13
C GLN A 252 -11.01 -4.13 -25.45
N LEU A 253 -11.62 -3.48 -24.45
CA LEU A 253 -12.59 -2.44 -24.75
C LEU A 253 -11.95 -1.27 -25.49
N LYS A 254 -10.70 -0.95 -25.16
CA LYS A 254 -9.98 0.08 -25.90
C LYS A 254 -9.43 -0.45 -27.23
N GLU A 255 -9.54 -1.76 -27.47
CA GLU A 255 -9.34 -2.30 -28.82
C GLU A 255 -10.62 -2.21 -29.66
N ARG A 256 -11.75 -1.91 -29.02
CA ARG A 256 -12.98 -1.58 -29.72
C ARG A 256 -13.11 -0.11 -30.04
N PHE A 257 -12.60 0.76 -29.16
CA PHE A 257 -12.77 2.20 -29.29
C PHE A 257 -11.87 2.82 -30.33
N ALA A 258 -10.94 2.05 -30.91
CA ALA A 258 -9.86 2.63 -31.70
C ALA A 258 -10.34 3.11 -33.05
N ASN A 259 -11.24 2.35 -33.70
CA ASN A 259 -11.65 2.62 -35.08
C ASN A 259 -12.61 3.80 -35.21
N MET A 260 -12.93 4.49 -34.13
CA MET A 260 -13.97 5.51 -34.13
C MET A 260 -13.51 6.78 -34.86
N LYS A 261 -14.42 7.75 -34.95
CA LYS A 261 -14.19 9.02 -35.64
C LYS A 261 -14.25 10.17 -34.65
N GLU A 262 -14.16 11.39 -35.18
CA GLU A 262 -14.09 12.60 -34.39
C GLU A 262 -15.47 12.97 -33.85
N GLY A 263 -15.47 13.84 -32.84
CA GLY A 263 -16.69 14.35 -32.25
C GLY A 263 -17.47 13.39 -31.40
N GLY A 264 -17.00 12.14 -31.26
CA GLY A 264 -17.74 11.16 -30.53
C GLY A 264 -17.55 11.26 -29.04
N ARG A 265 -18.53 10.75 -28.31
CA ARG A 265 -18.58 10.83 -26.86
C ARG A 265 -18.35 9.45 -26.28
N ILE A 266 -17.61 9.38 -25.18
CA ILE A 266 -17.45 8.14 -24.42
C ILE A 266 -17.92 8.40 -23.00
N VAL A 267 -19.05 7.83 -22.63
CA VAL A 267 -19.63 7.99 -21.30
C VAL A 267 -19.14 6.82 -20.47
N SER A 268 -18.17 7.05 -19.60
CA SER A 268 -17.51 5.95 -18.92
C SER A 268 -17.09 6.38 -17.51
N SER A 269 -16.85 5.38 -16.66
CA SER A 269 -16.67 5.62 -15.23
C SER A 269 -15.28 6.19 -14.92
N LYS A 270 -14.27 5.72 -15.61
CA LYS A 270 -12.89 5.97 -15.21
C LYS A 270 -12.31 7.15 -15.96
N PRO A 271 -11.39 7.90 -15.33
CA PRO A 271 -10.65 8.94 -16.05
C PRO A 271 -9.59 8.31 -16.94
N PHE A 272 -9.77 8.43 -18.26
CA PHE A 272 -8.88 7.80 -19.22
C PHE A 272 -7.50 8.43 -19.26
N ALA A 273 -7.37 9.65 -18.77
CA ALA A 273 -6.09 10.33 -18.65
C ALA A 273 -6.19 11.26 -17.46
N PRO A 274 -5.07 11.63 -16.86
CA PRO A 274 -5.13 12.61 -15.77
C PRO A 274 -5.19 14.06 -16.26
N LEU A 275 -6.19 14.34 -17.10
CA LEU A 275 -6.75 15.65 -17.48
C LEU A 275 -5.80 16.57 -18.23
N ASN A 276 -4.58 16.15 -18.55
CA ASN A 276 -3.69 17.06 -19.27
C ASN A 276 -2.81 16.36 -20.28
N PHE A 277 -3.28 15.25 -20.87
CA PHE A 277 -2.45 14.51 -21.82
C PHE A 277 -2.38 15.27 -23.14
N ARG A 278 -1.22 15.83 -23.42
CA ARG A 278 -0.97 16.59 -24.63
C ARG A 278 -0.45 15.64 -25.71
N ILE A 279 0.14 16.19 -26.79
CA ILE A 279 0.43 15.41 -28.00
C ILE A 279 1.67 14.53 -27.90
N ASN A 280 2.45 14.65 -26.84
CA ASN A 280 3.76 14.00 -26.80
C ASN A 280 3.64 12.49 -26.62
N SER A 281 4.71 11.79 -26.99
CA SER A 281 4.70 10.34 -27.23
C SER A 281 4.68 9.59 -25.89
N ARG A 282 3.48 9.51 -25.31
CA ARG A 282 3.23 8.66 -24.15
C ARG A 282 1.90 7.94 -24.32
N ASN A 283 1.62 7.47 -25.54
CA ASN A 283 0.40 6.69 -25.78
C ASN A 283 0.77 5.45 -26.60
N LEU A 284 0.69 4.29 -25.94
CA LEU A 284 0.76 3.00 -26.60
C LEU A 284 -0.29 2.03 -26.09
N SER A 285 -0.97 2.35 -24.99
CA SER A 285 -1.98 1.49 -24.40
C SER A 285 -3.35 2.14 -24.33
N ASP A 286 -3.43 3.41 -23.93
CA ASP A 286 -4.72 4.06 -23.75
C ASP A 286 -5.26 4.57 -25.09
N ILE A 287 -6.54 4.96 -25.07
CA ILE A 287 -7.19 5.56 -26.22
C ILE A 287 -7.22 7.10 -26.12
N GLY A 288 -6.83 7.64 -24.97
CA GLY A 288 -6.89 9.08 -24.72
C GLY A 288 -5.80 9.93 -25.37
N THR A 289 -5.39 9.55 -26.58
CA THR A 289 -4.55 10.43 -27.39
C THR A 289 -5.40 11.42 -28.17
N ILE A 290 -6.68 11.08 -28.38
CA ILE A 290 -7.56 11.77 -29.30
C ILE A 290 -8.81 12.27 -28.57
N MET A 291 -8.68 12.52 -27.27
CA MET A 291 -9.81 12.98 -26.47
C MET A 291 -9.31 13.82 -25.30
N ARG A 292 -10.25 14.53 -24.67
CA ARG A 292 -10.02 15.21 -23.41
C ARG A 292 -11.10 14.77 -22.44
N VAL A 293 -11.01 15.23 -21.20
CA VAL A 293 -11.85 14.73 -20.12
C VAL A 293 -12.98 15.74 -19.86
N VAL A 294 -14.19 15.21 -19.63
CA VAL A 294 -15.37 16.00 -19.26
C VAL A 294 -16.08 15.22 -18.16
N GLU A 295 -16.26 15.83 -17.00
CA GLU A 295 -16.91 15.15 -15.89
C GLU A 295 -18.42 15.19 -16.06
N LEU A 296 -19.10 14.13 -15.62
CA LEU A 296 -20.55 14.16 -15.52
C LEU A 296 -20.95 14.65 -14.14
N SER A 297 -22.22 14.59 -13.82
CA SER A 297 -22.64 15.09 -12.51
C SER A 297 -22.39 14.04 -11.43
N PRO A 298 -21.88 14.44 -10.26
CA PRO A 298 -21.75 13.50 -9.15
C PRO A 298 -23.11 13.10 -8.61
N LEU A 299 -23.17 11.88 -8.09
CA LEU A 299 -24.45 11.29 -7.71
C LEU A 299 -24.82 11.64 -6.27
N LYS A 300 -26.12 11.51 -5.98
CA LYS A 300 -26.65 11.86 -4.67
C LYS A 300 -27.61 10.84 -4.09
N GLY A 301 -28.12 9.88 -4.88
CA GLY A 301 -29.06 8.91 -4.37
C GLY A 301 -28.53 7.49 -4.38
N SER A 302 -27.68 7.18 -5.36
CA SER A 302 -27.08 5.85 -5.46
C SER A 302 -25.77 5.82 -4.68
N VAL A 303 -25.60 4.78 -3.87
CA VAL A 303 -24.41 4.62 -3.05
C VAL A 303 -23.57 3.50 -3.64
N SER A 304 -22.26 3.62 -3.47
CA SER A 304 -21.31 2.61 -3.91
C SER A 304 -21.05 1.64 -2.75
N TRP A 305 -20.01 0.82 -2.90
CA TRP A 305 -19.65 -0.12 -1.85
C TRP A 305 -19.03 0.57 -0.65
N THR A 306 -18.38 1.72 -0.86
CA THR A 306 -17.67 2.41 0.20
C THR A 306 -18.50 3.51 0.86
N GLY A 307 -19.31 4.21 0.07
CA GLY A 307 -20.10 5.32 0.59
C GLY A 307 -19.83 6.62 -0.13
N LYS A 308 -19.31 6.52 -1.35
CA LYS A 308 -18.99 7.66 -2.20
C LYS A 308 -19.80 7.60 -3.49
N PRO A 309 -20.09 8.74 -4.12
CA PRO A 309 -20.84 8.73 -5.38
C PRO A 309 -20.02 8.15 -6.52
N VAL A 310 -20.74 7.67 -7.54
CA VAL A 310 -20.15 7.09 -8.74
C VAL A 310 -20.31 8.10 -9.87
N SER A 311 -19.21 8.73 -10.26
CA SER A 311 -19.22 9.72 -11.31
C SER A 311 -18.71 9.10 -12.61
N TYR A 312 -19.33 9.51 -13.72
CA TYR A 312 -18.92 9.06 -15.04
C TYR A 312 -18.19 10.21 -15.73
N TYR A 313 -17.46 9.87 -16.79
CA TYR A 313 -16.52 10.81 -17.42
C TYR A 313 -16.75 10.84 -18.91
N LEU A 314 -17.42 11.90 -19.39
CA LEU A 314 -17.59 12.12 -20.82
C LEU A 314 -16.24 12.43 -21.46
N HIS A 315 -16.02 11.94 -22.66
CA HIS A 315 -14.80 12.24 -23.40
C HIS A 315 -15.19 12.54 -24.83
N THR A 316 -15.13 13.81 -25.20
CA THR A 316 -15.42 14.22 -26.57
C THR A 316 -14.18 13.92 -27.42
N ILE A 317 -14.30 12.92 -28.29
CA ILE A 317 -13.16 12.45 -29.08
C ILE A 317 -12.83 13.49 -30.15
N ASP A 318 -11.59 13.98 -30.16
CA ASP A 318 -11.16 15.00 -31.09
C ASP A 318 -9.84 14.55 -31.73
N ARG A 319 -9.85 14.35 -33.04
CA ARG A 319 -8.59 14.35 -33.79
C ARG A 319 -8.24 15.75 -34.26
N THR A 320 -9.02 16.76 -33.89
CA THR A 320 -8.58 18.13 -34.06
C THR A 320 -7.38 18.43 -33.19
N ILE A 321 -7.34 17.85 -31.98
CA ILE A 321 -6.19 18.01 -31.10
C ILE A 321 -4.99 17.20 -31.60
N LEU A 322 -5.21 16.27 -32.52
CA LEU A 322 -4.10 15.60 -33.19
C LEU A 322 -3.40 16.54 -34.14
N GLU A 323 -4.12 16.99 -35.17
CA GLU A 323 -3.53 17.73 -36.30
C GLU A 323 -3.04 19.11 -35.91
N ASN A 324 -3.60 19.73 -34.88
CA ASN A 324 -3.21 21.06 -34.45
C ASN A 324 -1.96 21.05 -33.57
N TYR A 325 -1.26 19.91 -33.45
CA TYR A 325 -0.05 19.85 -32.66
C TYR A 325 1.08 19.03 -33.27
N PHE A 326 0.89 18.46 -34.46
CA PHE A 326 2.04 17.88 -35.16
C PHE A 326 3.00 18.97 -35.63
N SER A 327 2.47 20.13 -35.98
CA SER A 327 3.25 21.22 -36.57
C SER A 327 3.62 22.30 -35.58
N SER A 328 3.33 22.14 -34.30
CA SER A 328 3.68 23.16 -33.32
C SER A 328 5.18 23.16 -33.00
N LEU A 329 5.86 22.04 -33.23
CA LEU A 329 7.30 21.98 -33.01
C LEU A 329 8.10 22.45 -34.21
N LYS A 330 7.45 22.82 -35.31
CA LYS A 330 8.15 23.20 -36.53
C LYS A 330 8.15 24.70 -36.76
N ASN A 331 7.12 25.41 -36.29
CA ASN A 331 7.01 26.86 -36.40
C ASN A 331 7.84 27.53 -35.31
N PRO A 332 8.68 28.52 -35.66
CA PRO A 332 8.93 29.07 -37.00
C PRO A 332 9.98 28.32 -37.79
N LYS B 16 -24.81 -16.67 -5.64
CA LYS B 16 -25.44 -17.61 -6.57
C LYS B 16 -26.93 -17.72 -6.23
N ARG B 17 -27.25 -18.25 -5.04
CA ARG B 17 -28.62 -18.13 -4.54
C ARG B 17 -28.62 -17.75 -3.07
N HIS B 18 -27.51 -17.99 -2.38
CA HIS B 18 -27.32 -17.44 -1.04
C HIS B 18 -27.14 -15.94 -1.14
N ARG B 19 -28.00 -15.18 -0.47
CA ARG B 19 -28.03 -13.74 -0.66
C ARG B 19 -27.07 -13.08 0.32
N LYS B 20 -26.15 -12.29 -0.22
CA LYS B 20 -25.03 -11.69 0.52
C LYS B 20 -25.04 -10.18 0.34
N VAL B 21 -26.21 -9.58 0.57
CA VAL B 21 -26.43 -8.15 0.40
C VAL B 21 -26.67 -7.60 1.80
N LEU B 22 -25.86 -8.06 2.75
CA LEU B 22 -26.06 -7.86 4.18
C LEU B 22 -25.56 -6.49 4.64
N ARG B 23 -25.75 -5.48 3.77
CA ARG B 23 -25.14 -4.15 3.85
C ARG B 23 -25.37 -3.42 5.17
N ASP B 24 -26.47 -3.70 5.85
CA ASP B 24 -26.64 -3.23 7.22
C ASP B 24 -25.73 -4.10 8.08
N ASN B 25 -24.45 -3.76 8.16
CA ASN B 25 -23.53 -4.55 8.94
C ASN B 25 -22.55 -3.65 9.68
N ILE B 26 -22.75 -2.33 9.64
CA ILE B 26 -21.90 -1.45 10.41
C ILE B 26 -22.37 -1.35 11.85
N GLN B 27 -23.57 -1.86 12.16
CA GLN B 27 -24.10 -1.82 13.51
C GLN B 27 -23.41 -2.78 14.46
N GLY B 28 -22.49 -3.62 13.96
CA GLY B 28 -21.80 -4.55 14.83
C GLY B 28 -20.88 -3.88 15.83
N ILE B 29 -20.25 -2.79 15.42
CA ILE B 29 -19.46 -1.98 16.36
C ILE B 29 -20.44 -1.00 16.97
N THR B 30 -21.14 -1.47 18.00
CA THR B 30 -22.32 -0.79 18.51
C THR B 30 -22.01 0.14 19.67
N LYS B 31 -23.00 0.93 20.06
CA LYS B 31 -22.95 2.00 21.04
C LYS B 31 -22.43 1.59 22.43
N PRO B 32 -22.76 0.42 22.99
CA PRO B 32 -22.08 0.06 24.24
C PRO B 32 -20.69 -0.50 24.02
N ALA B 33 -20.43 -1.08 22.85
CA ALA B 33 -19.14 -1.72 22.61
C ALA B 33 -18.02 -0.70 22.55
N ILE B 34 -18.24 0.40 21.81
CA ILE B 34 -17.25 1.46 21.78
C ILE B 34 -17.13 2.14 23.12
N ARG B 35 -18.25 2.28 23.83
CA ARG B 35 -18.20 2.75 25.21
C ARG B 35 -17.44 1.75 26.07
N ARG B 36 -17.54 0.47 25.76
CA ARG B 36 -16.68 -0.48 26.44
C ARG B 36 -15.23 -0.40 25.98
N LEU B 37 -14.97 0.14 24.79
CA LEU B 37 -13.61 0.15 24.29
C LEU B 37 -12.78 1.24 24.95
N ALA B 38 -13.28 2.47 24.91
CA ALA B 38 -12.48 3.60 25.32
C ALA B 38 -12.21 3.62 26.83
N ARG B 39 -12.94 2.83 27.62
CA ARG B 39 -12.59 2.71 29.03
C ARG B 39 -11.25 2.05 29.20
N ARG B 40 -10.85 1.18 28.28
CA ARG B 40 -9.53 0.56 28.39
C ARG B 40 -8.44 1.58 28.19
N GLY B 41 -8.68 2.58 27.34
CA GLY B 41 -7.75 3.67 27.27
C GLY B 41 -7.81 4.60 28.45
N GLY B 42 -8.89 4.57 29.21
CA GLY B 42 -8.98 5.46 30.33
C GLY B 42 -9.39 6.86 29.95
N VAL B 43 -10.60 7.02 29.46
CA VAL B 43 -11.20 8.34 29.36
C VAL B 43 -12.31 8.40 30.39
N LYS B 44 -12.93 9.56 30.54
CA LYS B 44 -13.95 9.68 31.59
C LYS B 44 -15.33 9.98 31.04
N ARG B 45 -15.47 10.97 30.16
CA ARG B 45 -16.78 11.32 29.63
C ARG B 45 -16.74 11.34 28.11
N ILE B 46 -17.53 10.49 27.50
CA ILE B 46 -17.54 10.32 26.06
C ILE B 46 -18.62 11.19 25.46
N SER B 47 -18.26 12.01 24.47
CA SER B 47 -19.25 12.88 23.85
C SER B 47 -20.18 12.08 22.93
N GLY B 48 -21.20 12.76 22.44
CA GLY B 48 -22.26 12.07 21.73
C GLY B 48 -22.02 11.83 20.26
N LEU B 49 -21.07 12.54 19.66
CA LEU B 49 -20.88 12.47 18.23
C LEU B 49 -19.75 11.55 17.81
N ILE B 50 -19.14 10.84 18.76
CA ILE B 50 -18.01 9.97 18.43
C ILE B 50 -18.47 8.72 17.71
N TYR B 51 -19.72 8.32 17.90
CA TYR B 51 -20.18 7.03 17.38
C TYR B 51 -20.27 7.02 15.87
N GLU B 52 -20.56 8.16 15.25
CA GLU B 52 -20.63 8.25 13.80
C GLU B 52 -19.29 8.57 13.17
N GLU B 53 -18.22 8.57 13.95
CA GLU B 53 -16.88 8.83 13.47
C GLU B 53 -15.95 7.67 13.68
N THR B 54 -16.02 7.01 14.84
CA THR B 54 -15.18 5.86 15.09
C THR B 54 -15.57 4.70 14.18
N ARG B 55 -16.86 4.61 13.83
CA ARG B 55 -17.27 3.64 12.82
C ARG B 55 -16.67 3.96 11.47
N GLY B 56 -16.41 5.25 11.19
CA GLY B 56 -15.69 5.59 9.99
C GLY B 56 -14.21 5.32 10.05
N VAL B 57 -13.65 5.23 11.26
CA VAL B 57 -12.24 4.94 11.39
C VAL B 57 -11.97 3.48 11.09
N LEU B 58 -12.73 2.59 11.72
CA LEU B 58 -12.42 1.16 11.72
C LEU B 58 -12.56 0.55 10.34
N LYS B 59 -13.52 1.04 9.56
CA LYS B 59 -13.72 0.54 8.20
C LYS B 59 -12.60 0.95 7.27
N VAL B 60 -11.81 1.96 7.64
CA VAL B 60 -10.65 2.30 6.84
C VAL B 60 -9.50 1.35 7.14
N PHE B 61 -9.22 1.12 8.42
CA PHE B 61 -8.07 0.32 8.78
C PHE B 61 -8.23 -1.14 8.45
N LEU B 62 -9.46 -1.65 8.40
CA LEU B 62 -9.62 -2.98 7.84
C LEU B 62 -9.41 -2.97 6.34
N GLU B 63 -9.72 -1.86 5.69
CA GLU B 63 -9.59 -1.78 4.24
C GLU B 63 -8.16 -1.59 3.77
N ASN B 64 -7.17 -1.59 4.66
CA ASN B 64 -5.77 -1.61 4.27
C ASN B 64 -5.05 -2.83 4.82
N VAL B 65 -5.80 -3.80 5.32
CA VAL B 65 -5.24 -5.03 5.85
C VAL B 65 -5.74 -6.24 5.08
N ILE B 66 -7.06 -6.33 4.88
CA ILE B 66 -7.62 -7.38 4.05
C ILE B 66 -7.16 -7.22 2.61
N ARG B 67 -7.12 -5.98 2.12
CA ARG B 67 -6.75 -5.67 0.74
C ARG B 67 -5.31 -6.02 0.41
N ASP B 68 -4.47 -6.31 1.40
CA ASP B 68 -3.23 -7.01 1.14
C ASP B 68 -3.30 -8.48 1.50
N ALA B 69 -4.14 -8.85 2.47
CA ALA B 69 -4.20 -10.24 2.88
C ALA B 69 -4.84 -11.11 1.81
N VAL B 70 -5.73 -10.53 1.01
CA VAL B 70 -6.21 -11.24 -0.15
C VAL B 70 -5.10 -11.38 -1.18
N THR B 71 -4.28 -10.34 -1.33
CA THR B 71 -3.25 -10.32 -2.36
C THR B 71 -2.17 -11.33 -2.07
N TYR B 72 -1.85 -11.54 -0.80
CA TYR B 72 -0.91 -12.60 -0.46
C TYR B 72 -1.51 -13.98 -0.72
N THR B 73 -2.74 -14.21 -0.29
CA THR B 73 -3.32 -15.52 -0.45
C THR B 73 -3.87 -15.75 -1.84
N GLU B 74 -3.95 -14.72 -2.68
CA GLU B 74 -4.23 -15.00 -4.07
C GLU B 74 -3.00 -15.53 -4.77
N HIS B 75 -1.82 -15.23 -4.25
CA HIS B 75 -0.59 -15.46 -4.98
C HIS B 75 -0.23 -16.93 -5.05
N ALA B 76 -0.53 -17.69 -4.01
CA ALA B 76 -0.26 -19.11 -4.04
C ALA B 76 -1.35 -19.90 -4.73
N LYS B 77 -2.39 -19.22 -5.23
CA LYS B 77 -3.56 -19.82 -5.89
C LYS B 77 -4.28 -20.81 -4.97
N ARG B 78 -4.83 -20.29 -3.88
CA ARG B 78 -5.82 -21.00 -3.08
C ARG B 78 -6.85 -19.99 -2.62
N LYS B 79 -7.98 -20.48 -2.14
CA LYS B 79 -9.12 -19.59 -1.99
C LYS B 79 -9.48 -19.34 -0.54
N THR B 80 -8.47 -19.13 0.30
CA THR B 80 -8.69 -18.87 1.72
C THR B 80 -7.62 -17.92 2.22
N VAL B 81 -8.05 -16.81 2.81
CA VAL B 81 -7.09 -15.98 3.54
C VAL B 81 -6.73 -16.76 4.78
N THR B 82 -5.55 -17.36 4.80
CA THR B 82 -5.25 -18.19 5.94
C THR B 82 -4.82 -17.34 7.11
N ALA B 83 -4.76 -17.96 8.28
CA ALA B 83 -4.34 -17.25 9.47
C ALA B 83 -2.85 -16.97 9.51
N MET B 84 -2.08 -17.56 8.60
CA MET B 84 -0.67 -17.25 8.48
C MET B 84 -0.43 -16.05 7.58
N ASP B 85 -1.46 -15.52 6.95
CA ASP B 85 -1.26 -14.42 6.02
C ASP B 85 -1.77 -13.09 6.51
N VAL B 86 -2.53 -13.05 7.59
CA VAL B 86 -2.84 -11.76 8.21
C VAL B 86 -1.59 -11.18 8.84
N VAL B 87 -0.76 -12.04 9.43
CA VAL B 87 0.48 -11.58 10.07
C VAL B 87 1.45 -11.03 9.04
N TYR B 88 1.49 -11.62 7.85
CA TYR B 88 2.41 -11.13 6.85
C TYR B 88 1.91 -9.88 6.16
N ALA B 89 0.72 -9.41 6.47
CA ALA B 89 0.29 -8.12 5.95
C ALA B 89 0.39 -7.02 6.97
N LEU B 90 0.23 -7.35 8.25
CA LEU B 90 0.40 -6.33 9.28
C LEU B 90 1.86 -5.96 9.48
N LYS B 91 2.80 -6.80 9.02
CA LYS B 91 4.19 -6.51 9.27
C LYS B 91 4.69 -5.35 8.42
N ARG B 92 4.30 -5.31 7.16
CA ARG B 92 4.84 -4.28 6.29
C ARG B 92 4.13 -2.94 6.46
N GLN B 93 3.14 -2.86 7.35
CA GLN B 93 2.59 -1.56 7.71
C GLN B 93 3.20 -0.99 8.97
N GLY B 94 3.81 -1.81 9.81
CA GLY B 94 4.45 -1.34 11.00
C GLY B 94 3.81 -1.78 12.30
N ARG B 95 2.81 -2.65 12.27
CA ARG B 95 2.23 -3.20 13.48
C ARG B 95 2.48 -4.69 13.46
N THR B 96 3.60 -5.10 14.06
CA THR B 96 3.87 -6.52 14.24
C THR B 96 2.87 -7.12 15.22
N LEU B 97 2.60 -8.39 15.03
CA LEU B 97 1.68 -9.11 15.90
C LEU B 97 2.30 -10.47 16.18
N TYR B 98 2.70 -10.69 17.43
CA TYR B 98 3.18 -11.99 17.82
C TYR B 98 2.01 -12.89 18.16
N GLY B 99 2.30 -14.04 18.74
CA GLY B 99 1.27 -14.86 19.34
C GLY B 99 0.49 -15.72 18.38
N PHE B 100 0.82 -15.73 17.10
CA PHE B 100 0.14 -16.60 16.15
C PHE B 100 1.14 -17.34 15.27
N GLY B 101 2.31 -17.63 15.78
CA GLY B 101 3.28 -18.38 15.01
C GLY B 101 3.95 -17.58 13.92
N GLY B 102 4.02 -16.27 14.06
CA GLY B 102 4.61 -15.40 13.05
C GLY B 102 6.04 -14.97 13.29
N ARG C 11 26.18 -16.08 -35.86
CA ARG C 11 26.45 -14.73 -35.39
C ARG C 11 25.84 -13.71 -36.34
N ALA C 12 24.55 -13.46 -36.19
CA ALA C 12 23.79 -12.59 -37.07
C ALA C 12 23.89 -11.15 -36.57
N LYS C 13 23.02 -10.27 -37.07
CA LYS C 13 23.05 -8.87 -36.72
C LYS C 13 22.60 -8.67 -35.27
N ALA C 14 23.33 -7.83 -34.54
CA ALA C 14 23.14 -7.67 -33.11
C ALA C 14 21.83 -6.96 -32.81
N LYS C 15 21.30 -7.23 -31.63
CA LYS C 15 20.03 -6.63 -31.21
C LYS C 15 20.04 -6.47 -29.70
N THR C 16 19.74 -5.27 -29.23
CA THR C 16 19.69 -5.00 -27.81
C THR C 16 18.35 -5.41 -27.24
N ARG C 17 18.36 -5.80 -25.98
CA ARG C 17 17.14 -6.28 -25.35
C ARG C 17 16.17 -5.17 -25.02
N SER C 18 16.64 -3.94 -24.86
CA SER C 18 15.74 -2.83 -24.63
C SER C 18 14.97 -2.45 -25.88
N SER C 19 15.55 -2.66 -27.06
CA SER C 19 14.90 -2.25 -28.31
C SER C 19 13.68 -3.11 -28.61
N ARG C 20 13.74 -4.41 -28.27
CA ARG C 20 12.59 -5.27 -28.43
C ARG C 20 11.47 -4.91 -27.47
N ALA C 21 11.79 -4.23 -26.37
CA ALA C 21 10.75 -3.77 -25.48
C ALA C 21 10.12 -2.47 -25.96
N GLY C 22 10.86 -1.68 -26.74
CA GLY C 22 10.41 -0.33 -27.02
C GLY C 22 10.52 0.58 -25.81
N LEU C 23 11.49 0.32 -24.95
CA LEU C 23 11.70 1.07 -23.72
C LEU C 23 13.00 1.85 -23.79
N GLN C 24 13.29 2.57 -22.73
CA GLN C 24 14.50 3.37 -22.67
C GLN C 24 15.44 2.96 -21.55
N PHE C 25 14.92 2.44 -20.45
CA PHE C 25 15.79 2.07 -19.35
C PHE C 25 16.53 0.77 -19.66
N PRO C 26 17.73 0.62 -19.14
CA PRO C 26 18.53 -0.55 -19.48
C PRO C 26 18.00 -1.85 -18.90
N VAL C 27 17.50 -2.73 -19.77
CA VAL C 27 17.07 -4.02 -19.28
C VAL C 27 18.28 -4.88 -18.99
N GLY C 28 19.38 -4.67 -19.72
CA GLY C 28 20.56 -5.48 -19.51
C GLY C 28 21.23 -5.19 -18.18
N ARG C 29 21.26 -3.92 -17.79
CA ARG C 29 21.95 -3.54 -16.58
C ARG C 29 21.19 -4.02 -15.34
N VAL C 30 19.86 -3.96 -15.40
CA VAL C 30 19.04 -4.44 -14.29
C VAL C 30 19.22 -5.93 -14.10
N HIS C 31 19.32 -6.67 -15.21
CA HIS C 31 19.54 -8.11 -15.15
C HIS C 31 20.89 -8.45 -14.54
N ARG C 32 21.84 -7.54 -14.59
CA ARG C 32 23.08 -7.73 -13.87
C ARG C 32 22.90 -7.43 -12.39
N LEU C 33 21.88 -6.67 -12.01
CA LEU C 33 21.76 -6.29 -10.62
C LEU C 33 21.08 -7.36 -9.78
N LEU C 34 20.04 -8.00 -10.30
CA LEU C 34 19.32 -8.98 -9.51
C LEU C 34 20.12 -10.26 -9.29
N ARG C 35 21.12 -10.52 -10.11
CA ARG C 35 22.00 -11.63 -9.81
C ARG C 35 23.10 -11.26 -8.83
N LYS C 36 23.22 -9.97 -8.49
CA LYS C 36 24.26 -9.52 -7.58
C LYS C 36 23.67 -8.73 -6.42
N GLY C 37 22.50 -9.14 -5.95
CA GLY C 37 21.95 -8.59 -4.74
C GLY C 37 21.60 -9.72 -3.80
N ASN C 38 21.81 -10.93 -4.31
CA ASN C 38 21.41 -12.18 -3.67
C ASN C 38 19.94 -12.17 -3.29
N TYR C 39 19.12 -11.64 -4.19
CA TYR C 39 17.70 -11.57 -3.93
C TYR C 39 17.02 -12.93 -4.07
N SER C 40 17.63 -13.84 -4.81
CA SER C 40 17.23 -15.24 -4.80
C SER C 40 18.40 -16.06 -5.31
N GLU C 41 18.13 -17.32 -5.64
CA GLU C 41 19.13 -18.20 -6.22
C GLU C 41 19.15 -18.09 -7.73
N ARG C 42 17.99 -18.08 -8.36
CA ARG C 42 17.88 -17.99 -9.80
C ARG C 42 16.87 -16.90 -10.14
N VAL C 43 17.11 -16.21 -11.23
CA VAL C 43 16.27 -15.11 -11.67
C VAL C 43 15.65 -15.50 -13.01
N GLY C 44 14.32 -15.39 -13.10
CA GLY C 44 13.65 -15.75 -14.32
C GLY C 44 13.94 -14.81 -15.46
N ALA C 45 13.75 -15.32 -16.67
CA ALA C 45 14.11 -14.55 -17.86
C ALA C 45 13.11 -13.43 -18.12
N GLY C 46 11.84 -13.69 -17.90
CA GLY C 46 10.87 -12.67 -18.18
C GLY C 46 10.77 -11.58 -17.14
N ALA C 47 11.42 -11.75 -16.00
CA ALA C 47 11.25 -10.79 -14.90
C ALA C 47 11.83 -9.40 -15.20
N PRO C 48 13.11 -9.22 -15.55
CA PRO C 48 13.62 -7.85 -15.61
C PRO C 48 13.16 -7.08 -16.82
N VAL C 49 12.43 -7.69 -17.75
CA VAL C 49 11.65 -6.89 -18.69
C VAL C 49 10.58 -6.12 -17.93
N TYR C 50 9.86 -6.82 -17.07
CA TYR C 50 8.73 -6.22 -16.38
C TYR C 50 9.17 -5.16 -15.38
N LEU C 51 10.31 -5.35 -14.74
CA LEU C 51 10.77 -4.37 -13.78
C LEU C 51 11.20 -3.10 -14.48
N ALA C 52 11.75 -3.23 -15.69
CA ALA C 52 12.17 -2.06 -16.43
C ALA C 52 10.98 -1.28 -16.98
N ALA C 53 9.81 -1.89 -17.06
CA ALA C 53 8.66 -1.13 -17.50
C ALA C 53 8.15 -0.23 -16.40
N VAL C 54 8.15 -0.69 -15.15
CA VAL C 54 7.48 0.08 -14.12
C VAL C 54 8.34 1.27 -13.71
N LEU C 55 9.65 1.22 -13.94
CA LEU C 55 10.45 2.41 -13.72
C LEU C 55 10.28 3.44 -14.82
N GLU C 56 9.89 3.01 -16.03
CA GLU C 56 9.60 3.96 -17.07
C GLU C 56 8.36 4.77 -16.75
N TYR C 57 7.31 4.12 -16.29
CA TYR C 57 6.08 4.84 -16.00
C TYR C 57 6.24 5.73 -14.78
N LEU C 58 6.92 5.23 -13.76
CA LEU C 58 6.95 5.91 -12.48
C LEU C 58 7.96 7.04 -12.47
N THR C 59 8.83 7.14 -13.47
CA THR C 59 9.62 8.33 -13.61
C THR C 59 9.07 9.28 -14.66
N ALA C 60 8.08 8.83 -15.44
CA ALA C 60 7.35 9.74 -16.30
C ALA C 60 6.33 10.55 -15.54
N GLU C 61 5.85 10.05 -14.41
CA GLU C 61 4.87 10.82 -13.66
C GLU C 61 5.51 11.95 -12.90
N ILE C 62 6.79 11.83 -12.55
CA ILE C 62 7.47 12.93 -11.87
C ILE C 62 7.73 14.06 -12.85
N LEU C 63 8.37 13.75 -13.98
CA LEU C 63 8.89 14.81 -14.82
C LEU C 63 7.79 15.50 -15.62
N GLU C 64 6.71 14.79 -15.95
CA GLU C 64 5.55 15.46 -16.54
C GLU C 64 4.88 16.36 -15.52
N LEU C 65 4.89 15.97 -14.26
CA LEU C 65 4.40 16.85 -13.23
C LEU C 65 5.45 17.84 -12.75
N ALA C 66 6.73 17.63 -13.06
CA ALA C 66 7.74 18.60 -12.66
C ALA C 66 7.68 19.84 -13.54
N GLY C 67 7.94 19.66 -14.84
CA GLY C 67 8.10 20.77 -15.76
C GLY C 67 6.87 21.62 -15.95
N ASN C 68 5.68 21.05 -15.73
CA ASN C 68 4.47 21.85 -15.73
C ASN C 68 4.49 22.87 -14.60
N ALA C 69 4.97 22.46 -13.43
CA ALA C 69 5.18 23.43 -12.37
C ALA C 69 6.37 24.34 -12.66
N ALA C 70 7.28 23.92 -13.54
CA ALA C 70 8.37 24.80 -13.94
C ALA C 70 7.95 25.76 -15.04
N ARG C 71 6.96 25.37 -15.85
CA ARG C 71 6.48 26.25 -16.91
C ARG C 71 5.76 27.46 -16.35
N ASP C 72 5.11 27.30 -15.19
CA ASP C 72 4.37 28.40 -14.60
C ASP C 72 5.30 29.43 -13.97
N ASN C 73 6.52 29.03 -13.67
CA ASN C 73 7.49 29.92 -13.03
C ASN C 73 8.52 30.48 -13.99
N LYS C 74 8.42 30.11 -15.27
CA LYS C 74 9.18 30.70 -16.38
C LYS C 74 10.69 30.50 -16.23
N LYS C 75 11.07 29.23 -16.08
CA LYS C 75 12.46 28.83 -16.14
C LYS C 75 12.52 27.52 -16.93
N THR C 76 13.35 27.48 -17.97
CA THR C 76 13.36 26.32 -18.84
C THR C 76 14.19 25.17 -18.31
N ARG C 77 14.73 25.28 -17.10
CA ARG C 77 15.36 24.17 -16.43
C ARG C 77 14.52 23.75 -15.24
N ILE C 78 14.96 22.69 -14.57
CA ILE C 78 14.23 22.12 -13.43
C ILE C 78 15.18 22.14 -12.24
N ILE C 79 14.92 23.02 -11.30
CA ILE C 79 15.71 23.09 -10.08
C ILE C 79 15.03 22.22 -9.03
N PRO C 80 15.72 21.78 -7.97
CA PRO C 80 15.06 20.96 -6.95
C PRO C 80 13.98 21.68 -6.18
N ARG C 81 13.90 23.00 -6.25
CA ARG C 81 12.71 23.69 -5.78
C ARG C 81 11.49 23.27 -6.59
N HIS C 82 11.66 23.07 -7.89
CA HIS C 82 10.54 22.69 -8.74
C HIS C 82 10.13 21.24 -8.56
N LEU C 83 10.89 20.43 -7.81
CA LEU C 83 10.44 19.09 -7.56
C LEU C 83 9.57 18.99 -6.32
N GLN C 84 9.99 19.66 -5.24
CA GLN C 84 9.25 19.60 -3.98
C GLN C 84 7.89 20.25 -4.10
N LEU C 85 7.76 21.26 -4.94
CA LEU C 85 6.45 21.84 -5.18
C LEU C 85 5.59 21.00 -6.11
N ALA C 86 6.13 19.93 -6.67
CA ALA C 86 5.36 19.07 -7.54
C ALA C 86 5.02 17.73 -6.92
N ILE C 87 5.91 17.19 -6.09
CA ILE C 87 5.68 15.88 -5.52
C ILE C 87 4.58 15.94 -4.47
N ARG C 88 4.50 17.03 -3.73
CA ARG C 88 3.49 17.16 -2.70
C ARG C 88 2.21 17.79 -3.22
N ASN C 89 1.94 17.71 -4.52
CA ASN C 89 0.69 18.18 -5.08
C ASN C 89 -0.32 17.06 -5.22
N ASP C 90 0.01 16.02 -5.99
CA ASP C 90 -0.82 14.83 -6.05
C ASP C 90 -0.75 14.13 -4.71
N GLU C 91 -1.90 13.97 -4.06
CA GLU C 91 -1.90 13.28 -2.78
C GLU C 91 -1.69 11.79 -2.94
N GLU C 92 -1.81 11.27 -4.15
CA GLU C 92 -1.44 9.90 -4.42
C GLU C 92 0.06 9.67 -4.39
N LEU C 93 0.83 10.51 -5.06
CA LEU C 93 2.28 10.41 -5.00
C LEU C 93 2.85 10.79 -3.66
N ASN C 94 2.09 11.50 -2.83
CA ASN C 94 2.58 11.88 -1.52
C ASN C 94 2.70 10.70 -0.59
N LYS C 95 1.77 9.74 -0.68
CA LYS C 95 1.77 8.60 0.22
C LYS C 95 2.90 7.62 -0.08
N LEU C 96 3.48 7.67 -1.27
CA LEU C 96 4.60 6.80 -1.57
C LEU C 96 5.89 7.36 -0.99
N LEU C 97 6.08 8.67 -1.01
CA LEU C 97 7.30 9.28 -0.54
C LEU C 97 7.05 10.11 0.71
N GLY C 98 6.28 9.58 1.63
CA GLY C 98 5.89 10.32 2.81
C GLY C 98 6.98 10.57 3.82
N ARG C 99 8.14 9.96 3.67
CA ARG C 99 9.25 10.20 4.56
C ARG C 99 10.44 10.84 3.89
N VAL C 100 10.44 10.96 2.57
CA VAL C 100 11.57 11.55 1.89
C VAL C 100 11.56 13.05 2.07
N THR C 101 12.67 13.58 2.56
CA THR C 101 12.93 15.00 2.53
C THR C 101 13.94 15.27 1.41
N ILE C 102 13.51 15.98 0.38
CA ILE C 102 14.42 16.38 -0.67
C ILE C 102 15.38 17.41 -0.12
N ALA C 103 16.66 17.28 -0.46
CA ALA C 103 17.60 18.34 -0.14
C ALA C 103 17.26 19.58 -0.94
N GLN C 104 17.49 20.75 -0.32
CA GLN C 104 17.10 22.07 -0.85
C GLN C 104 15.62 22.11 -1.22
N GLY C 105 14.79 21.56 -0.36
CA GLY C 105 13.42 21.28 -0.74
C GLY C 105 12.43 22.39 -0.45
N GLY C 106 12.46 22.90 0.77
CA GLY C 106 11.46 23.88 1.17
C GLY C 106 10.15 23.20 1.47
N VAL C 107 9.15 24.01 1.80
CA VAL C 107 7.81 23.49 2.05
C VAL C 107 6.84 24.16 1.09
N LEU C 108 5.62 23.64 1.09
CA LEU C 108 4.56 24.19 0.28
C LEU C 108 4.11 25.53 0.85
N PRO C 109 3.52 26.40 0.05
CA PRO C 109 2.88 27.60 0.59
C PRO C 109 1.71 27.22 1.47
N ASN C 110 1.69 27.75 2.69
CA ASN C 110 0.80 27.23 3.71
C ASN C 110 0.64 28.25 4.82
N ILE C 111 -0.59 28.71 5.03
CA ILE C 111 -0.97 29.51 6.19
C ILE C 111 -2.20 28.86 6.80
N GLN C 112 -2.22 28.73 8.12
CA GLN C 112 -3.39 28.22 8.80
C GLN C 112 -4.51 29.27 8.78
N ALA C 113 -5.69 28.86 9.24
CA ALA C 113 -6.87 29.70 9.06
C ALA C 113 -6.92 30.88 10.02
N VAL C 114 -6.51 30.66 11.27
CA VAL C 114 -6.59 31.72 12.27
C VAL C 114 -5.55 32.80 11.99
N LEU C 115 -4.45 32.43 11.34
CA LEU C 115 -3.34 33.34 11.17
C LEU C 115 -3.62 34.43 10.15
N LEU C 116 -4.65 34.29 9.33
CA LEU C 116 -5.09 35.42 8.53
C LEU C 116 -5.62 36.52 9.44
N PRO C 117 -5.36 37.78 9.11
CA PRO C 117 -5.92 38.87 9.90
C PRO C 117 -7.42 38.94 9.73
N LYS C 118 -8.11 39.35 10.79
CA LYS C 118 -9.56 39.41 10.80
C LYS C 118 -10.00 40.85 10.97
N LYS C 119 -10.75 41.35 10.00
CA LYS C 119 -11.23 42.73 10.01
C LYS C 119 -12.32 42.91 11.05
N ARG D 31 42.57 3.05 -14.92
CA ARG D 31 41.49 3.63 -14.14
C ARG D 31 40.30 2.69 -14.05
N SER D 32 39.56 2.82 -12.95
CA SER D 32 38.34 2.06 -12.73
C SER D 32 37.13 2.97 -12.90
N ARG D 33 36.19 2.53 -13.70
CA ARG D 33 35.01 3.31 -14.05
C ARG D 33 33.89 3.01 -13.07
N LYS D 34 32.89 3.90 -13.06
CA LYS D 34 31.75 3.81 -12.16
C LYS D 34 30.53 4.31 -12.92
N GLU D 35 29.38 3.70 -12.61
CA GLU D 35 28.22 3.80 -13.49
C GLU D 35 26.98 4.16 -12.72
N SER D 36 26.12 4.94 -13.38
CA SER D 36 24.93 5.54 -12.80
C SER D 36 23.79 5.39 -13.79
N TYR D 37 22.71 6.12 -13.54
CA TYR D 37 21.54 6.07 -14.40
C TYR D 37 21.32 7.37 -15.16
N SER D 38 22.26 8.29 -15.12
CA SER D 38 21.98 9.66 -15.53
C SER D 38 21.82 9.81 -17.03
N VAL D 39 22.35 8.89 -17.81
CA VAL D 39 22.21 9.02 -19.26
C VAL D 39 20.81 8.64 -19.70
N TYR D 40 20.18 7.69 -19.01
CA TYR D 40 18.91 7.19 -19.49
C TYR D 40 17.76 8.10 -19.11
N VAL D 41 17.83 8.74 -17.95
CA VAL D 41 16.74 9.59 -17.49
C VAL D 41 16.62 10.81 -18.39
N TYR D 42 17.73 11.26 -18.97
CA TYR D 42 17.69 12.38 -19.89
C TYR D 42 17.00 12.01 -21.19
N LYS D 43 17.09 10.75 -21.61
CA LYS D 43 16.36 10.32 -22.78
C LYS D 43 14.86 10.30 -22.55
N VAL D 44 14.43 10.10 -21.29
CA VAL D 44 13.01 10.13 -20.99
C VAL D 44 12.46 11.51 -21.19
N LEU D 45 13.27 12.54 -20.90
CA LEU D 45 12.77 13.90 -20.89
C LEU D 45 12.43 14.42 -22.28
N LYS D 46 13.03 13.87 -23.33
CA LYS D 46 12.64 14.28 -24.67
C LYS D 46 11.24 13.77 -25.03
N GLN D 47 10.83 12.64 -24.46
CA GLN D 47 9.51 12.11 -24.76
C GLN D 47 8.41 12.69 -23.88
N VAL D 48 8.65 13.81 -23.19
CA VAL D 48 7.60 14.53 -22.49
C VAL D 48 7.62 16.02 -22.82
N HIS D 49 8.76 16.68 -22.60
CA HIS D 49 8.94 18.08 -22.98
C HIS D 49 10.22 18.16 -23.78
N PRO D 50 10.15 18.22 -25.10
CA PRO D 50 11.36 18.08 -25.92
C PRO D 50 12.17 19.37 -26.04
N ASP D 51 11.95 20.33 -25.15
CA ASP D 51 12.67 21.58 -25.18
C ASP D 51 13.46 21.86 -23.90
N THR D 52 13.07 21.31 -22.77
CA THR D 52 13.60 21.73 -21.49
C THR D 52 14.95 21.08 -21.21
N GLY D 53 15.47 21.33 -20.01
CA GLY D 53 16.72 20.74 -19.58
C GLY D 53 16.70 20.56 -18.07
N ILE D 54 17.69 19.84 -17.57
CA ILE D 54 17.79 19.53 -16.15
C ILE D 54 19.18 19.90 -15.67
N SER D 55 19.26 20.69 -14.61
CA SER D 55 20.54 21.05 -14.04
C SER D 55 21.22 19.83 -13.43
N SER D 56 22.55 19.86 -13.38
CA SER D 56 23.31 18.72 -12.93
C SER D 56 23.17 18.48 -11.43
N LYS D 57 22.70 19.48 -10.70
CA LYS D 57 22.43 19.28 -9.29
C LYS D 57 21.19 18.42 -9.10
N ALA D 58 20.19 18.58 -9.96
CA ALA D 58 18.93 17.85 -9.83
C ALA D 58 18.99 16.44 -10.37
N MET D 59 20.02 16.09 -11.14
CA MET D 59 20.11 14.72 -11.61
C MET D 59 20.43 13.77 -10.47
N GLY D 60 21.09 14.28 -9.43
CA GLY D 60 21.44 13.45 -8.29
C GLY D 60 20.23 13.00 -7.50
N ILE D 61 19.13 13.75 -7.58
CA ILE D 61 17.88 13.28 -7.01
C ILE D 61 17.38 12.07 -7.78
N MET D 62 17.25 12.20 -9.10
CA MET D 62 16.78 11.09 -9.90
C MET D 62 17.80 9.96 -9.96
N ASN D 63 19.08 10.25 -9.73
CA ASN D 63 20.03 9.17 -9.57
C ASN D 63 19.78 8.44 -8.26
N SER D 64 19.32 9.16 -7.24
CA SER D 64 19.02 8.54 -5.98
C SER D 64 17.56 8.28 -5.79
N PHE D 65 16.77 8.35 -6.85
CA PHE D 65 15.37 8.04 -6.74
C PHE D 65 15.04 6.67 -7.28
N VAL D 66 15.68 6.26 -8.37
CA VAL D 66 15.44 4.93 -8.89
C VAL D 66 16.10 3.89 -8.01
N ASN D 67 17.24 4.21 -7.40
CA ASN D 67 17.89 3.25 -6.53
C ASN D 67 17.33 3.25 -5.13
N ASP D 68 16.15 3.81 -4.93
CA ASP D 68 15.38 3.59 -3.73
C ASP D 68 14.13 2.78 -3.99
N ILE D 69 13.47 3.00 -5.12
CA ILE D 69 12.32 2.20 -5.45
C ILE D 69 12.75 0.78 -5.81
N PHE D 70 13.80 0.67 -6.61
CA PHE D 70 14.34 -0.63 -7.01
C PHE D 70 14.85 -1.42 -5.82
N GLU D 71 15.28 -0.73 -4.77
CA GLU D 71 15.51 -1.40 -3.50
C GLU D 71 14.24 -1.96 -2.91
N ARG D 72 13.15 -1.21 -2.94
CA ARG D 72 11.95 -1.68 -2.26
C ARG D 72 11.27 -2.79 -3.03
N ILE D 73 11.20 -2.68 -4.35
CA ILE D 73 10.39 -3.61 -5.13
C ILE D 73 11.03 -4.99 -5.17
N ALA D 74 12.28 -5.07 -5.62
CA ALA D 74 12.94 -6.37 -5.64
C ALA D 74 13.22 -6.87 -4.24
N GLY D 75 13.40 -5.96 -3.29
CA GLY D 75 13.46 -6.36 -1.89
C GLY D 75 12.16 -6.87 -1.35
N GLU D 76 11.05 -6.63 -2.03
CA GLU D 76 9.78 -7.17 -1.59
C GLU D 76 9.49 -8.53 -2.19
N ALA D 77 9.97 -8.79 -3.39
CA ALA D 77 9.78 -10.12 -3.97
C ALA D 77 10.61 -11.17 -3.25
N SER D 78 11.74 -10.77 -2.68
CA SER D 78 12.61 -11.74 -2.05
C SER D 78 12.01 -12.28 -0.76
N ARG D 79 11.29 -11.45 -0.02
CA ARG D 79 10.53 -11.93 1.13
C ARG D 79 9.17 -12.45 0.75
N LEU D 80 8.90 -12.59 -0.54
CA LEU D 80 7.70 -13.21 -1.02
C LEU D 80 7.95 -14.61 -1.58
N ALA D 81 9.19 -14.89 -1.99
CA ALA D 81 9.48 -16.25 -2.44
C ALA D 81 9.49 -17.24 -1.29
N HIS D 82 9.67 -16.78 -0.06
CA HIS D 82 9.66 -17.71 1.06
C HIS D 82 8.26 -18.12 1.44
N TYR D 83 7.29 -17.22 1.33
CA TYR D 83 5.95 -17.56 1.79
C TYR D 83 5.23 -18.50 0.84
N ASN D 84 5.81 -18.78 -0.32
CA ASN D 84 5.37 -19.88 -1.14
C ASN D 84 6.49 -20.88 -1.32
N LYS D 85 7.65 -20.61 -0.72
CA LYS D 85 8.71 -21.58 -0.44
C LYS D 85 9.36 -22.08 -1.73
N ARG D 86 9.36 -21.23 -2.74
CA ARG D 86 9.95 -21.53 -4.04
C ARG D 86 11.40 -21.06 -4.05
N SER D 87 12.00 -21.02 -5.23
CA SER D 87 13.37 -20.56 -5.33
C SER D 87 13.64 -19.76 -6.61
N THR D 88 12.62 -19.24 -7.26
CA THR D 88 12.79 -18.54 -8.54
C THR D 88 11.92 -17.30 -8.56
N ILE D 89 12.52 -16.12 -8.49
CA ILE D 89 11.79 -14.87 -8.65
C ILE D 89 11.52 -14.71 -10.15
N THR D 90 10.28 -14.92 -10.54
CA THR D 90 9.91 -14.93 -11.95
C THR D 90 9.23 -13.62 -12.32
N SER D 91 8.65 -13.57 -13.52
CA SER D 91 7.92 -12.39 -13.99
C SER D 91 6.53 -12.28 -13.39
N ARG D 92 6.22 -12.99 -12.32
CA ARG D 92 4.92 -12.83 -11.69
C ARG D 92 4.98 -12.21 -10.31
N GLU D 93 6.05 -12.46 -9.55
CA GLU D 93 6.11 -11.88 -8.22
C GLU D 93 6.48 -10.41 -8.25
N ILE D 94 6.98 -9.91 -9.38
CA ILE D 94 7.04 -8.47 -9.53
C ILE D 94 5.64 -7.90 -9.61
N GLN D 95 4.73 -8.61 -10.28
CA GLN D 95 3.37 -8.14 -10.41
C GLN D 95 2.63 -8.21 -9.08
N THR D 96 3.04 -9.11 -8.20
CA THR D 96 2.40 -9.13 -6.89
C THR D 96 2.93 -8.00 -6.03
N ALA D 97 4.23 -7.74 -6.09
CA ALA D 97 4.81 -6.73 -5.22
C ALA D 97 4.46 -5.32 -5.66
N VAL D 98 4.17 -5.12 -6.95
CA VAL D 98 3.83 -3.79 -7.43
C VAL D 98 2.49 -3.36 -6.89
N ARG D 99 1.51 -4.27 -6.87
CA ARG D 99 0.20 -3.94 -6.34
C ARG D 99 0.19 -3.85 -4.81
N LEU D 100 1.29 -4.15 -4.14
CA LEU D 100 1.38 -3.94 -2.71
C LEU D 100 1.97 -2.58 -2.38
N LEU D 101 3.13 -2.27 -2.95
CA LEU D 101 3.86 -1.08 -2.56
C LEU D 101 3.19 0.19 -3.05
N LEU D 102 2.90 0.26 -4.30
CA LEU D 102 2.29 1.47 -4.81
C LEU D 102 0.80 1.48 -4.47
N PRO D 103 0.23 2.64 -4.20
CA PRO D 103 -1.19 2.67 -3.82
C PRO D 103 -2.11 2.47 -5.00
N GLY D 104 -3.42 2.58 -4.75
CA GLY D 104 -4.40 2.03 -5.69
C GLY D 104 -4.54 2.84 -6.96
N GLU D 105 -4.23 4.13 -6.90
CA GLU D 105 -4.45 4.98 -8.06
C GLU D 105 -3.42 4.71 -9.14
N LEU D 106 -2.15 4.68 -8.76
CA LEU D 106 -1.08 4.35 -9.70
C LEU D 106 -0.97 2.86 -9.94
N ALA D 107 -1.74 2.05 -9.24
CA ALA D 107 -1.72 0.62 -9.46
C ALA D 107 -2.23 0.29 -10.86
N LYS D 108 -3.46 0.67 -11.15
CA LYS D 108 -4.21 0.28 -12.34
C LYS D 108 -3.65 0.82 -13.65
N HIS D 109 -2.59 1.63 -13.61
CA HIS D 109 -1.85 1.94 -14.82
C HIS D 109 -0.53 1.22 -14.89
N ALA D 110 0.04 0.83 -13.75
CA ALA D 110 1.37 0.26 -13.75
C ALA D 110 1.36 -1.16 -14.29
N VAL D 111 0.37 -1.96 -13.90
CA VAL D 111 0.28 -3.33 -14.39
C VAL D 111 0.01 -3.38 -15.87
N SER D 112 -0.67 -2.37 -16.41
CA SER D 112 -0.87 -2.32 -17.85
C SER D 112 0.44 -2.04 -18.57
N GLU D 113 1.28 -1.18 -18.00
CA GLU D 113 2.49 -0.75 -18.68
C GLU D 113 3.56 -1.83 -18.70
N GLY D 114 3.41 -2.86 -17.89
CA GLY D 114 4.35 -3.96 -17.96
C GLY D 114 3.82 -5.08 -18.83
N THR D 115 2.52 -5.38 -18.65
CA THR D 115 1.91 -6.48 -19.39
C THR D 115 1.87 -6.20 -20.88
N LYS D 116 1.75 -4.93 -21.25
CA LYS D 116 1.87 -4.57 -22.66
C LYS D 116 3.29 -4.79 -23.14
N ALA D 117 4.27 -4.63 -22.26
CA ALA D 117 5.66 -4.77 -22.68
C ALA D 117 6.04 -6.23 -22.87
N VAL D 118 5.60 -7.10 -21.95
CA VAL D 118 6.01 -8.50 -21.99
C VAL D 118 5.38 -9.19 -23.19
N THR D 119 4.16 -8.79 -23.55
CA THR D 119 3.50 -9.32 -24.74
C THR D 119 4.26 -8.96 -26.00
N LYS D 120 4.97 -7.84 -26.01
CA LYS D 120 5.90 -7.58 -27.11
C LYS D 120 7.11 -8.49 -27.02
N TYR D 121 7.54 -8.82 -25.81
CA TYR D 121 8.80 -9.55 -25.68
C TYR D 121 8.66 -11.03 -26.00
N THR D 122 7.48 -11.61 -25.84
CA THR D 122 7.31 -13.02 -26.19
C THR D 122 7.33 -13.20 -27.71
N SER D 123 6.56 -12.39 -28.42
CA SER D 123 6.59 -12.39 -29.88
C SER D 123 7.78 -11.55 -30.30
N ALA D 124 8.96 -12.18 -30.33
CA ALA D 124 10.19 -11.51 -30.67
C ALA D 124 11.19 -12.52 -31.19
N LYS E 37 -33.57 8.55 48.54
CA LYS E 37 -33.65 7.25 49.21
C LYS E 37 -33.14 6.03 48.41
N PRO E 38 -33.34 5.95 47.08
CA PRO E 38 -32.54 5.00 46.32
C PRO E 38 -31.09 5.43 46.30
N HIS E 39 -30.21 4.45 46.14
CA HIS E 39 -28.77 4.72 46.11
C HIS E 39 -28.40 5.22 44.72
N ARG E 40 -28.08 6.51 44.62
CA ARG E 40 -27.63 7.08 43.36
C ARG E 40 -26.22 7.62 43.55
N TYR E 41 -25.28 7.08 42.78
CA TYR E 41 -23.94 7.62 42.79
C TYR E 41 -23.92 8.97 42.09
N ARG E 42 -23.06 9.85 42.58
CA ARG E 42 -22.81 11.08 41.86
C ARG E 42 -22.16 10.75 40.53
N PRO E 43 -22.53 11.42 39.44
CA PRO E 43 -21.95 11.09 38.13
C PRO E 43 -20.46 11.38 38.08
N GLY E 44 -19.74 10.47 37.46
CA GLY E 44 -18.30 10.54 37.42
C GLY E 44 -17.63 9.36 38.09
N THR E 45 -18.15 8.92 39.23
CA THR E 45 -17.49 7.87 40.00
C THR E 45 -18.11 6.51 39.76
N VAL E 46 -18.86 6.34 38.69
CA VAL E 46 -19.22 4.99 38.27
C VAL E 46 -18.23 4.46 37.25
N ALA E 47 -17.81 5.34 36.34
CA ALA E 47 -16.84 4.96 35.33
C ALA E 47 -15.49 4.63 35.94
N LEU E 48 -15.14 5.31 37.03
CA LEU E 48 -13.86 5.06 37.67
C LEU E 48 -13.79 3.74 38.42
N ARG E 49 -14.87 2.98 38.47
CA ARG E 49 -14.72 1.58 38.81
C ARG E 49 -14.42 0.75 37.57
N GLU E 50 -15.00 1.14 36.44
CA GLU E 50 -14.79 0.39 35.21
C GLU E 50 -13.37 0.50 34.70
N ILE E 51 -12.73 1.66 34.90
CA ILE E 51 -11.33 1.79 34.55
C ILE E 51 -10.49 0.89 35.44
N ARG E 52 -10.90 0.70 36.68
CA ARG E 52 -10.27 -0.31 37.51
C ARG E 52 -10.69 -1.72 37.10
N ARG E 53 -11.78 -1.86 36.38
CA ARG E 53 -12.32 -3.18 36.08
C ARG E 53 -11.89 -3.71 34.72
N TYR E 54 -11.67 -2.83 33.75
CA TYR E 54 -11.31 -3.27 32.41
C TYR E 54 -9.82 -3.25 32.14
N GLN E 55 -9.07 -2.40 32.84
CA GLN E 55 -7.62 -2.36 32.66
C GLN E 55 -6.92 -3.51 33.35
N LYS E 56 -7.64 -4.33 34.10
CA LYS E 56 -7.04 -5.53 34.67
C LYS E 56 -7.25 -6.75 33.79
N SER E 57 -8.27 -6.75 32.95
CA SER E 57 -8.65 -7.95 32.24
C SER E 57 -8.10 -8.00 30.84
N THR E 58 -7.98 -9.21 30.30
CA THR E 58 -7.62 -9.43 28.91
C THR E 58 -8.72 -10.17 28.19
N GLU E 59 -9.96 -9.75 28.37
CA GLU E 59 -11.04 -10.27 27.57
C GLU E 59 -11.14 -9.47 26.29
N LEU E 60 -11.49 -10.17 25.20
CA LEU E 60 -11.77 -9.49 23.96
C LEU E 60 -13.04 -8.67 24.10
N LEU E 61 -12.96 -7.38 23.81
CA LEU E 61 -14.07 -6.51 24.16
C LEU E 61 -15.24 -6.66 23.19
N ILE E 62 -14.97 -6.62 21.89
CA ILE E 62 -16.04 -6.67 20.90
C ILE E 62 -16.59 -8.09 20.84
N ARG E 63 -17.91 -8.19 20.61
CA ARG E 63 -18.56 -9.48 20.40
C ARG E 63 -17.95 -10.20 19.20
N LYS E 64 -17.91 -11.53 19.28
CA LYS E 64 -17.21 -12.30 18.25
C LYS E 64 -18.02 -12.41 16.97
N LEU E 65 -19.25 -12.89 17.06
CA LEU E 65 -20.03 -13.12 15.85
C LEU E 65 -20.45 -11.88 15.09
N PRO E 66 -20.83 -10.74 15.69
CA PRO E 66 -21.06 -9.55 14.87
C PRO E 66 -19.81 -9.04 14.20
N PHE E 67 -18.65 -9.24 14.78
CA PHE E 67 -17.44 -8.86 14.09
C PHE E 67 -17.12 -9.84 12.96
N GLN E 68 -17.50 -11.10 13.11
CA GLN E 68 -17.20 -12.08 12.07
C GLN E 68 -18.04 -11.86 10.83
N ARG E 69 -19.23 -11.27 10.98
CA ARG E 69 -19.99 -10.94 9.79
C ARG E 69 -19.38 -9.74 9.07
N LEU E 70 -18.76 -8.82 9.81
CA LEU E 70 -18.27 -7.60 9.20
C LEU E 70 -17.08 -7.86 8.29
N VAL E 71 -16.27 -8.87 8.61
CA VAL E 71 -15.07 -9.14 7.82
C VAL E 71 -15.46 -9.64 6.44
N ARG E 72 -16.52 -10.43 6.35
CA ARG E 72 -16.92 -10.98 5.07
C ARG E 72 -17.50 -9.91 4.16
N GLU E 73 -18.22 -8.94 4.72
CA GLU E 73 -18.79 -7.90 3.89
C GLU E 73 -17.78 -6.83 3.51
N ILE E 74 -16.51 -6.99 3.86
CA ILE E 74 -15.46 -6.17 3.27
C ILE E 74 -14.65 -6.99 2.27
N ALA E 75 -14.57 -8.30 2.47
CA ALA E 75 -14.02 -9.16 1.43
C ALA E 75 -14.96 -9.28 0.25
N GLN E 76 -16.24 -8.94 0.43
CA GLN E 76 -17.23 -9.02 -0.63
C GLN E 76 -16.96 -8.06 -1.78
N ASP E 77 -16.22 -6.98 -1.54
CA ASP E 77 -16.11 -5.94 -2.55
C ASP E 77 -15.17 -6.34 -3.68
N PHE E 78 -14.03 -6.94 -3.35
CA PHE E 78 -13.06 -7.19 -4.41
C PHE E 78 -12.50 -8.61 -4.34
N LYS E 79 -13.35 -9.58 -4.06
CA LYS E 79 -13.04 -10.98 -4.30
C LYS E 79 -14.34 -11.75 -4.44
N THR E 80 -14.29 -12.79 -5.26
CA THR E 80 -15.50 -13.52 -5.60
C THR E 80 -16.02 -14.34 -4.42
N ASP E 81 -15.16 -15.16 -3.83
CA ASP E 81 -15.56 -15.98 -2.70
C ASP E 81 -14.33 -16.31 -1.88
N LEU E 82 -14.41 -16.12 -0.57
CA LEU E 82 -13.31 -16.49 0.30
C LEU E 82 -13.82 -17.31 1.46
N ARG E 83 -12.90 -18.01 2.11
CA ARG E 83 -13.28 -19.03 3.07
C ARG E 83 -12.90 -18.70 4.50
N PHE E 84 -11.76 -18.01 4.72
CA PHE E 84 -11.39 -17.42 6.00
C PHE E 84 -11.28 -18.41 7.16
N GLN E 85 -10.25 -19.25 7.15
CA GLN E 85 -9.89 -20.14 8.26
C GLN E 85 -9.95 -19.42 9.60
N SER E 86 -10.59 -20.06 10.58
CA SER E 86 -11.21 -19.32 11.67
C SER E 86 -10.21 -18.70 12.64
N SER E 87 -8.97 -19.13 12.62
CA SER E 87 -8.00 -18.48 13.49
C SER E 87 -7.56 -17.13 12.96
N ALA E 88 -7.84 -16.83 11.69
CA ALA E 88 -7.56 -15.50 11.18
C ALA E 88 -8.53 -14.47 11.72
N VAL E 89 -9.79 -14.85 11.90
CA VAL E 89 -10.73 -13.91 12.47
C VAL E 89 -10.46 -13.70 13.95
N MET E 90 -9.92 -14.70 14.62
CA MET E 90 -9.39 -14.48 15.96
C MET E 90 -8.11 -13.65 15.93
N ALA E 91 -7.46 -13.54 14.78
CA ALA E 91 -6.25 -12.73 14.66
C ALA E 91 -6.54 -11.31 14.22
N LEU E 92 -7.46 -11.12 13.27
CA LEU E 92 -7.79 -9.79 12.81
C LEU E 92 -8.51 -8.97 13.85
N GLN E 93 -9.12 -9.62 14.84
CA GLN E 93 -9.72 -8.87 15.93
C GLN E 93 -8.66 -8.19 16.78
N GLU E 94 -7.48 -8.80 16.88
CA GLU E 94 -6.45 -8.27 17.77
C GLU E 94 -5.89 -6.96 17.24
N ALA E 95 -5.86 -6.80 15.93
CA ALA E 95 -5.44 -5.54 15.34
C ALA E 95 -6.60 -4.61 15.06
N CYS E 96 -7.77 -4.87 15.64
CA CYS E 96 -8.80 -3.86 15.75
C CYS E 96 -8.95 -3.35 17.17
N GLU E 97 -8.01 -3.70 18.05
CA GLU E 97 -7.94 -3.13 19.37
C GLU E 97 -6.71 -2.25 19.51
N ALA E 98 -5.54 -2.78 19.18
CA ALA E 98 -4.29 -2.03 19.25
C ALA E 98 -4.21 -0.91 18.24
N TYR E 99 -5.13 -0.83 17.29
CA TYR E 99 -5.33 0.42 16.58
C TYR E 99 -6.40 1.29 17.24
N LEU E 100 -7.40 0.69 17.88
CA LEU E 100 -8.39 1.54 18.51
C LEU E 100 -7.95 2.00 19.90
N VAL E 101 -7.42 1.08 20.71
CA VAL E 101 -7.08 1.43 22.08
C VAL E 101 -5.89 2.39 22.10
N GLY E 102 -4.91 2.14 21.24
CA GLY E 102 -3.79 3.05 21.11
C GLY E 102 -4.17 4.41 20.59
N LEU E 103 -5.30 4.52 19.91
CA LEU E 103 -5.80 5.84 19.55
C LEU E 103 -6.40 6.52 20.77
N PHE E 104 -7.20 5.80 21.56
CA PHE E 104 -7.92 6.44 22.66
C PHE E 104 -7.01 6.78 23.82
N GLU E 105 -5.87 6.10 23.95
CA GLU E 105 -4.89 6.58 24.91
C GLU E 105 -4.21 7.84 24.44
N ASP E 106 -4.21 8.12 23.14
CA ASP E 106 -3.61 9.34 22.63
C ASP E 106 -4.61 10.46 22.45
N THR E 107 -5.87 10.16 22.13
CA THR E 107 -6.82 11.24 21.96
C THR E 107 -7.26 11.82 23.29
N ASN E 108 -6.97 11.14 24.39
CA ASN E 108 -7.27 11.71 25.69
C ASN E 108 -6.33 12.84 26.03
N LEU E 109 -5.08 12.74 25.58
CA LEU E 109 -4.06 13.71 25.97
C LEU E 109 -4.34 15.09 25.40
N CYS E 110 -4.88 15.16 24.19
CA CYS E 110 -5.26 16.44 23.63
C CYS E 110 -6.51 17.02 24.27
N ALA E 111 -7.38 16.19 24.82
CA ALA E 111 -8.55 16.73 25.48
C ALA E 111 -8.20 17.34 26.83
N ILE E 112 -7.21 16.79 27.52
CA ILE E 112 -6.71 17.42 28.74
C ILE E 112 -6.02 18.72 28.40
N HIS E 113 -5.47 18.80 27.19
CA HIS E 113 -4.63 19.91 26.80
C HIS E 113 -5.38 21.22 26.71
N ALA E 114 -6.67 21.17 26.39
CA ALA E 114 -7.46 22.39 26.26
C ALA E 114 -8.29 22.68 27.50
N LYS E 115 -7.85 22.19 28.67
CA LYS E 115 -8.52 22.36 29.95
C LYS E 115 -9.96 21.83 29.93
N ARG E 116 -10.16 20.72 29.23
CA ARG E 116 -11.44 20.06 29.14
C ARG E 116 -11.26 18.60 29.54
N VAL E 117 -12.37 17.86 29.59
CA VAL E 117 -12.33 16.46 29.97
C VAL E 117 -12.93 15.56 28.89
N THR E 118 -14.08 15.95 28.35
CA THR E 118 -14.75 15.12 27.34
C THR E 118 -14.01 15.17 26.02
N ILE E 119 -13.74 14.01 25.45
CA ILE E 119 -13.10 13.96 24.15
C ILE E 119 -14.14 14.31 23.08
N MET E 120 -13.67 14.78 21.94
CA MET E 120 -14.50 15.48 20.98
C MET E 120 -14.27 14.91 19.58
N PRO E 121 -15.16 15.18 18.63
CA PRO E 121 -14.88 14.77 17.25
C PRO E 121 -13.69 15.48 16.64
N LYS E 122 -13.41 16.71 17.04
CA LYS E 122 -12.24 17.41 16.53
C LYS E 122 -10.99 17.14 17.35
N ASP E 123 -11.03 16.17 18.27
CA ASP E 123 -9.80 15.70 18.89
C ASP E 123 -9.21 14.52 18.15
N ILE E 124 -10.05 13.61 17.65
CA ILE E 124 -9.54 12.49 16.86
C ILE E 124 -8.93 13.01 15.57
N GLN E 125 -9.59 13.97 14.93
CA GLN E 125 -9.09 14.54 13.69
C GLN E 125 -7.82 15.33 13.87
N LEU E 126 -7.45 15.68 15.10
CA LEU E 126 -6.09 16.16 15.33
C LEU E 126 -5.15 15.00 15.62
N ALA E 127 -5.55 14.11 16.54
CA ALA E 127 -4.65 13.08 17.01
C ALA E 127 -4.38 12.03 15.94
N ARG E 128 -5.24 11.92 14.95
CA ARG E 128 -4.88 11.07 13.84
C ARG E 128 -3.88 11.77 12.93
N ARG E 129 -3.94 13.10 12.85
CA ARG E 129 -3.19 13.82 11.84
C ARG E 129 -1.71 13.88 12.17
N ILE E 130 -1.36 14.04 13.44
CA ILE E 130 0.05 14.11 13.80
C ILE E 130 0.70 12.75 13.66
N ARG E 131 -0.07 11.68 13.77
CA ARG E 131 0.47 10.35 13.57
C ARG E 131 0.85 10.11 12.11
N GLY E 132 0.23 10.80 11.17
CA GLY E 132 0.63 10.63 9.80
C GLY E 132 -0.09 9.51 9.10
N GLU E 133 -1.40 9.61 8.99
CA GLU E 133 -2.15 8.69 8.16
C GLU E 133 -2.91 9.45 7.07
N LYS F 37 5.82 59.38 15.64
CA LYS F 37 5.48 59.99 14.35
C LYS F 37 6.08 59.25 13.12
N PRO F 38 7.31 58.71 13.19
CA PRO F 38 7.66 57.66 12.23
C PRO F 38 6.74 56.46 12.43
N HIS F 39 6.02 56.09 11.39
CA HIS F 39 4.82 55.27 11.53
C HIS F 39 5.18 53.82 11.84
N ARG F 40 5.01 53.46 13.11
CA ARG F 40 5.05 52.07 13.51
C ARG F 40 3.87 51.31 12.92
N TYR F 41 4.11 50.08 12.47
CA TYR F 41 3.01 49.23 12.04
C TYR F 41 2.27 48.69 13.26
N ARG F 42 1.12 48.08 13.00
CA ARG F 42 0.51 47.27 14.03
C ARG F 42 1.30 45.99 14.19
N PRO F 43 1.42 45.45 15.41
CA PRO F 43 2.19 44.23 15.59
C PRO F 43 1.48 43.04 14.96
N GLY F 44 2.28 42.10 14.48
CA GLY F 44 1.73 40.97 13.79
C GLY F 44 1.50 41.20 12.32
N THR F 45 2.25 42.12 11.72
CA THR F 45 2.24 42.27 10.28
C THR F 45 3.63 42.25 9.69
N VAL F 46 4.67 42.50 10.50
CA VAL F 46 6.02 42.19 10.09
C VAL F 46 6.16 40.70 9.87
N ALA F 47 5.56 39.90 10.75
CA ALA F 47 5.65 38.45 10.65
C ALA F 47 4.96 37.93 9.39
N LEU F 48 3.78 38.47 9.08
CA LEU F 48 3.04 38.01 7.92
C LEU F 48 3.64 38.47 6.60
N ARG F 49 4.67 39.30 6.63
CA ARG F 49 5.56 39.37 5.48
C ARG F 49 6.49 38.17 5.46
N GLU F 50 7.08 37.83 6.60
CA GLU F 50 8.15 36.84 6.61
C GLU F 50 7.63 35.43 6.42
N ILE F 51 6.35 35.17 6.72
CA ILE F 51 5.79 33.89 6.34
C ILE F 51 5.62 33.84 4.84
N ARG F 52 5.29 34.96 4.23
CA ARG F 52 5.20 35.04 2.78
C ARG F 52 6.56 35.10 2.11
N ARG F 53 7.63 35.32 2.87
CA ARG F 53 8.94 35.57 2.30
C ARG F 53 9.94 34.46 2.58
N TYR F 54 9.79 33.73 3.66
CA TYR F 54 10.65 32.58 3.89
C TYR F 54 10.10 31.29 3.31
N GLN F 55 8.80 31.23 3.04
CA GLN F 55 8.22 30.03 2.46
C GLN F 55 8.45 29.93 0.96
N LYS F 56 9.05 30.94 0.36
CA LYS F 56 9.27 30.95 -1.08
C LYS F 56 10.71 30.64 -1.46
N SER F 57 11.66 30.97 -0.61
CA SER F 57 13.06 30.68 -0.87
C SER F 57 13.44 29.33 -0.28
N THR F 58 14.53 28.79 -0.78
CA THR F 58 14.96 27.45 -0.43
C THR F 58 16.30 27.42 0.30
N GLU F 59 16.74 28.55 0.83
CA GLU F 59 18.08 28.63 1.39
C GLU F 59 18.09 28.01 2.80
N LEU F 60 19.25 27.58 3.25
CA LEU F 60 19.44 27.10 4.61
C LEU F 60 19.71 28.27 5.54
N LEU F 61 19.17 28.17 6.76
CA LEU F 61 18.98 29.33 7.60
C LEU F 61 19.88 29.39 8.82
N ILE F 62 20.51 28.28 9.21
CA ILE F 62 21.47 28.29 10.29
C ILE F 62 22.84 28.63 9.73
N ARG F 63 23.63 29.37 10.49
CA ARG F 63 24.98 29.72 10.08
C ARG F 63 25.84 28.47 9.94
N LYS F 64 26.72 28.47 8.93
CA LYS F 64 27.43 27.26 8.58
C LYS F 64 28.53 26.95 9.59
N LEU F 65 29.38 27.91 9.89
CA LEU F 65 30.53 27.57 10.72
C LEU F 65 30.19 27.36 12.20
N PRO F 66 29.26 28.10 12.83
CA PRO F 66 28.85 27.67 14.19
C PRO F 66 28.17 26.33 14.23
N PHE F 67 27.52 25.90 13.15
CA PHE F 67 26.96 24.57 13.14
C PHE F 67 28.01 23.50 12.99
N GLN F 68 29.15 23.82 12.38
CA GLN F 68 30.23 22.84 12.33
C GLN F 68 30.82 22.63 13.72
N ARG F 69 30.85 23.69 14.53
CA ARG F 69 31.42 23.54 15.87
C ARG F 69 30.53 22.73 16.79
N LEU F 70 29.21 22.76 16.57
CA LEU F 70 28.34 21.92 17.37
C LEU F 70 28.50 20.46 17.03
N VAL F 71 28.85 20.15 15.78
CA VAL F 71 28.92 18.75 15.39
C VAL F 71 30.18 18.09 15.94
N ARG F 72 31.29 18.83 15.98
CA ARG F 72 32.56 18.21 16.35
C ARG F 72 32.62 17.87 17.83
N GLU F 73 32.05 18.71 18.69
CA GLU F 73 32.18 18.44 20.11
C GLU F 73 31.26 17.30 20.55
N ILE F 74 30.16 17.08 19.84
CA ILE F 74 29.40 15.87 20.12
C ILE F 74 30.10 14.69 19.50
N ALA F 75 30.87 14.91 18.45
CA ALA F 75 31.70 13.85 17.92
C ALA F 75 32.96 13.62 18.75
N GLN F 76 33.21 14.47 19.75
CA GLN F 76 34.50 14.43 20.44
C GLN F 76 34.60 13.23 21.36
N ASP F 77 33.50 12.85 22.01
CA ASP F 77 33.57 11.78 22.99
C ASP F 77 33.38 10.40 22.38
N PHE F 78 33.72 10.27 21.10
CA PHE F 78 33.96 8.98 20.48
C PHE F 78 35.15 9.15 19.55
N LYS F 79 36.09 8.19 19.61
CA LYS F 79 37.15 7.95 18.62
C LYS F 79 38.25 9.01 18.57
N THR F 80 38.03 10.17 19.18
CA THR F 80 38.99 11.25 19.46
C THR F 80 39.69 11.90 18.27
N ASP F 81 39.43 11.48 17.02
CA ASP F 81 39.87 12.25 15.85
C ASP F 81 38.94 11.90 14.69
N LEU F 82 38.01 12.78 14.38
CA LEU F 82 37.06 12.55 13.30
C LEU F 82 37.25 13.63 12.26
N ARG F 83 37.55 13.23 11.03
CA ARG F 83 38.03 14.18 10.05
C ARG F 83 36.92 14.98 9.40
N PHE F 84 35.74 14.38 9.24
CA PHE F 84 34.52 15.05 8.78
C PHE F 84 34.68 15.69 7.40
N GLN F 85 34.77 14.81 6.40
CA GLN F 85 34.73 15.17 4.99
C GLN F 85 33.60 16.15 4.71
N SER F 86 33.95 17.27 4.08
CA SER F 86 33.17 18.50 4.16
C SER F 86 31.80 18.41 3.52
N SER F 87 31.54 17.44 2.66
CA SER F 87 30.19 17.30 2.14
C SER F 87 29.25 16.76 3.20
N ALA F 88 29.78 16.00 4.16
CA ALA F 88 28.89 15.36 5.13
C ALA F 88 28.40 16.34 6.17
N VAL F 89 29.25 17.28 6.57
CA VAL F 89 28.82 18.24 7.58
C VAL F 89 27.82 19.22 7.00
N MET F 90 27.87 19.45 5.68
CA MET F 90 26.76 20.14 5.03
C MET F 90 25.53 19.26 4.97
N ALA F 91 25.72 17.96 4.75
CA ALA F 91 24.61 17.03 4.61
C ALA F 91 23.85 16.88 5.92
N LEU F 92 24.56 16.98 7.04
CA LEU F 92 23.88 16.88 8.31
C LEU F 92 23.06 18.11 8.62
N GLN F 93 23.36 19.24 8.00
CA GLN F 93 22.54 20.42 8.24
C GLN F 93 21.18 20.29 7.60
N GLU F 94 21.06 19.43 6.58
CA GLU F 94 19.76 19.24 5.97
C GLU F 94 18.84 18.44 6.86
N ALA F 95 19.38 17.64 7.76
CA ALA F 95 18.55 16.82 8.61
C ALA F 95 18.19 17.50 9.91
N CYS F 96 18.58 18.75 10.12
CA CYS F 96 17.96 19.49 11.21
C CYS F 96 16.68 20.17 10.76
N GLU F 97 16.74 20.82 9.60
CA GLU F 97 15.54 21.42 9.02
C GLU F 97 14.56 20.39 8.52
N ALA F 98 15.01 19.16 8.31
CA ALA F 98 14.08 18.06 8.11
C ALA F 98 13.36 17.71 9.39
N TYR F 99 13.89 18.09 10.54
CA TYR F 99 13.29 17.72 11.80
C TYR F 99 12.72 18.89 12.58
N LEU F 100 13.36 20.05 12.55
CA LEU F 100 12.79 21.17 13.30
C LEU F 100 11.58 21.78 12.61
N VAL F 101 11.54 21.75 11.28
CA VAL F 101 10.35 22.22 10.58
C VAL F 101 9.19 21.29 10.87
N GLY F 102 9.43 19.98 10.76
CA GLY F 102 8.40 18.99 11.04
C GLY F 102 7.95 18.94 12.47
N LEU F 103 8.72 19.52 13.39
CA LEU F 103 8.23 19.69 14.74
C LEU F 103 7.43 20.97 14.87
N PHE F 104 7.92 22.05 14.28
CA PHE F 104 7.19 23.31 14.37
C PHE F 104 5.98 23.36 13.47
N GLU F 105 5.87 22.44 12.51
CA GLU F 105 4.65 22.42 11.72
C GLU F 105 3.49 21.87 12.53
N ASP F 106 3.74 20.91 13.40
CA ASP F 106 2.68 20.23 14.11
C ASP F 106 2.47 20.77 15.50
N THR F 107 3.45 21.42 16.11
CA THR F 107 3.19 22.01 17.41
C THR F 107 2.34 23.26 17.27
N ASN F 108 2.30 23.85 16.08
CA ASN F 108 1.38 24.93 15.82
C ASN F 108 -0.06 24.45 15.86
N LEU F 109 -0.33 23.26 15.32
CA LEU F 109 -1.67 22.70 15.35
C LEU F 109 -2.09 22.33 16.75
N CYS F 110 -1.14 22.04 17.63
CA CYS F 110 -1.48 21.79 19.02
C CYS F 110 -1.97 23.05 19.71
N ALA F 111 -1.38 24.18 19.36
CA ALA F 111 -1.76 25.41 20.04
C ALA F 111 -3.08 25.97 19.52
N ILE F 112 -3.30 25.90 18.21
CA ILE F 112 -4.50 26.47 17.62
C ILE F 112 -5.73 25.67 18.03
N HIS F 113 -5.54 24.39 18.34
CA HIS F 113 -6.63 23.52 18.78
C HIS F 113 -7.23 23.99 20.10
N ALA F 114 -6.42 24.63 20.94
CA ALA F 114 -6.89 25.09 22.25
C ALA F 114 -7.09 26.59 22.30
N LYS F 115 -7.43 27.20 21.15
CA LYS F 115 -7.80 28.61 20.99
C LYS F 115 -6.70 29.59 21.39
N ARG F 116 -5.45 29.15 21.47
CA ARG F 116 -4.32 30.03 21.72
C ARG F 116 -3.48 30.12 20.47
N VAL F 117 -2.67 31.17 20.36
CA VAL F 117 -1.84 31.39 19.19
C VAL F 117 -0.36 31.23 19.50
N THR F 118 0.06 31.60 20.71
CA THR F 118 1.44 31.45 21.09
C THR F 118 1.76 29.99 21.41
N ILE F 119 2.82 29.47 20.81
CA ILE F 119 3.26 28.13 21.18
C ILE F 119 3.94 28.18 22.54
N MET F 120 4.07 27.04 23.17
CA MET F 120 4.45 27.01 24.58
C MET F 120 5.28 25.77 24.87
N PRO F 121 5.97 25.68 26.01
CA PRO F 121 6.64 24.42 26.36
C PRO F 121 5.69 23.26 26.55
N LYS F 122 4.44 23.50 26.93
CA LYS F 122 3.45 22.43 26.92
C LYS F 122 2.78 22.28 25.58
N ASP F 123 3.41 22.77 24.50
CA ASP F 123 2.99 22.47 23.16
C ASP F 123 3.98 21.60 22.39
N ILE F 124 5.24 21.58 22.80
CA ILE F 124 6.18 20.66 22.15
C ILE F 124 5.96 19.25 22.66
N GLN F 125 5.91 19.09 23.99
CA GLN F 125 5.93 17.76 24.58
C GLN F 125 4.68 16.97 24.27
N LEU F 126 3.57 17.66 24.03
CA LEU F 126 2.41 16.97 23.49
C LEU F 126 2.65 16.57 22.04
N ALA F 127 3.26 17.45 21.26
CA ALA F 127 3.48 17.13 19.86
C ALA F 127 4.64 16.19 19.65
N ARG F 128 5.48 15.99 20.64
CA ARG F 128 6.54 15.02 20.45
C ARG F 128 6.09 13.63 20.88
N ARG F 129 5.16 13.55 21.82
CA ARG F 129 4.81 12.27 22.42
C ARG F 129 3.90 11.45 21.53
N ILE F 130 2.94 12.10 20.87
CA ILE F 130 2.01 11.39 20.00
C ILE F 130 2.74 10.86 18.78
N ARG F 131 3.82 11.52 18.38
CA ARG F 131 4.66 10.99 17.32
C ARG F 131 5.33 9.68 17.72
N GLY F 132 5.61 9.51 19.01
CA GLY F 132 6.08 8.23 19.50
C GLY F 132 7.59 8.10 19.57
N GLU F 133 8.26 9.15 20.03
CA GLU F 133 9.69 9.12 20.18
C GLU F 133 10.16 9.35 21.61
N ARG F 134 9.27 9.77 22.51
CA ARG F 134 9.61 9.93 23.92
C ARG F 134 9.41 8.65 24.72
N ALA F 135 9.30 7.50 24.05
CA ALA F 135 8.99 6.16 24.57
C ALA F 135 7.60 6.05 25.20
N ARG G 31 5.35 -39.10 6.77
CA ARG G 31 5.04 -37.78 7.30
C ARG G 31 6.23 -36.84 7.20
N SER G 32 5.94 -35.55 7.07
CA SER G 32 6.95 -34.51 7.06
C SER G 32 6.91 -33.75 8.37
N ARG G 33 8.07 -33.59 8.99
CA ARG G 33 8.22 -32.97 10.29
C ARG G 33 8.47 -31.49 10.12
N LYS G 34 8.26 -30.75 11.21
CA LYS G 34 8.40 -29.31 11.24
C LYS G 34 8.98 -28.92 12.60
N GLU G 35 9.80 -27.88 12.60
CA GLU G 35 10.70 -27.63 13.73
C GLU G 35 10.62 -26.19 14.18
N SER G 36 10.77 -26.01 15.50
CA SER G 36 10.59 -24.75 16.18
C SER G 36 11.71 -24.58 17.18
N TYR G 37 11.56 -23.63 18.10
CA TYR G 37 12.56 -23.36 19.11
C TYR G 37 12.09 -23.71 20.50
N SER G 38 10.95 -24.38 20.63
CA SER G 38 10.28 -24.46 21.92
C SER G 38 10.99 -25.36 22.91
N VAL G 39 11.82 -26.29 22.45
CA VAL G 39 12.51 -27.17 23.38
C VAL G 39 13.64 -26.44 24.05
N TYR G 40 14.29 -25.51 23.36
CA TYR G 40 15.48 -24.90 23.91
C TYR G 40 15.16 -23.81 24.91
N VAL G 41 14.07 -23.06 24.68
CA VAL G 41 13.73 -21.96 25.57
C VAL G 41 13.33 -22.49 26.94
N TYR G 42 12.77 -23.71 26.99
CA TYR G 42 12.42 -24.29 28.26
C TYR G 42 13.67 -24.67 29.06
N LYS G 43 14.75 -25.02 28.37
CA LYS G 43 15.99 -25.29 29.09
C LYS G 43 16.58 -24.03 29.69
N VAL G 44 16.30 -22.87 29.11
CA VAL G 44 16.79 -21.62 29.68
C VAL G 44 16.12 -21.35 31.00
N LEU G 45 14.85 -21.75 31.14
CA LEU G 45 14.07 -21.38 32.30
C LEU G 45 14.54 -22.08 33.57
N LYS G 46 15.19 -23.24 33.46
CA LYS G 46 15.74 -23.86 34.66
C LYS G 46 16.93 -23.09 35.20
N GLN G 47 17.66 -22.39 34.34
CA GLN G 47 18.81 -21.62 34.80
C GLN G 47 18.45 -20.23 35.28
N VAL G 48 17.19 -19.94 35.55
CA VAL G 48 16.79 -18.69 36.19
C VAL G 48 15.84 -18.94 37.35
N HIS G 49 14.72 -19.62 37.12
CA HIS G 49 13.81 -20.01 38.18
C HIS G 49 13.54 -21.51 38.02
N PRO G 50 14.20 -22.35 38.81
CA PRO G 50 14.15 -23.79 38.55
C PRO G 50 12.90 -24.47 39.07
N ASP G 51 11.85 -23.70 39.36
CA ASP G 51 10.61 -24.25 39.86
C ASP G 51 9.40 -23.97 38.97
N THR G 52 9.42 -22.89 38.18
CA THR G 52 8.23 -22.43 37.52
C THR G 52 7.95 -23.22 36.24
N GLY G 53 6.93 -22.79 35.52
CA GLY G 53 6.58 -23.40 34.25
C GLY G 53 5.96 -22.36 33.34
N ILE G 54 5.79 -22.75 32.08
CA ILE G 54 5.26 -21.85 31.06
C ILE G 54 4.11 -22.54 30.34
N SER G 55 2.97 -21.88 30.27
CA SER G 55 1.82 -22.43 29.56
C SER G 55 2.11 -22.50 28.07
N SER G 56 1.44 -23.44 27.41
CA SER G 56 1.72 -23.69 26.00
C SER G 56 1.21 -22.57 25.11
N LYS G 57 0.32 -21.72 25.63
CA LYS G 57 -0.10 -20.56 24.87
C LYS G 57 1.01 -19.52 24.81
N ALA G 58 1.78 -19.39 25.88
CA ALA G 58 2.82 -18.37 25.95
C ALA G 58 4.11 -18.77 25.25
N MET G 59 4.28 -20.05 24.93
CA MET G 59 5.47 -20.45 24.20
C MET G 59 5.46 -19.90 22.77
N GLY G 60 4.26 -19.67 22.23
CA GLY G 60 4.14 -19.14 20.89
C GLY G 60 4.63 -17.72 20.76
N ILE G 61 4.63 -16.97 21.87
CA ILE G 61 5.26 -15.66 21.86
C ILE G 61 6.77 -15.82 21.72
N MET G 62 7.39 -16.62 22.58
CA MET G 62 8.83 -16.83 22.48
C MET G 62 9.21 -17.61 21.24
N ASN G 63 8.29 -18.39 20.68
CA ASN G 63 8.57 -18.97 19.37
C ASN G 63 8.58 -17.90 18.30
N SER G 64 7.76 -16.87 18.47
CA SER G 64 7.71 -15.78 17.52
C SER G 64 8.49 -14.58 17.98
N PHE G 65 9.32 -14.74 19.00
CA PHE G 65 10.14 -13.63 19.43
C PHE G 65 11.58 -13.75 18.96
N VAL G 66 12.12 -14.96 18.95
CA VAL G 66 13.46 -15.13 18.44
C VAL G 66 13.48 -15.02 16.93
N ASN G 67 12.42 -15.44 16.25
CA ASN G 67 12.39 -15.32 14.80
C ASN G 67 11.95 -13.96 14.33
N ASP G 68 11.99 -12.95 15.20
CA ASP G 68 11.90 -11.56 14.79
C ASP G 68 13.20 -10.83 15.00
N ILE G 69 13.91 -11.12 16.10
CA ILE G 69 15.20 -10.50 16.31
C ILE G 69 16.22 -11.06 15.34
N PHE G 70 16.21 -12.37 15.15
CA PHE G 70 17.12 -13.03 14.22
C PHE G 70 16.87 -12.59 12.79
N GLU G 71 15.65 -12.19 12.47
CA GLU G 71 15.40 -11.50 11.22
C GLU G 71 16.10 -10.17 11.15
N ARG G 72 16.07 -9.39 12.23
CA ARG G 72 16.62 -8.05 12.16
C ARG G 72 18.13 -8.07 12.15
N ILE G 73 18.75 -8.93 12.97
CA ILE G 73 20.20 -8.85 13.17
C ILE G 73 20.94 -9.35 11.94
N ALA G 74 20.63 -10.56 11.49
CA ALA G 74 21.30 -11.06 10.30
C ALA G 74 20.85 -10.31 9.06
N GLY G 75 19.62 -9.80 9.07
CA GLY G 75 19.19 -8.89 8.03
C GLY G 75 19.90 -7.56 8.04
N GLU G 76 20.57 -7.22 9.13
CA GLU G 76 21.33 -5.98 9.16
C GLU G 76 22.76 -6.18 8.71
N ALA G 77 23.33 -7.34 8.93
CA ALA G 77 24.68 -7.59 8.44
C ALA G 77 24.71 -7.71 6.93
N SER G 78 23.62 -8.15 6.32
CA SER G 78 23.61 -8.36 4.88
C SER G 78 23.65 -7.05 4.13
N ARG G 79 23.00 -6.01 4.66
CA ARG G 79 23.12 -4.67 4.10
C ARG G 79 24.32 -3.93 4.63
N LEU G 80 25.19 -4.62 5.37
CA LEU G 80 26.45 -4.05 5.81
C LEU G 80 27.62 -4.62 5.03
N ALA G 81 27.48 -5.79 4.44
CA ALA G 81 28.56 -6.32 3.61
C ALA G 81 28.71 -5.54 2.32
N HIS G 82 27.68 -4.84 1.88
CA HIS G 82 27.81 -4.06 0.66
C HIS G 82 28.57 -2.77 0.87
N TYR G 83 28.41 -2.14 2.03
CA TYR G 83 29.05 -0.85 2.23
C TYR G 83 30.54 -0.96 2.46
N ASN G 84 31.06 -2.17 2.60
CA ASN G 84 32.48 -2.42 2.52
C ASN G 84 32.79 -3.35 1.36
N LYS G 85 31.76 -3.80 0.65
CA LYS G 85 31.84 -4.38 -0.69
C LYS G 85 32.55 -5.73 -0.66
N ARG G 86 32.43 -6.42 0.46
CA ARG G 86 33.02 -7.73 0.66
C ARG G 86 32.02 -8.80 0.25
N SER G 87 32.30 -10.05 0.61
CA SER G 87 31.38 -11.13 0.29
C SER G 87 31.30 -12.20 1.38
N THR G 88 31.72 -11.90 2.60
CA THR G 88 31.75 -12.89 3.66
C THR G 88 31.27 -12.26 4.96
N ILE G 89 30.08 -12.67 5.41
CA ILE G 89 29.58 -12.24 6.71
C ILE G 89 30.33 -13.06 7.76
N THR G 90 31.26 -12.42 8.47
CA THR G 90 32.12 -13.12 9.40
C THR G 90 31.66 -12.88 10.82
N SER G 91 32.49 -13.27 11.80
CA SER G 91 32.20 -13.05 13.20
C SER G 91 32.45 -11.64 13.67
N ARG G 92 32.58 -10.67 12.77
CA ARG G 92 32.76 -9.29 13.19
C ARG G 92 31.58 -8.41 12.84
N GLU G 93 30.91 -8.65 11.72
CA GLU G 93 29.78 -7.80 11.36
C GLU G 93 28.54 -8.10 12.20
N ILE G 94 28.51 -9.23 12.89
CA ILE G 94 27.49 -9.39 13.91
C ILE G 94 27.75 -8.42 15.05
N GLN G 95 29.04 -8.22 15.38
CA GLN G 95 29.38 -7.30 16.45
C GLN G 95 29.11 -5.85 16.07
N THR G 96 29.15 -5.54 14.79
CA THR G 96 28.81 -4.19 14.39
C THR G 96 27.30 -3.99 14.41
N ALA G 97 26.54 -4.99 13.98
CA ALA G 97 25.10 -4.81 13.91
C ALA G 97 24.45 -4.87 15.28
N VAL G 98 25.07 -5.53 16.25
CA VAL G 98 24.49 -5.61 17.57
C VAL G 98 24.52 -4.26 18.25
N ARG G 99 25.63 -3.54 18.12
CA ARG G 99 25.73 -2.21 18.71
C ARG G 99 24.92 -1.17 17.96
N LEU G 100 24.29 -1.51 16.85
CA LEU G 100 23.38 -0.60 16.17
C LEU G 100 21.95 -0.81 16.62
N LEU G 101 21.47 -2.06 16.56
CA LEU G 101 20.05 -2.33 16.78
C LEU G 101 19.68 -2.17 18.24
N LEU G 102 20.40 -2.82 19.11
CA LEU G 102 20.04 -2.72 20.51
C LEU G 102 20.54 -1.40 21.07
N PRO G 103 19.82 -0.80 22.00
CA PRO G 103 20.26 0.49 22.54
C PRO G 103 21.42 0.37 23.51
N GLY G 104 21.81 1.49 24.10
CA GLY G 104 23.13 1.57 24.72
C GLY G 104 23.23 0.81 26.02
N GLU G 105 22.11 0.62 26.70
CA GLU G 105 22.17 -0.01 28.02
C GLU G 105 22.43 -1.50 27.91
N LEU G 106 21.68 -2.18 27.03
CA LEU G 106 21.90 -3.59 26.78
C LEU G 106 23.07 -3.85 25.85
N ALA G 107 23.66 -2.79 25.30
CA ALA G 107 24.82 -2.95 24.44
C ALA G 107 25.98 -3.54 25.23
N LYS G 108 26.42 -2.83 26.27
CA LYS G 108 27.65 -3.09 27.00
C LYS G 108 27.64 -4.39 27.79
N HIS G 109 26.55 -5.14 27.80
CA HIS G 109 26.58 -6.51 28.28
C HIS G 109 26.53 -7.53 27.16
N ALA G 110 25.99 -7.15 26.01
CA ALA G 110 25.80 -8.13 24.95
C ALA G 110 27.11 -8.50 24.28
N VAL G 111 27.96 -7.50 24.03
CA VAL G 111 29.25 -7.76 23.41
C VAL G 111 30.14 -8.58 24.30
N SER G 112 29.99 -8.45 25.62
CA SER G 112 30.76 -9.29 26.52
C SER G 112 30.31 -10.74 26.44
N GLU G 113 29.01 -10.96 26.31
CA GLU G 113 28.48 -12.32 26.34
C GLU G 113 28.79 -13.10 25.09
N GLY G 114 29.21 -12.44 24.03
CA GLY G 114 29.62 -13.18 22.86
C GLY G 114 31.12 -13.37 22.83
N THR G 115 31.84 -12.31 23.17
CA THR G 115 33.30 -12.35 23.13
C THR G 115 33.86 -13.34 24.14
N LYS G 116 33.17 -13.51 25.26
CA LYS G 116 33.54 -14.56 26.20
C LYS G 116 33.30 -15.93 25.59
N ALA G 117 32.27 -16.05 24.74
CA ALA G 117 31.96 -17.35 24.18
C ALA G 117 32.95 -17.74 23.09
N VAL G 118 33.33 -16.79 22.24
CA VAL G 118 34.19 -17.12 21.10
C VAL G 118 35.59 -17.49 21.59
N THR G 119 36.04 -16.83 22.66
CA THR G 119 37.32 -17.16 23.27
C THR G 119 37.34 -18.57 23.82
N LYS G 120 36.19 -19.11 24.23
CA LYS G 120 36.12 -20.52 24.53
C LYS G 120 36.20 -21.35 23.26
N TYR G 121 35.63 -20.85 22.16
CA TYR G 121 35.52 -21.68 20.98
C TYR G 121 36.83 -21.78 20.20
N THR G 122 37.72 -20.81 20.32
CA THR G 122 39.00 -20.93 19.64
C THR G 122 39.89 -21.96 20.32
N SER G 123 40.00 -21.89 21.64
CA SER G 123 40.72 -22.91 22.41
C SER G 123 39.76 -24.08 22.60
N ALA G 124 39.70 -24.95 21.60
CA ALA G 124 38.81 -26.09 21.63
C ALA G 124 39.35 -27.18 20.71
N ARG H 11 38.16 -39.16 17.10
CA ARG H 11 36.86 -39.55 16.56
C ARG H 11 36.10 -40.40 17.56
N ALA H 12 35.93 -39.91 18.79
CA ALA H 12 35.34 -40.78 19.79
C ALA H 12 33.82 -40.81 19.71
N LYS H 13 33.14 -39.75 20.20
CA LYS H 13 31.69 -39.68 20.14
C LYS H 13 31.14 -38.29 20.48
N ALA H 14 30.50 -37.64 19.50
CA ALA H 14 29.37 -36.72 19.69
C ALA H 14 29.68 -35.57 20.63
N LYS H 15 30.54 -34.68 20.17
CA LYS H 15 30.75 -33.39 20.83
C LYS H 15 30.04 -32.33 19.99
N THR H 16 28.83 -31.96 20.40
CA THR H 16 28.12 -30.92 19.69
C THR H 16 28.71 -29.56 20.03
N ARG H 17 28.44 -28.59 19.17
CA ARG H 17 29.09 -27.30 19.29
C ARG H 17 28.54 -26.47 20.44
N SER H 18 27.32 -26.75 20.89
CA SER H 18 26.83 -26.14 22.11
C SER H 18 27.62 -26.62 23.32
N SER H 19 27.99 -27.91 23.32
CA SER H 19 28.82 -28.43 24.39
C SER H 19 30.22 -27.85 24.32
N ARG H 20 30.75 -27.68 23.10
CA ARG H 20 32.07 -27.10 22.90
C ARG H 20 32.08 -25.60 23.11
N ALA H 21 30.94 -24.98 23.41
CA ALA H 21 30.90 -23.57 23.71
C ALA H 21 30.54 -23.32 25.17
N GLY H 22 29.47 -23.94 25.66
CA GLY H 22 28.98 -23.66 26.99
C GLY H 22 27.66 -22.93 26.96
N LEU H 23 26.84 -23.26 25.96
CA LEU H 23 25.58 -22.57 25.71
C LEU H 23 24.41 -23.53 25.66
N GLN H 24 23.26 -23.02 25.26
CA GLN H 24 22.05 -23.83 25.24
C GLN H 24 21.35 -23.84 23.90
N PHE H 25 21.38 -22.74 23.17
CA PHE H 25 20.74 -22.70 21.87
C PHE H 25 21.56 -23.50 20.86
N PRO H 26 20.92 -24.16 19.92
CA PRO H 26 21.67 -25.06 19.03
C PRO H 26 22.51 -24.34 18.00
N VAL H 27 23.82 -24.37 18.18
CA VAL H 27 24.71 -23.60 17.32
C VAL H 27 24.77 -24.21 15.94
N GLY H 28 24.53 -25.51 15.83
CA GLY H 28 24.48 -26.12 14.52
C GLY H 28 23.25 -25.72 13.75
N ARG H 29 22.15 -25.47 14.45
CA ARG H 29 20.90 -25.17 13.77
C ARG H 29 20.92 -23.78 13.15
N VAL H 30 21.53 -22.82 13.85
CA VAL H 30 21.62 -21.46 13.34
C VAL H 30 22.47 -21.42 12.08
N HIS H 31 23.54 -22.22 12.05
CA HIS H 31 24.44 -22.25 10.90
C HIS H 31 23.78 -22.83 9.66
N ARG H 32 22.71 -23.60 9.81
CA ARG H 32 21.93 -23.94 8.63
C ARG H 32 21.01 -22.79 8.25
N LEU H 33 20.49 -22.06 9.23
CA LEU H 33 19.48 -21.04 8.96
C LEU H 33 20.08 -19.72 8.56
N LEU H 34 21.32 -19.69 8.11
CA LEU H 34 21.86 -18.57 7.39
C LEU H 34 22.01 -18.87 5.91
N ARG H 35 22.54 -20.05 5.58
CA ARG H 35 22.77 -20.42 4.19
C ARG H 35 21.45 -20.55 3.44
N LYS H 36 20.42 -21.04 4.10
CA LYS H 36 19.13 -21.22 3.44
C LYS H 36 18.18 -20.07 3.71
N GLY H 37 18.71 -18.86 3.79
CA GLY H 37 17.90 -17.68 3.88
C GLY H 37 18.37 -16.64 2.89
N ASN H 38 19.51 -16.94 2.26
CA ASN H 38 20.19 -16.09 1.28
C ASN H 38 20.51 -14.72 1.88
N TYR H 39 21.39 -14.77 2.88
CA TYR H 39 21.88 -13.55 3.49
C TYR H 39 23.23 -13.13 2.97
N SER H 40 24.07 -14.07 2.55
CA SER H 40 25.26 -13.76 1.77
C SER H 40 25.65 -15.00 0.98
N GLU H 41 26.80 -14.93 0.31
CA GLU H 41 27.29 -16.03 -0.50
C GLU H 41 28.15 -17.00 0.30
N ARG H 42 29.14 -16.48 1.01
CA ARG H 42 30.00 -17.29 1.84
C ARG H 42 29.80 -16.85 3.27
N VAL H 43 29.49 -17.80 4.15
CA VAL H 43 29.17 -17.49 5.53
C VAL H 43 30.40 -17.82 6.38
N GLY H 44 30.60 -17.03 7.44
CA GLY H 44 31.69 -17.29 8.33
C GLY H 44 31.44 -18.50 9.21
N ALA H 45 32.50 -18.95 9.87
CA ALA H 45 32.36 -20.07 10.79
C ALA H 45 32.27 -19.63 12.23
N GLY H 46 33.03 -18.60 12.61
CA GLY H 46 32.96 -18.12 13.96
C GLY H 46 31.74 -17.27 14.27
N ALA H 47 30.98 -16.88 13.24
CA ALA H 47 29.84 -16.00 13.47
C ALA H 47 28.68 -16.64 14.21
N PRO H 48 28.13 -17.80 13.83
CA PRO H 48 26.95 -18.28 14.54
C PRO H 48 27.22 -18.79 15.93
N VAL H 49 28.48 -18.98 16.33
CA VAL H 49 28.77 -19.09 17.75
C VAL H 49 28.37 -17.80 18.45
N TYR H 50 28.78 -16.67 17.88
CA TYR H 50 28.51 -15.37 18.49
C TYR H 50 27.03 -15.04 18.46
N LEU H 51 26.34 -15.45 17.41
CA LEU H 51 24.94 -15.09 17.29
C LEU H 51 24.10 -15.86 18.27
N ALA H 52 24.52 -17.07 18.63
CA ALA H 52 23.76 -17.83 19.59
C ALA H 52 23.92 -17.31 21.01
N ALA H 53 24.82 -16.38 21.26
CA ALA H 53 24.87 -15.80 22.59
C ALA H 53 23.85 -14.69 22.75
N VAL H 54 23.63 -13.91 21.69
CA VAL H 54 22.78 -12.74 21.80
C VAL H 54 21.32 -13.13 21.95
N LEU H 55 20.91 -14.22 21.31
CA LEU H 55 19.57 -14.74 21.57
C LEU H 55 19.49 -15.35 22.95
N GLU H 56 20.60 -15.82 23.49
CA GLU H 56 20.58 -16.36 24.84
C GLU H 56 20.43 -15.26 25.87
N TYR H 57 21.26 -14.22 25.76
CA TYR H 57 21.27 -13.17 26.77
C TYR H 57 19.98 -12.37 26.75
N LEU H 58 19.33 -12.26 25.59
CA LEU H 58 18.07 -11.55 25.54
C LEU H 58 16.96 -12.37 26.18
N THR H 59 16.84 -13.64 25.79
CA THR H 59 15.79 -14.48 26.34
C THR H 59 16.02 -14.83 27.81
N ALA H 60 17.26 -14.73 28.29
CA ALA H 60 17.46 -14.80 29.72
C ALA H 60 17.04 -13.53 30.42
N GLU H 61 16.98 -12.41 29.71
CA GLU H 61 16.58 -11.17 30.34
C GLU H 61 15.07 -11.03 30.45
N ILE H 62 14.34 -11.50 29.44
CA ILE H 62 12.89 -11.35 29.46
C ILE H 62 12.27 -12.29 30.48
N LEU H 63 12.67 -13.56 30.44
CA LEU H 63 12.02 -14.58 31.26
C LEU H 63 12.27 -14.37 32.75
N GLU H 64 13.39 -13.74 33.10
CA GLU H 64 13.63 -13.41 34.49
C GLU H 64 12.67 -12.34 34.98
N LEU H 65 12.29 -11.42 34.09
CA LEU H 65 11.45 -10.29 34.50
C LEU H 65 10.03 -10.74 34.81
N ALA H 66 9.41 -11.48 33.88
CA ALA H 66 8.03 -11.90 34.07
C ALA H 66 7.93 -12.91 35.19
N GLY H 67 8.93 -13.76 35.33
CA GLY H 67 8.98 -14.70 36.43
C GLY H 67 9.10 -14.05 37.78
N ASN H 68 9.60 -12.81 37.83
CA ASN H 68 9.55 -12.06 39.07
C ASN H 68 8.13 -11.60 39.38
N ALA H 69 7.44 -11.08 38.37
CA ALA H 69 6.08 -10.61 38.62
C ALA H 69 5.10 -11.77 38.77
N ALA H 70 5.43 -12.94 38.23
CA ALA H 70 4.51 -14.06 38.31
C ALA H 70 4.45 -14.66 39.71
N ARG H 71 5.47 -14.44 40.52
CA ARG H 71 5.43 -14.91 41.90
C ARG H 71 4.72 -13.94 42.82
N ASP H 72 4.37 -12.75 42.33
CA ASP H 72 3.61 -11.79 43.12
C ASP H 72 2.13 -11.81 42.82
N ASN H 73 1.74 -12.22 41.61
CA ASN H 73 0.35 -12.49 41.31
C ASN H 73 -0.08 -13.87 41.76
N LYS H 74 0.78 -14.58 42.49
CA LYS H 74 0.51 -15.74 43.32
C LYS H 74 0.13 -16.99 42.55
N LYS H 75 0.15 -16.94 41.22
CA LYS H 75 0.12 -18.16 40.44
C LYS H 75 1.57 -18.62 40.24
N THR H 76 1.78 -19.67 39.47
CA THR H 76 3.14 -20.12 39.24
C THR H 76 3.45 -20.41 37.77
N ARG H 77 2.48 -20.30 36.88
CA ARG H 77 2.78 -20.37 35.46
C ARG H 77 3.08 -18.96 34.95
N ILE H 78 3.38 -18.86 33.66
CA ILE H 78 3.61 -17.58 33.02
C ILE H 78 2.58 -17.43 31.92
N ILE H 79 1.56 -16.62 32.19
CA ILE H 79 0.45 -16.35 31.28
C ILE H 79 0.88 -15.16 30.41
N PRO H 80 0.50 -15.11 29.12
CA PRO H 80 0.86 -13.98 28.26
C PRO H 80 0.43 -12.60 28.72
N ARG H 81 -0.51 -12.50 29.65
CA ARG H 81 -0.73 -11.22 30.31
C ARG H 81 0.51 -10.81 31.09
N HIS H 82 1.19 -11.77 31.72
CA HIS H 82 2.37 -11.44 32.50
C HIS H 82 3.55 -11.01 31.65
N LEU H 83 3.64 -11.51 30.42
CA LEU H 83 4.71 -11.03 29.56
C LEU H 83 4.47 -9.61 29.09
N GLN H 84 3.22 -9.15 29.10
CA GLN H 84 2.96 -7.75 28.83
C GLN H 84 3.48 -6.88 29.97
N LEU H 85 3.31 -7.34 31.21
CA LEU H 85 3.72 -6.53 32.35
C LEU H 85 5.22 -6.48 32.58
N ALA H 86 6.00 -7.23 31.83
CA ALA H 86 7.45 -7.22 32.04
C ALA H 86 8.19 -6.73 30.81
N ILE H 87 7.54 -5.92 29.99
CA ILE H 87 8.19 -5.24 28.88
C ILE H 87 7.95 -3.74 28.96
N ARG H 88 6.70 -3.33 29.15
CA ARG H 88 6.39 -1.92 29.26
C ARG H 88 6.82 -1.30 30.58
N ASN H 89 7.36 -2.07 31.50
CA ASN H 89 7.82 -1.54 32.79
C ASN H 89 9.32 -1.68 32.96
N ASP H 90 10.06 -1.64 31.86
CA ASP H 90 11.52 -1.61 31.90
C ASP H 90 12.00 -0.83 30.68
N GLU H 91 12.61 0.32 30.91
CA GLU H 91 12.95 1.18 29.79
C GLU H 91 14.24 0.76 29.10
N GLU H 92 14.90 -0.30 29.55
CA GLU H 92 15.94 -0.91 28.74
C GLU H 92 15.33 -1.56 27.51
N LEU H 93 14.10 -2.06 27.63
CA LEU H 93 13.52 -2.96 26.65
C LEU H 93 12.35 -2.38 25.87
N ASN H 94 11.68 -1.36 26.38
CA ASN H 94 10.44 -0.93 25.76
C ASN H 94 10.67 -0.26 24.42
N LYS H 95 11.84 0.33 24.23
CA LYS H 95 12.16 0.90 22.93
C LYS H 95 12.48 -0.20 21.92
N LEU H 96 12.91 -1.36 22.39
CA LEU H 96 13.24 -2.45 21.49
C LEU H 96 11.98 -3.07 20.89
N LEU H 97 10.90 -3.14 21.67
CA LEU H 97 9.67 -3.77 21.22
C LEU H 97 8.52 -2.78 21.23
N GLY H 98 8.80 -1.53 20.89
CA GLY H 98 7.79 -0.49 20.94
C GLY H 98 6.75 -0.57 19.86
N ARG H 99 6.96 -1.42 18.85
CA ARG H 99 5.98 -1.57 17.80
C ARG H 99 5.49 -3.00 17.77
N VAL H 100 5.21 -3.57 18.94
CA VAL H 100 4.72 -4.94 19.03
C VAL H 100 3.41 -4.94 19.81
N THR H 101 2.44 -5.68 19.28
CA THR H 101 1.16 -5.88 19.94
C THR H 101 1.09 -7.34 20.34
N ILE H 102 1.30 -7.63 21.62
CA ILE H 102 1.21 -9.01 22.10
C ILE H 102 -0.25 -9.43 22.10
N ALA H 103 -0.51 -10.67 21.68
CA ALA H 103 -1.86 -11.19 21.66
C ALA H 103 -2.34 -11.45 23.08
N GLN H 104 -3.63 -11.15 23.32
CA GLN H 104 -4.26 -11.18 24.64
C GLN H 104 -3.50 -10.34 25.65
N GLY H 105 -3.06 -9.17 25.21
CA GLY H 105 -2.05 -8.42 25.92
C GLY H 105 -2.51 -7.71 27.18
N GLY H 106 -3.47 -6.83 27.05
CA GLY H 106 -3.84 -5.96 28.15
C GLY H 106 -2.92 -4.76 28.24
N VAL H 107 -3.38 -3.74 28.96
CA VAL H 107 -2.59 -2.52 29.06
C VAL H 107 -2.12 -2.35 30.50
N LEU H 108 -1.36 -1.30 30.74
CA LEU H 108 -0.84 -1.05 32.07
C LEU H 108 -1.85 -0.22 32.85
N PRO H 109 -1.95 -0.42 34.18
CA PRO H 109 -2.87 0.39 34.98
C PRO H 109 -2.47 1.85 34.99
N ASN H 110 -3.29 2.69 34.38
CA ASN H 110 -2.82 4.02 34.00
C ASN H 110 -4.01 4.97 33.91
N ILE H 111 -4.11 5.87 34.87
CA ILE H 111 -5.11 6.93 34.86
C ILE H 111 -4.34 8.24 34.78
N GLN H 112 -4.91 9.24 34.12
CA GLN H 112 -4.25 10.53 34.14
C GLN H 112 -4.55 11.24 35.46
N ALA H 113 -3.98 12.42 35.62
CA ALA H 113 -4.01 13.09 36.92
C ALA H 113 -5.36 13.74 37.20
N VAL H 114 -5.80 14.63 36.30
CA VAL H 114 -6.92 15.50 36.60
C VAL H 114 -8.23 14.73 36.67
N LEU H 115 -8.30 13.57 36.04
CA LEU H 115 -9.51 12.77 36.08
C LEU H 115 -9.76 12.13 37.43
N LEU H 116 -8.75 12.08 38.31
CA LEU H 116 -8.96 11.60 39.65
C LEU H 116 -9.94 12.50 40.39
N PRO H 117 -10.78 11.94 41.26
CA PRO H 117 -11.82 12.74 41.93
C PRO H 117 -11.22 13.75 42.87
N LYS H 118 -11.49 15.02 42.59
CA LYS H 118 -10.99 16.11 43.41
C LYS H 118 -11.79 16.19 44.70
N LYS H 119 -11.08 16.34 45.81
CA LYS H 119 -11.70 16.41 47.13
C LYS H 119 -11.80 17.89 47.47
N THR H 120 -12.86 18.53 46.99
CA THR H 120 -12.96 19.98 47.05
C THR H 120 -13.22 20.47 48.48
N GLU H 121 -14.04 19.74 49.23
CA GLU H 121 -14.31 20.13 50.62
C GLU H 121 -14.31 18.93 51.56
N SER H 122 -13.69 17.82 51.18
CA SER H 122 -13.70 16.61 52.00
C SER H 122 -12.84 16.76 53.25
N ARG I 19 45.12 19.61 23.50
CA ARG I 19 43.89 19.61 22.73
C ARG I 19 43.08 20.87 22.99
N LYS I 20 42.41 21.35 21.94
CA LYS I 20 41.48 22.46 22.11
C LYS I 20 40.22 21.97 22.79
N VAL I 21 40.13 22.15 24.10
CA VAL I 21 38.99 21.64 24.86
C VAL I 21 37.72 22.44 24.53
N LEU I 22 36.86 21.85 23.72
CA LEU I 22 35.60 22.50 23.40
C LEU I 22 34.63 22.34 24.55
N ARG I 23 33.88 23.41 24.82
CA ARG I 23 32.91 23.51 25.89
C ARG I 23 32.11 24.78 25.64
N ASP I 24 30.84 24.76 26.08
CA ASP I 24 29.88 25.86 25.92
C ASP I 24 29.74 26.25 24.44
N ASN I 25 29.35 25.26 23.64
CA ASN I 25 29.21 25.43 22.20
C ASN I 25 27.75 25.36 21.77
N ILE I 26 26.84 25.14 22.71
CA ILE I 26 25.42 25.06 22.37
C ILE I 26 24.83 26.42 22.03
N GLN I 27 25.57 27.50 22.23
CA GLN I 27 25.13 28.81 21.77
C GLN I 27 25.41 29.05 20.30
N GLY I 28 25.63 28.00 19.52
CA GLY I 28 25.63 28.16 18.07
C GLY I 28 24.23 28.41 17.55
N ILE I 29 23.27 27.59 17.98
CA ILE I 29 21.89 27.78 17.54
C ILE I 29 21.31 28.93 18.34
N THR I 30 21.39 30.13 17.77
CA THR I 30 21.13 31.34 18.54
C THR I 30 19.67 31.72 18.48
N LYS I 31 19.31 32.68 19.33
CA LYS I 31 17.95 33.16 19.54
C LYS I 31 17.24 33.67 18.29
N PRO I 32 17.87 34.34 17.32
CA PRO I 32 17.13 34.63 16.10
C PRO I 32 17.04 33.45 15.17
N ALA I 33 17.96 32.49 15.30
CA ALA I 33 17.98 31.38 14.35
C ALA I 33 16.80 30.44 14.56
N ILE I 34 16.41 30.21 15.81
CA ILE I 34 15.19 29.48 16.08
C ILE I 34 13.99 30.28 15.62
N ARG I 35 14.08 31.61 15.75
CA ARG I 35 13.01 32.49 15.30
C ARG I 35 12.83 32.42 13.79
N ARG I 36 13.94 32.36 13.05
CA ARG I 36 13.82 32.24 11.60
C ARG I 36 13.34 30.86 11.17
N LEU I 37 13.72 29.80 11.88
CA LEU I 37 13.22 28.48 11.53
C LEU I 37 11.74 28.33 11.79
N ALA I 38 11.24 29.04 12.79
CA ALA I 38 9.83 28.92 13.10
C ALA I 38 8.99 29.56 12.03
N ARG I 39 9.52 30.57 11.34
CA ARG I 39 8.75 31.22 10.30
C ARG I 39 8.52 30.33 9.09
N ARG I 40 9.36 29.32 8.88
CA ARG I 40 9.08 28.39 7.80
C ARG I 40 7.89 27.54 8.13
N GLY I 41 7.71 27.21 9.40
CA GLY I 41 6.58 26.40 9.78
C GLY I 41 5.27 27.13 9.87
N GLY I 42 5.29 28.44 9.76
CA GLY I 42 4.05 29.18 9.77
C GLY I 42 3.49 29.34 11.15
N VAL I 43 4.23 30.01 12.03
CA VAL I 43 3.73 30.40 13.33
C VAL I 43 3.84 31.92 13.44
N LYS I 44 3.15 32.47 14.42
CA LYS I 44 3.01 33.91 14.48
C LYS I 44 3.56 34.53 15.75
N ARG I 45 3.37 33.91 16.90
CA ARG I 45 3.84 34.46 18.16
C ARG I 45 4.58 33.38 18.94
N ILE I 46 5.87 33.60 19.16
CA ILE I 46 6.68 32.66 19.91
C ILE I 46 6.79 33.13 21.35
N SER I 47 6.50 32.26 22.29
CA SER I 47 6.63 32.64 23.68
C SER I 47 8.09 32.58 24.11
N GLY I 48 8.36 33.09 25.31
CA GLY I 48 9.73 33.34 25.71
C GLY I 48 10.50 32.11 26.13
N LEU I 49 9.81 31.01 26.41
CA LEU I 49 10.50 29.87 26.98
C LEU I 49 10.95 28.85 25.96
N ILE I 50 10.68 29.07 24.67
CA ILE I 50 10.99 28.03 23.68
C ILE I 50 12.47 27.96 23.40
N TYR I 51 13.19 29.08 23.56
CA TYR I 51 14.60 29.15 23.22
C TYR I 51 15.48 28.28 24.09
N GLU I 52 14.98 27.83 25.23
CA GLU I 52 15.69 26.79 25.96
C GLU I 52 15.31 25.40 25.49
N GLU I 53 14.03 25.15 25.25
CA GLU I 53 13.52 23.81 25.00
C GLU I 53 13.93 23.25 23.65
N THR I 54 14.13 24.10 22.65
CA THR I 54 14.53 23.62 21.33
C THR I 54 15.94 23.07 21.36
N ARG I 55 16.84 23.73 22.09
CA ARG I 55 18.20 23.21 22.24
C ARG I 55 18.20 21.89 23.00
N GLY I 56 17.21 21.67 23.86
CA GLY I 56 17.07 20.38 24.48
C GLY I 56 16.67 19.30 23.49
N VAL I 57 15.79 19.64 22.54
CA VAL I 57 15.38 18.67 21.54
C VAL I 57 16.48 18.47 20.51
N LEU I 58 17.10 19.56 20.07
CA LEU I 58 18.05 19.49 18.98
C LEU I 58 19.33 18.77 19.38
N LYS I 59 19.73 18.86 20.65
CA LYS I 59 20.88 18.10 21.11
C LYS I 59 20.57 16.62 21.20
N VAL I 60 19.32 16.28 21.49
CA VAL I 60 18.94 14.87 21.54
C VAL I 60 18.99 14.25 20.15
N PHE I 61 18.55 14.99 19.14
CA PHE I 61 18.46 14.42 17.81
C PHE I 61 19.83 14.20 17.19
N LEU I 62 20.82 15.02 17.54
CA LEU I 62 22.14 14.80 17.01
C LEU I 62 22.95 13.81 17.82
N GLU I 63 22.49 13.41 19.00
CA GLU I 63 23.13 12.29 19.68
C GLU I 63 22.91 11.01 18.91
N ASN I 64 21.74 10.86 18.29
CA ASN I 64 21.42 9.59 17.69
C ASN I 64 22.07 9.41 16.33
N VAL I 65 22.16 10.47 15.53
CA VAL I 65 22.63 10.31 14.16
C VAL I 65 24.12 10.06 14.11
N ILE I 66 24.90 10.85 14.86
CA ILE I 66 26.34 10.75 14.79
C ILE I 66 26.82 9.46 15.43
N ARG I 67 26.12 8.98 16.46
CA ARG I 67 26.49 7.73 17.10
C ARG I 67 26.28 6.55 16.17
N ASP I 68 25.27 6.61 15.31
CA ASP I 68 25.18 5.59 14.28
C ASP I 68 26.17 5.85 13.16
N ALA I 69 26.50 7.11 12.91
CA ALA I 69 27.40 7.42 11.80
C ALA I 69 28.82 7.01 12.12
N VAL I 70 29.23 7.13 13.38
CA VAL I 70 30.57 6.72 13.77
C VAL I 70 30.71 5.21 13.68
N THR I 71 29.64 4.49 14.00
CA THR I 71 29.73 3.04 14.15
C THR I 71 29.93 2.35 12.80
N TYR I 72 29.37 2.92 11.73
CA TYR I 72 29.68 2.41 10.41
C TYR I 72 31.14 2.67 10.08
N THR I 73 31.59 3.91 10.23
CA THR I 73 32.96 4.21 9.86
C THR I 73 33.97 3.77 10.91
N GLU I 74 33.51 3.25 12.02
CA GLU I 74 34.42 2.43 12.83
C GLU I 74 34.57 1.05 12.23
N HIS I 75 33.51 0.52 11.62
CA HIS I 75 33.56 -0.84 11.11
C HIS I 75 34.38 -0.92 9.83
N ALA I 76 34.37 0.13 9.04
CA ALA I 76 35.20 0.12 7.84
C ALA I 76 36.67 0.38 8.13
N LYS I 77 37.02 0.69 9.39
CA LYS I 77 38.39 0.90 9.87
C LYS I 77 39.10 2.01 9.13
N ARG I 78 38.37 3.00 8.65
CA ARG I 78 38.94 4.23 8.14
C ARG I 78 38.56 5.36 9.08
N LYS I 79 39.26 6.48 8.96
CA LYS I 79 39.18 7.51 9.98
C LYS I 79 38.66 8.84 9.42
N THR I 80 37.68 8.80 8.54
CA THR I 80 36.96 10.01 8.17
C THR I 80 35.49 9.66 7.95
N VAL I 81 34.60 10.47 8.53
CA VAL I 81 33.18 10.25 8.35
C VAL I 81 32.82 10.66 6.94
N THR I 82 32.44 9.68 6.13
CA THR I 82 32.21 9.91 4.70
C THR I 82 30.86 10.58 4.54
N ALA I 83 30.53 11.00 3.32
CA ALA I 83 29.20 11.53 3.07
C ALA I 83 28.15 10.44 3.09
N MET I 84 28.49 9.25 2.57
CA MET I 84 27.54 8.15 2.59
C MET I 84 27.31 7.58 3.97
N ASP I 85 28.19 7.87 4.93
CA ASP I 85 28.00 7.37 6.27
C ASP I 85 27.09 8.23 7.10
N VAL I 86 26.33 9.13 6.48
CA VAL I 86 25.20 9.77 7.10
C VAL I 86 23.89 9.30 6.49
N VAL I 87 23.85 9.15 5.16
CA VAL I 87 22.68 8.58 4.51
C VAL I 87 22.49 7.13 4.91
N TYR I 88 23.58 6.39 5.08
CA TYR I 88 23.46 5.00 5.47
C TYR I 88 23.23 4.82 6.96
N ALA I 89 23.12 5.91 7.71
CA ALA I 89 22.62 5.82 9.07
C ALA I 89 21.32 6.55 9.25
N LEU I 90 21.02 7.53 8.39
CA LEU I 90 19.73 8.18 8.48
C LEU I 90 18.61 7.27 7.97
N LYS I 91 18.95 6.32 7.10
CA LYS I 91 17.92 5.48 6.49
C LYS I 91 17.30 4.53 7.51
N ARG I 92 18.10 4.03 8.44
CA ARG I 92 17.57 3.03 9.35
C ARG I 92 16.73 3.66 10.44
N GLN I 93 16.82 4.97 10.62
CA GLN I 93 15.92 5.60 11.57
C GLN I 93 14.54 5.81 11.00
N GLY I 94 14.39 5.75 9.68
CA GLY I 94 13.14 6.05 9.04
C GLY I 94 13.05 7.46 8.53
N ARG I 95 14.17 8.11 8.27
CA ARG I 95 14.20 9.38 7.57
C ARG I 95 15.28 9.27 6.51
N THR I 96 14.91 8.81 5.33
CA THR I 96 15.86 8.82 4.25
C THR I 96 16.07 10.23 3.74
N LEU I 97 17.12 10.39 2.95
CA LEU I 97 17.53 11.71 2.52
C LEU I 97 18.03 11.60 1.08
N TYR I 98 17.27 12.12 0.14
CA TYR I 98 17.69 11.99 -1.24
C TYR I 98 18.69 13.07 -1.59
N GLY I 99 19.40 12.85 -2.68
CA GLY I 99 20.23 13.89 -3.24
C GLY I 99 21.62 14.02 -2.65
N PHE I 100 22.22 12.93 -2.19
CA PHE I 100 23.60 12.96 -1.76
C PHE I 100 24.34 11.75 -2.27
N GLY I 101 24.21 11.50 -3.58
CA GLY I 101 24.82 10.33 -4.17
C GLY I 101 24.19 9.04 -3.74
N GLY I 102 22.92 9.08 -3.35
CA GLY I 102 22.26 7.91 -2.80
C GLY I 102 21.96 6.84 -3.83
N MET L 1 68.66 21.46 -27.46
CA MET L 1 68.02 22.31 -28.45
C MET L 1 66.92 23.14 -27.81
N GLN L 2 66.13 23.84 -28.62
CA GLN L 2 65.13 24.77 -28.13
C GLN L 2 63.74 24.15 -28.22
N ILE L 3 62.87 24.53 -27.28
CA ILE L 3 61.44 24.28 -27.46
C ILE L 3 60.65 25.54 -27.16
N PHE L 4 59.54 25.68 -27.89
CA PHE L 4 58.49 26.64 -27.62
C PHE L 4 57.30 25.93 -27.00
N VAL L 5 56.76 26.50 -25.93
CA VAL L 5 55.52 26.04 -25.33
C VAL L 5 54.51 27.16 -25.46
N LYS L 6 53.51 26.97 -26.31
CA LYS L 6 52.43 27.94 -26.51
C LYS L 6 51.33 27.67 -25.51
N THR L 7 50.85 28.73 -24.85
CA THR L 7 49.65 28.65 -24.04
C THR L 7 48.46 29.15 -24.87
N LEU L 8 47.26 28.73 -24.48
CA LEU L 8 46.07 29.05 -25.28
C LEU L 8 45.65 30.50 -25.09
N THR L 9 46.08 31.14 -24.01
CA THR L 9 45.85 32.57 -23.79
C THR L 9 46.85 33.45 -24.51
N GLY L 10 47.71 32.88 -25.36
CA GLY L 10 48.56 33.67 -26.21
C GLY L 10 49.96 33.93 -25.70
N LYS L 11 50.50 33.06 -24.85
CA LYS L 11 51.85 33.23 -24.35
C LYS L 11 52.68 31.98 -24.63
N THR L 12 53.98 32.18 -24.88
CA THR L 12 54.92 31.10 -25.11
C THR L 12 56.08 31.21 -24.12
N ILE L 13 56.59 30.07 -23.70
CA ILE L 13 57.81 29.98 -22.89
C ILE L 13 58.83 29.13 -23.63
N THR L 14 60.05 29.64 -23.72
CA THR L 14 61.15 28.98 -24.43
C THR L 14 62.02 28.23 -23.45
N LEU L 15 62.24 26.95 -23.71
CA LEU L 15 62.89 26.09 -22.73
C LEU L 15 63.99 25.24 -23.34
N GLU L 16 64.89 24.81 -22.45
CA GLU L 16 66.02 23.93 -22.73
C GLU L 16 65.56 22.49 -22.58
N VAL L 17 65.70 21.70 -23.66
CA VAL L 17 65.14 20.36 -23.73
C VAL L 17 66.23 19.40 -24.20
N GLU L 18 65.98 18.11 -24.00
CA GLU L 18 66.57 17.02 -24.76
C GLU L 18 65.45 16.22 -25.42
N PRO L 19 65.57 15.93 -26.74
CA PRO L 19 64.55 15.12 -27.41
C PRO L 19 64.59 13.66 -26.98
N SER L 20 65.71 13.23 -26.39
CA SER L 20 65.87 11.88 -25.93
C SER L 20 65.11 11.58 -24.64
N ASP L 21 64.91 12.59 -23.79
CA ASP L 21 64.12 12.39 -22.58
C ASP L 21 62.65 12.30 -22.92
N THR L 22 61.88 11.70 -22.01
CA THR L 22 60.44 11.58 -22.23
C THR L 22 59.77 12.94 -22.06
N ILE L 23 58.54 13.03 -22.57
CA ILE L 23 57.80 14.28 -22.45
C ILE L 23 57.18 14.38 -21.06
N GLU L 24 57.11 13.26 -20.34
CA GLU L 24 56.74 13.31 -18.93
C GLU L 24 57.80 14.05 -18.11
N ASN L 25 59.07 13.93 -18.49
CA ASN L 25 60.12 14.65 -17.78
C ASN L 25 60.05 16.15 -18.06
N VAL L 26 59.73 16.54 -19.30
CA VAL L 26 59.69 17.97 -19.60
C VAL L 26 58.37 18.57 -19.10
N LYS L 27 57.34 17.74 -18.91
CA LYS L 27 56.12 18.26 -18.29
C LYS L 27 56.29 18.30 -16.77
N ALA L 28 57.18 17.47 -16.22
CA ALA L 28 57.60 17.67 -14.84
C ALA L 28 58.37 18.97 -14.69
N LYS L 29 59.21 19.30 -15.68
CA LYS L 29 59.89 20.60 -15.65
C LYS L 29 58.90 21.75 -15.87
N ILE L 30 57.82 21.49 -16.61
CA ILE L 30 56.73 22.46 -16.73
C ILE L 30 56.06 22.68 -15.38
N GLN L 31 55.90 21.60 -14.60
CA GLN L 31 55.42 21.73 -13.22
C GLN L 31 56.38 22.54 -12.35
N ASP L 32 57.69 22.28 -12.48
CA ASP L 32 58.64 23.00 -11.64
C ASP L 32 58.83 24.46 -12.08
N LYS L 33 58.52 24.77 -13.33
CA LYS L 33 58.76 26.12 -13.84
C LYS L 33 57.51 26.98 -13.95
N GLU L 34 56.31 26.38 -13.94
CA GLU L 34 55.07 27.14 -13.99
C GLU L 34 54.03 26.70 -12.97
N GLY L 35 54.07 25.44 -12.51
CA GLY L 35 53.11 24.97 -11.54
C GLY L 35 51.93 24.22 -12.11
N ILE L 36 51.90 23.97 -13.42
CA ILE L 36 50.79 23.27 -14.06
C ILE L 36 50.85 21.80 -13.65
N PRO L 37 49.74 21.21 -13.20
CA PRO L 37 49.76 19.81 -12.73
C PRO L 37 50.04 18.84 -13.86
N PRO L 38 50.69 17.72 -13.54
CA PRO L 38 50.89 16.68 -14.56
C PRO L 38 49.60 16.04 -15.04
N ASP L 39 48.61 15.86 -14.17
CA ASP L 39 47.37 15.22 -14.57
C ASP L 39 46.52 16.14 -15.44
N GLN L 40 46.68 17.45 -15.28
CA GLN L 40 45.75 18.42 -15.83
C GLN L 40 46.14 18.91 -17.22
N GLN L 41 47.43 18.88 -17.56
CA GLN L 41 47.90 19.42 -18.83
C GLN L 41 47.81 18.38 -19.94
N ARG L 42 47.68 18.85 -21.18
CA ARG L 42 47.86 18.01 -22.36
C ARG L 42 48.38 18.88 -23.51
N LEU L 43 49.41 18.37 -24.19
CA LEU L 43 50.15 19.14 -25.19
C LEU L 43 49.97 18.48 -26.55
N ILE L 44 49.53 19.27 -27.53
CA ILE L 44 49.18 18.78 -28.85
C ILE L 44 49.96 19.58 -29.89
N PHE L 45 50.30 18.94 -31.01
CA PHE L 45 50.98 19.59 -32.11
C PHE L 45 50.49 18.94 -33.40
N ALA L 46 49.68 19.69 -34.16
CA ALA L 46 49.12 19.27 -35.45
C ALA L 46 48.32 17.97 -35.35
N GLY L 47 47.33 17.98 -34.46
CA GLY L 47 46.44 16.82 -34.32
C GLY L 47 47.06 15.61 -33.66
N LYS L 48 48.17 15.79 -32.96
CA LYS L 48 48.89 14.70 -32.32
C LYS L 48 48.81 14.86 -30.80
N GLN L 49 47.96 14.06 -30.18
CA GLN L 49 47.79 14.11 -28.74
C GLN L 49 48.84 13.23 -28.08
N LEU L 50 49.71 13.85 -27.29
CA LEU L 50 50.95 13.21 -26.85
C LEU L 50 50.68 12.19 -25.76
N GLU L 51 51.63 11.27 -25.58
CA GLU L 51 51.62 10.32 -24.49
C GLU L 51 52.90 10.47 -23.67
N ASP L 52 52.79 10.23 -22.37
CA ASP L 52 53.86 10.58 -21.45
C ASP L 52 55.06 9.64 -21.56
N GLY L 53 54.80 8.36 -21.85
CA GLY L 53 55.87 7.40 -22.00
C GLY L 53 56.74 7.57 -23.22
N ARG L 54 56.26 8.33 -24.21
CA ARG L 54 57.01 8.61 -25.43
C ARG L 54 57.83 9.89 -25.26
N THR L 55 58.85 10.01 -26.09
CA THR L 55 59.77 11.13 -26.05
C THR L 55 59.36 12.20 -27.05
N LEU L 56 60.19 13.23 -27.18
CA LEU L 56 59.89 14.31 -28.11
C LEU L 56 60.19 13.91 -29.55
N SER L 57 61.25 13.13 -29.76
CA SER L 57 61.63 12.74 -31.11
C SER L 57 60.76 11.62 -31.65
N ASP L 58 60.03 10.91 -30.76
CA ASP L 58 59.23 9.78 -31.20
C ASP L 58 58.00 10.23 -31.97
N TYR L 59 57.55 11.46 -31.76
CA TYR L 59 56.44 12.00 -32.52
C TYR L 59 56.90 13.03 -33.57
N ASN L 60 58.23 13.16 -33.74
CA ASN L 60 58.85 13.95 -34.81
C ASN L 60 58.48 15.43 -34.76
N ILE L 61 58.80 16.06 -33.63
CA ILE L 61 58.76 17.52 -33.52
C ILE L 61 60.19 18.02 -33.33
N GLN L 62 60.59 18.96 -34.18
CA GLN L 62 61.99 19.30 -34.36
C GLN L 62 62.39 20.50 -33.50
N LYS L 63 63.61 20.98 -33.75
CA LYS L 63 64.15 22.13 -33.06
C LYS L 63 63.41 23.40 -33.45
N GLU L 64 63.29 24.32 -32.48
CA GLU L 64 62.63 25.62 -32.60
C GLU L 64 61.15 25.48 -32.99
N SER L 65 60.53 24.37 -32.61
CA SER L 65 59.13 24.13 -32.91
C SER L 65 58.29 24.27 -31.64
N THR L 66 56.97 24.40 -31.84
CA THR L 66 56.06 24.79 -30.78
C THR L 66 55.10 23.66 -30.46
N LEU L 67 54.89 23.41 -29.16
CA LEU L 67 53.81 22.56 -28.70
C LEU L 67 52.70 23.41 -28.08
N HIS L 68 51.46 23.13 -28.50
CA HIS L 68 50.29 23.85 -28.03
C HIS L 68 49.80 23.23 -26.73
N LEU L 69 49.44 24.09 -25.78
CA LEU L 69 49.05 23.67 -24.44
C LEU L 69 47.56 23.86 -24.26
N VAL L 70 46.88 22.81 -23.79
CA VAL L 70 45.47 22.94 -23.41
C VAL L 70 45.25 22.07 -22.18
N LEU L 71 44.18 22.36 -21.45
CA LEU L 71 43.98 21.82 -20.12
C LEU L 71 42.70 20.99 -20.08
N ARG L 72 42.73 19.92 -19.29
CA ARG L 72 41.53 19.14 -19.02
C ARG L 72 41.39 18.98 -17.52
N LEU L 73 40.15 18.83 -17.07
CA LEU L 73 39.84 18.74 -15.65
C LEU L 73 40.28 17.38 -15.14
N ARG L 74 40.88 17.34 -13.96
CA ARG L 74 41.64 16.16 -13.57
C ARG L 74 40.74 14.99 -13.18
N GLY L 75 39.87 15.16 -12.19
CA GLY L 75 39.06 14.05 -11.72
C GLY L 75 39.88 12.99 -11.00
N CYS L 76 39.24 11.84 -10.82
CA CYS L 76 39.88 10.70 -10.16
C CYS L 76 39.23 9.38 -10.57
N MET M 1 -6.23 -72.83 -1.98
CA MET M 1 -5.88 -73.45 -0.71
C MET M 1 -6.28 -72.55 0.45
N GLN M 2 -5.88 -72.92 1.66
CA GLN M 2 -6.30 -72.21 2.86
C GLN M 2 -5.19 -71.32 3.37
N ILE M 3 -5.57 -70.19 3.99
CA ILE M 3 -4.62 -69.44 4.80
C ILE M 3 -5.24 -69.10 6.15
N PHE M 4 -4.37 -69.06 7.16
CA PHE M 4 -4.66 -68.51 8.47
C PHE M 4 -3.98 -67.15 8.61
N VAL M 5 -4.74 -66.17 9.11
CA VAL M 5 -4.20 -64.87 9.46
C VAL M 5 -4.37 -64.69 10.96
N LYS M 6 -3.26 -64.72 11.69
CA LYS M 6 -3.27 -64.52 13.14
C LYS M 6 -3.16 -63.04 13.43
N THR M 7 -4.00 -62.55 14.34
CA THR M 7 -3.85 -61.22 14.89
C THR M 7 -3.13 -61.31 16.23
N LEU M 8 -2.51 -60.20 16.63
CA LEU M 8 -1.68 -60.21 17.84
C LEU M 8 -2.53 -60.22 19.10
N THR M 9 -3.80 -59.82 19.01
CA THR M 9 -4.74 -59.91 20.11
C THR M 9 -5.37 -61.29 20.25
N GLY M 10 -4.90 -62.28 19.48
CA GLY M 10 -5.31 -63.64 19.69
C GLY M 10 -6.45 -64.13 18.83
N LYS M 11 -6.65 -63.55 17.65
CA LYS M 11 -7.71 -63.99 16.75
C LYS M 11 -7.12 -64.34 15.38
N THR M 12 -7.71 -65.33 14.73
CA THR M 12 -7.33 -65.75 13.38
C THR M 12 -8.54 -65.70 12.46
N ILE M 13 -8.28 -65.35 11.20
CA ILE M 13 -9.30 -65.40 10.14
C ILE M 13 -8.78 -66.33 9.04
N THR M 14 -9.64 -67.25 8.61
CA THR M 14 -9.32 -68.24 7.60
C THR M 14 -9.84 -67.78 6.25
N LEU M 15 -8.95 -67.75 5.25
CA LEU M 15 -9.29 -67.14 3.98
C LEU M 15 -8.90 -68.01 2.79
N GLU M 16 -9.57 -67.73 1.67
CA GLU M 16 -9.38 -68.35 0.37
C GLU M 16 -8.31 -67.58 -0.38
N VAL M 17 -7.22 -68.26 -0.77
CA VAL M 17 -6.05 -67.62 -1.33
C VAL M 17 -5.66 -68.35 -2.62
N GLU M 18 -4.82 -67.69 -3.42
CA GLU M 18 -3.95 -68.31 -4.39
C GLU M 18 -2.50 -67.96 -4.06
N PRO M 19 -1.59 -68.96 -4.03
CA PRO M 19 -0.17 -68.65 -3.75
C PRO M 19 0.50 -67.94 -4.92
N SER M 20 -0.10 -68.03 -6.10
CA SER M 20 0.43 -67.38 -7.28
C SER M 20 0.21 -65.88 -7.30
N ASP M 21 -0.85 -65.38 -6.66
CA ASP M 21 -1.06 -63.95 -6.57
C ASP M 21 -0.10 -63.33 -5.58
N THR M 22 0.13 -62.03 -5.71
CA THR M 22 1.02 -61.33 -4.79
C THR M 22 0.36 -61.18 -3.43
N ILE M 23 1.18 -60.90 -2.42
CA ILE M 23 0.65 -60.72 -1.07
C ILE M 23 0.06 -59.32 -0.92
N GLU M 24 0.39 -58.42 -1.86
CA GLU M 24 -0.30 -57.14 -1.92
C GLU M 24 -1.77 -57.31 -2.30
N ASN M 25 -2.07 -58.32 -3.12
CA ASN M 25 -3.46 -58.58 -3.49
C ASN M 25 -4.24 -59.17 -2.31
N VAL M 26 -3.60 -60.04 -1.52
CA VAL M 26 -4.34 -60.63 -0.41
C VAL M 26 -4.39 -59.67 0.77
N LYS M 27 -3.47 -58.69 0.82
CA LYS M 27 -3.60 -57.66 1.83
C LYS M 27 -4.61 -56.60 1.39
N ALA M 28 -4.81 -56.46 0.08
CA ALA M 28 -5.96 -55.69 -0.40
C ALA M 28 -7.26 -56.39 -0.02
N LYS M 29 -7.29 -57.72 -0.10
CA LYS M 29 -8.48 -58.45 0.36
C LYS M 29 -8.62 -58.37 1.88
N ILE M 30 -7.50 -58.24 2.59
CA ILE M 30 -7.55 -57.97 4.03
C ILE M 30 -8.17 -56.61 4.31
N GLN M 31 -7.85 -55.62 3.46
CA GLN M 31 -8.52 -54.32 3.54
C GLN M 31 -10.03 -54.43 3.26
N ASP M 32 -10.40 -55.21 2.24
CA ASP M 32 -11.82 -55.31 1.91
C ASP M 32 -12.59 -56.16 2.93
N LYS M 33 -11.91 -57.03 3.67
CA LYS M 33 -12.59 -57.93 4.57
C LYS M 33 -12.50 -57.52 6.04
N GLU M 34 -11.54 -56.67 6.41
CA GLU M 34 -11.41 -56.20 7.78
C GLU M 34 -11.24 -54.70 7.90
N GLY M 35 -10.71 -54.02 6.88
CA GLY M 35 -10.51 -52.59 6.96
C GLY M 35 -9.13 -52.14 7.34
N ILE M 36 -8.18 -53.06 7.49
CA ILE M 36 -6.82 -52.71 7.89
C ILE M 36 -6.14 -52.02 6.71
N PRO M 37 -5.49 -50.88 6.92
CA PRO M 37 -4.86 -50.14 5.80
C PRO M 37 -3.70 -50.90 5.20
N PRO M 38 -3.46 -50.72 3.91
CA PRO M 38 -2.28 -51.34 3.29
C PRO M 38 -0.96 -50.78 3.80
N ASP M 39 -0.90 -49.49 4.12
CA ASP M 39 0.35 -48.90 4.60
C ASP M 39 0.67 -49.34 6.01
N GLN M 40 -0.34 -49.67 6.80
CA GLN M 40 -0.20 -49.82 8.24
C GLN M 40 0.10 -51.26 8.66
N GLN M 41 -0.29 -52.26 7.86
CA GLN M 41 -0.12 -53.65 8.24
C GLN M 41 1.26 -54.16 7.84
N ARG M 42 1.76 -55.17 8.56
CA ARG M 42 2.91 -55.95 8.14
C ARG M 42 2.79 -57.38 8.68
N LEU M 43 3.02 -58.35 7.81
CA LEU M 43 2.77 -59.75 8.10
C LEU M 43 4.09 -60.51 8.09
N ILE M 44 4.35 -61.23 9.17
CA ILE M 44 5.62 -61.91 9.39
C ILE M 44 5.35 -63.38 9.68
N PHE M 45 6.27 -64.25 9.28
CA PHE M 45 6.18 -65.67 9.56
C PHE M 45 7.59 -66.20 9.73
N ALA M 46 7.94 -66.53 10.98
CA ALA M 46 9.24 -67.09 11.37
C ALA M 46 10.41 -66.18 10.96
N GLY M 47 10.35 -64.92 11.40
CA GLY M 47 11.44 -63.99 11.14
C GLY M 47 11.54 -63.52 9.72
N LYS M 48 10.47 -63.65 8.93
CA LYS M 48 10.46 -63.29 7.52
C LYS M 48 9.51 -62.12 7.32
N GLN M 49 10.06 -60.92 7.16
CA GLN M 49 9.25 -59.73 6.97
C GLN M 49 8.94 -59.58 5.48
N LEU M 50 7.65 -59.65 5.16
CA LEU M 50 7.22 -59.85 3.78
C LEU M 50 7.36 -58.57 2.97
N GLU M 51 7.39 -58.74 1.65
CA GLU M 51 7.38 -57.63 0.70
C GLU M 51 6.19 -57.78 -0.23
N ASP M 52 5.63 -56.65 -0.64
CA ASP M 52 4.33 -56.66 -1.33
C ASP M 52 4.45 -57.17 -2.75
N GLY M 53 5.58 -56.90 -3.42
CA GLY M 53 5.77 -57.35 -4.78
C GLY M 53 5.97 -58.85 -4.92
N ARG M 54 6.29 -59.54 -3.84
CA ARG M 54 6.47 -60.97 -3.84
C ARG M 54 5.15 -61.68 -3.52
N THR M 55 5.09 -62.94 -3.91
CA THR M 55 3.88 -63.77 -3.74
C THR M 55 3.98 -64.58 -2.47
N LEU M 56 2.99 -65.45 -2.25
CA LEU M 56 2.99 -66.28 -1.06
C LEU M 56 3.96 -67.45 -1.20
N SER M 57 4.07 -68.01 -2.40
CA SER M 57 4.95 -69.16 -2.60
C SER M 57 6.42 -68.76 -2.69
N ASP M 58 6.69 -67.47 -2.92
CA ASP M 58 8.08 -67.03 -3.08
C ASP M 58 8.83 -67.04 -1.77
N TYR M 59 8.11 -66.96 -0.65
CA TYR M 59 8.74 -67.05 0.66
C TYR M 59 8.47 -68.40 1.33
N ASN M 60 7.87 -69.33 0.59
CA ASN M 60 7.69 -70.74 0.99
C ASN M 60 6.86 -70.89 2.27
N ILE M 61 5.63 -70.39 2.24
CA ILE M 61 4.64 -70.67 3.26
C ILE M 61 3.52 -71.49 2.64
N GLN M 62 3.23 -72.64 3.24
CA GLN M 62 2.44 -73.68 2.60
C GLN M 62 0.96 -73.58 2.97
N LYS M 63 0.22 -74.62 2.56
CA LYS M 63 -1.20 -74.71 2.85
C LYS M 63 -1.44 -74.93 4.34
N GLU M 64 -2.55 -74.37 4.83
CA GLU M 64 -3.01 -74.44 6.22
C GLU M 64 -1.98 -73.85 7.19
N SER M 65 -1.20 -72.89 6.73
CA SER M 65 -0.20 -72.25 7.55
C SER M 65 -0.63 -70.83 7.90
N THR M 66 0.02 -70.27 8.92
CA THR M 66 -0.41 -69.03 9.55
C THR M 66 0.58 -67.91 9.30
N LEU M 67 0.08 -66.73 8.94
CA LEU M 67 0.88 -65.51 8.95
C LEU M 67 0.49 -64.63 10.13
N HIS M 68 1.50 -64.17 10.86
CA HIS M 68 1.32 -63.33 12.03
C HIS M 68 1.18 -61.88 11.60
N LEU M 69 0.24 -61.17 12.22
CA LEU M 69 -0.10 -59.80 11.86
C LEU M 69 0.38 -58.85 12.93
N VAL M 70 1.11 -57.81 12.53
CA VAL M 70 1.47 -56.75 13.46
C VAL M 70 1.41 -55.42 12.69
N LEU M 71 1.29 -54.33 13.43
CA LEU M 71 0.96 -53.04 12.86
C LEU M 71 2.09 -52.05 13.11
N ARG M 72 2.29 -51.15 12.14
CA ARG M 72 3.22 -50.04 12.32
C ARG M 72 2.49 -48.76 11.94
N LEU M 73 2.93 -47.66 12.54
CA LEU M 73 2.29 -46.36 12.35
C LEU M 73 2.67 -45.85 10.96
N ARG M 74 1.70 -45.28 10.25
CA ARG M 74 1.87 -45.10 8.81
C ARG M 74 2.83 -43.95 8.48
N GLY M 75 2.55 -42.73 8.94
CA GLY M 75 3.39 -41.61 8.59
C GLY M 75 3.25 -41.22 7.12
N CYS M 76 4.20 -40.39 6.67
CA CYS M 76 4.25 -39.95 5.28
C CYS M 76 5.65 -39.52 4.88
N SAH N . -26.32 0.14 -18.90
CA SAH N . -26.65 0.40 -17.50
CB SAH N . -25.38 0.36 -16.70
CG SAH N . -24.77 -1.04 -16.79
SD SAH N . -23.86 -1.49 -15.30
C SAH N . -27.39 1.72 -17.28
O SAH N . -28.01 1.95 -16.25
OXT SAH N . -27.42 2.61 -18.14
C5' SAH N . -22.71 -2.47 -16.30
C4' SAH N . -23.36 -3.60 -17.10
O4' SAH N . -22.47 -4.01 -18.10
C3' SAH N . -23.62 -4.84 -16.27
O3' SAH N . -24.90 -5.01 -15.69
C2' SAH N . -23.18 -6.04 -17.08
O2' SAH N . -24.32 -6.79 -17.42
C1' SAH N . -22.63 -5.41 -18.33
N9 SAH N . -21.42 -6.06 -18.87
C8 SAH N . -20.07 -5.81 -18.61
N7 SAH N . -19.39 -6.70 -19.41
C5 SAH N . -20.26 -7.46 -20.14
C6 SAH N . -20.13 -8.48 -21.10
N6 SAH N . -18.94 -8.94 -21.52
N1 SAH N . -21.28 -9.03 -21.62
C2 SAH N . -22.53 -8.59 -21.28
N3 SAH N . -22.66 -7.59 -20.34
C4 SAH N . -21.54 -7.04 -19.80
#